data_8I3I
#
_entry.id   8I3I
#
_cell.length_a   1.00
_cell.length_b   1.00
_cell.length_c   1.00
_cell.angle_alpha   90.00
_cell.angle_beta   90.00
_cell.angle_gamma   90.00
#
_symmetry.space_group_name_H-M   'P 1'
#
loop_
_entity.id
_entity.type
_entity.pdbx_description
1 polymer 'Acyl-acyl carrier protein synthetase'
2 non-polymer 'MAGNESIUM ION'
3 non-polymer 'PHOSPHOAMINOPHOSPHONIC ACID-ADENYLATE ESTER'
#
_entity_poly.entity_id   1
_entity_poly.type   'polypeptide(L)'
_entity_poly.pdbx_seq_one_letter_code
;MNQYVNDPSNYQLLIKNLLFSPVAFNPEQEIVYANHRRHSYKTFHDRVRQFANALTKMGVKKGDTVAVMDYDSHRYLECY
FAIPMIGAKLHMINVRLSPEQILYTIDHAEDDIILIHEEFLPILDQIKGRIDTVTRYVVLRDDEECEYERLLEQESTEYN
FPDFDENTVATTFYTTGTTGFPKGVFFTHRQLVLHTMGILSTIGTNASQGRLHQGDIYMPITPMFHVHAWGLPYMATMLG
VKQVYPGKYVPDVLLNLIEQEKVTFSHCVPTILHLLLSSPKSKAMDFSGWKVVIGGAALPKALCKSALERDIDVFAGYGM
SETGPILSIVQLTPEQLELDVDQQAEYRSKTGKKVALVEAYIVDEDMNKLPHDGETAGEIVVRAPWLTPNYYKDNKNSKA
LWRGGYLHTGDVAHIDDEGFIKITDRVKDMIKISGEWVSSLELEDILHQHQSVSEVAVIGMPHNKWGEVPLALVTLKEDA
QVTEKELLGFAKDFINKGILAREALLLKVKIVDEIAKTSVGKVDKKELRKLHL
;
_entity_poly.pdbx_strand_id   A,D,B,C
#
loop_
_chem_comp.id
_chem_comp.type
_chem_comp.name
_chem_comp.formula
ANP non-polymer 'PHOSPHOAMINOPHOSPHONIC ACID-ADENYLATE ESTER' 'C10 H17 N6 O12 P3'
MG non-polymer 'MAGNESIUM ION' 'Mg 2'
#
# COMPACT_ATOMS: atom_id res chain seq x y z
N TYR A 4 -14.40 8.67 -4.78
CA TYR A 4 -13.54 7.82 -3.97
C TYR A 4 -13.79 8.01 -2.49
N VAL A 5 -13.93 6.90 -1.77
CA VAL A 5 -14.18 6.93 -0.33
C VAL A 5 -13.02 6.25 0.38
N ASN A 6 -12.48 6.90 1.40
CA ASN A 6 -11.45 6.34 2.26
C ASN A 6 -11.98 6.22 3.67
N ASP A 7 -11.57 5.18 4.37
CA ASP A 7 -11.96 5.04 5.77
C ASP A 7 -11.28 6.09 6.63
N PRO A 8 -12.00 6.71 7.58
CA PRO A 8 -11.39 7.78 8.38
C PRO A 8 -10.31 7.29 9.34
N SER A 9 -10.28 6.00 9.67
CA SER A 9 -9.31 5.50 10.64
C SER A 9 -7.89 5.63 10.10
N ASN A 10 -7.71 5.42 8.79
CA ASN A 10 -6.39 5.50 8.18
C ASN A 10 -5.89 6.94 8.23
N TYR A 11 -4.77 7.16 8.92
CA TYR A 11 -4.21 8.48 9.10
C TYR A 11 -3.03 8.67 8.17
N GLN A 12 -2.99 9.84 7.51
CA GLN A 12 -1.92 10.19 6.59
C GLN A 12 -1.11 11.34 7.16
N LEU A 13 0.21 11.20 7.14
CA LEU A 13 1.10 12.25 7.60
C LEU A 13 1.22 13.32 6.53
N LEU A 14 0.65 14.49 6.79
CA LEU A 14 0.61 15.57 5.81
C LEU A 14 1.07 16.87 6.45
N ILE A 15 1.53 17.79 5.60
CA ILE A 15 2.00 19.09 6.08
C ILE A 15 0.86 19.92 6.64
N LYS A 16 -0.36 19.73 6.13
CA LYS A 16 -1.51 20.43 6.69
C LYS A 16 -1.74 20.07 8.14
N ASN A 17 -1.37 18.84 8.53
CA ASN A 17 -1.42 18.48 9.95
C ASN A 17 -0.30 19.17 10.73
N LEU A 18 0.82 19.44 10.06
CA LEU A 18 1.90 20.19 10.71
C LEU A 18 1.46 21.61 11.01
N LEU A 19 0.67 22.22 10.12
CA LEU A 19 0.24 23.59 10.34
C LEU A 19 -0.96 23.67 11.28
N PHE A 20 -1.96 22.82 11.07
CA PHE A 20 -3.23 22.94 11.77
C PHE A 20 -3.28 22.17 13.09
N SER A 21 -2.26 21.36 13.39
CA SER A 21 -2.18 20.62 14.65
C SER A 21 -0.80 20.81 15.24
N PRO A 22 -0.46 22.02 15.67
CA PRO A 22 0.89 22.30 16.15
C PRO A 22 1.08 21.78 17.58
N VAL A 23 2.34 21.84 18.02
CA VAL A 23 2.62 21.63 19.44
C VAL A 23 1.96 22.71 20.27
N ALA A 24 2.07 23.97 19.83
CA ALA A 24 1.43 25.09 20.49
C ALA A 24 1.05 26.11 19.43
N PHE A 25 -0.19 26.61 19.49
CA PHE A 25 -0.66 27.64 18.60
C PHE A 25 -1.00 28.89 19.41
N ASN A 26 -0.40 30.02 19.03
CA ASN A 26 -0.66 31.30 19.68
C ASN A 26 -1.19 32.28 18.65
N PRO A 27 -2.46 32.66 18.71
CA PRO A 27 -3.02 33.53 17.66
C PRO A 27 -2.35 34.88 17.54
N GLU A 28 -1.80 35.40 18.61
CA GLU A 28 -1.23 36.71 18.60
C GLU A 28 0.25 36.73 18.52
N GLN A 29 0.89 35.61 18.28
CA GLN A 29 2.32 35.57 18.02
C GLN A 29 2.62 36.20 16.66
N GLU A 30 3.81 36.80 16.56
CA GLU A 30 4.16 37.65 15.43
C GLU A 30 5.04 36.92 14.42
N ILE A 31 4.72 37.09 13.14
CA ILE A 31 5.63 36.82 12.03
C ILE A 31 6.12 38.18 11.53
N VAL A 32 7.44 38.36 11.48
CA VAL A 32 8.08 39.63 11.20
C VAL A 32 8.96 39.48 9.98
N TYR A 33 8.78 40.38 9.01
CA TYR A 33 9.66 40.52 7.86
C TYR A 33 10.36 41.87 8.01
N ALA A 34 11.69 41.83 8.06
CA ALA A 34 12.52 42.88 8.65
C ALA A 34 12.14 44.26 8.17
N ASN A 35 11.64 45.07 9.11
CA ASN A 35 11.29 46.48 8.90
C ASN A 35 10.26 46.67 7.80
N HIS A 36 9.65 45.58 7.31
CA HIS A 36 8.70 45.65 6.20
C HIS A 36 7.30 45.30 6.62
N ARG A 37 7.09 44.16 7.28
CA ARG A 37 5.74 43.65 7.48
C ARG A 37 5.66 42.82 8.75
N ARG A 38 4.83 43.24 9.68
CA ARG A 38 4.51 42.45 10.87
C ARG A 38 3.06 42.01 10.81
N HIS A 39 2.81 40.71 10.99
CA HIS A 39 1.45 40.25 11.19
C HIS A 39 1.45 39.12 12.20
N SER A 40 0.29 38.53 12.44
CA SER A 40 0.11 37.52 13.46
C SER A 40 -0.09 36.15 12.83
N TYR A 41 -0.14 35.12 13.68
CA TYR A 41 -0.40 33.77 13.18
C TYR A 41 -1.82 33.63 12.65
N LYS A 42 -2.75 34.40 13.21
CA LYS A 42 -4.16 34.35 12.83
C LYS A 42 -4.31 35.08 11.50
N THR A 43 -3.26 35.78 11.10
CA THR A 43 -3.22 36.43 9.80
C THR A 43 -2.44 35.54 8.84
N PHE A 44 -1.45 34.82 9.38
CA PHE A 44 -0.67 33.87 8.60
C PHE A 44 -1.53 32.73 8.05
N HIS A 45 -2.44 32.19 8.87
CA HIS A 45 -3.31 31.13 8.40
C HIS A 45 -4.27 31.60 7.31
N ASP A 46 -4.87 32.79 7.52
CA ASP A 46 -5.75 33.35 6.49
C ASP A 46 -4.98 33.63 5.21
N ARG A 47 -3.74 34.08 5.34
CA ARG A 47 -2.91 34.33 4.18
C ARG A 47 -2.61 33.06 3.42
N VAL A 48 -2.34 31.96 4.15
CA VAL A 48 -2.10 30.68 3.49
C VAL A 48 -3.34 30.22 2.73
N ARG A 49 -4.52 30.38 3.33
CA ARG A 49 -5.74 29.99 2.65
C ARG A 49 -6.00 30.86 1.41
N GLN A 50 -5.72 32.15 1.52
CA GLN A 50 -5.86 33.04 0.37
C GLN A 50 -4.92 32.64 -0.75
N PHE A 51 -3.68 32.29 -0.41
CA PHE A 51 -2.74 31.84 -1.43
C PHE A 51 -3.18 30.54 -2.07
N ALA A 52 -3.77 29.64 -1.29
CA ALA A 52 -4.31 28.41 -1.85
C ALA A 52 -5.45 28.70 -2.84
N ASN A 53 -6.34 29.63 -2.47
CA ASN A 53 -7.40 30.02 -3.38
C ASN A 53 -6.85 30.62 -4.66
N ALA A 54 -5.83 31.48 -4.54
CA ALA A 54 -5.24 32.12 -5.71
C ALA A 54 -4.56 31.10 -6.61
N LEU A 55 -3.86 30.13 -6.02
CA LEU A 55 -3.22 29.09 -6.82
C LEU A 55 -4.25 28.22 -7.53
N THR A 56 -5.34 27.87 -6.85
CA THR A 56 -6.38 27.10 -7.50
C THR A 56 -7.02 27.87 -8.64
N LYS A 57 -7.23 29.17 -8.45
CA LYS A 57 -7.77 30.01 -9.52
C LYS A 57 -6.84 30.08 -10.71
N MET A 58 -5.52 29.97 -10.47
CA MET A 58 -4.52 30.09 -11.51
C MET A 58 -4.37 28.83 -12.35
N GLY A 59 -5.03 27.73 -11.98
CA GLY A 59 -4.93 26.49 -12.72
C GLY A 59 -3.96 25.48 -12.16
N VAL A 60 -3.36 25.75 -11.00
CA VAL A 60 -2.44 24.78 -10.39
C VAL A 60 -3.22 23.59 -9.87
N LYS A 61 -2.72 22.40 -10.13
CA LYS A 61 -3.40 21.16 -9.78
C LYS A 61 -2.47 20.27 -8.95
N LYS A 62 -2.88 19.02 -8.76
CA LYS A 62 -2.15 18.11 -7.88
C LYS A 62 -0.81 17.68 -8.45
N GLY A 63 -0.55 17.91 -9.73
CA GLY A 63 0.72 17.49 -10.30
C GLY A 63 1.59 18.63 -10.77
N ASP A 64 1.08 19.86 -10.70
CA ASP A 64 1.79 20.99 -11.26
C ASP A 64 2.98 21.37 -10.39
N THR A 65 3.86 22.21 -10.96
CA THR A 65 5.08 22.62 -10.29
C THR A 65 5.15 24.14 -10.23
N VAL A 66 5.44 24.65 -9.04
CA VAL A 66 5.62 26.07 -8.80
C VAL A 66 7.04 26.29 -8.31
N ALA A 67 7.78 27.14 -9.00
CA ALA A 67 9.14 27.48 -8.63
C ALA A 67 9.15 28.85 -7.95
N VAL A 68 10.02 29.00 -6.95
CA VAL A 68 10.13 30.23 -6.20
C VAL A 68 11.57 30.70 -6.25
N MET A 69 11.77 32.01 -6.44
CA MET A 69 13.11 32.60 -6.55
C MET A 69 13.06 33.96 -5.85
N ASP A 70 13.26 33.92 -4.53
CA ASP A 70 13.30 35.14 -3.71
C ASP A 70 14.14 34.96 -2.46
N TYR A 71 14.18 35.97 -1.60
CA TYR A 71 14.94 35.91 -0.36
C TYR A 71 14.12 35.39 0.80
N ASP A 72 14.66 35.43 2.01
CA ASP A 72 13.96 34.98 3.20
C ASP A 72 12.92 35.99 3.57
N SER A 73 11.67 35.61 3.56
CA SER A 73 10.57 36.54 3.82
C SER A 73 9.36 35.73 4.27
N HIS A 74 8.29 36.44 4.62
CA HIS A 74 7.03 35.78 4.96
C HIS A 74 6.47 35.04 3.75
N ARG A 75 6.69 35.59 2.55
CA ARG A 75 6.17 34.96 1.34
C ARG A 75 6.75 33.57 1.14
N TYR A 76 8.04 33.39 1.46
CA TYR A 76 8.66 32.08 1.28
C TYR A 76 8.08 31.05 2.23
N LEU A 77 7.82 31.43 3.48
CA LEU A 77 7.15 30.53 4.41
C LEU A 77 5.73 30.20 3.95
N GLU A 78 5.01 31.21 3.46
CA GLU A 78 3.67 30.97 2.93
C GLU A 78 3.71 29.99 1.77
N CYS A 79 4.70 30.12 0.89
CA CYS A 79 4.85 29.16 -0.21
C CYS A 79 5.14 27.76 0.33
N TYR A 80 6.11 27.67 1.23
CA TYR A 80 6.52 26.43 1.89
C TYR A 80 5.31 25.66 2.39
N PHE A 81 4.34 26.38 2.96
CA PHE A 81 3.19 25.70 3.51
C PHE A 81 2.04 25.53 2.53
N ALA A 82 1.80 26.49 1.64
CA ALA A 82 0.60 26.47 0.83
C ALA A 82 0.74 25.59 -0.41
N ILE A 83 1.91 25.62 -1.07
CA ILE A 83 2.05 24.86 -2.31
C ILE A 83 1.95 23.35 -2.08
N PRO A 84 2.65 22.75 -1.10
CA PRO A 84 2.44 21.32 -0.86
C PRO A 84 1.04 20.97 -0.41
N MET A 85 0.35 21.84 0.32
CA MET A 85 -0.98 21.51 0.81
C MET A 85 -1.98 21.32 -0.32
N ILE A 86 -1.87 22.14 -1.37
CA ILE A 86 -2.69 21.95 -2.57
C ILE A 86 -2.44 20.61 -3.22
N GLY A 87 -1.24 20.04 -3.02
CA GLY A 87 -0.84 18.85 -3.71
C GLY A 87 0.21 19.08 -4.77
N ALA A 88 0.52 20.34 -5.09
CA ALA A 88 1.54 20.64 -6.07
C ALA A 88 2.93 20.39 -5.49
N LYS A 89 3.95 20.62 -6.30
CA LYS A 89 5.33 20.40 -5.91
C LYS A 89 6.06 21.74 -5.91
N LEU A 90 6.82 21.97 -4.84
CA LEU A 90 7.52 23.23 -4.64
C LEU A 90 8.97 23.05 -5.09
N HIS A 91 9.35 23.72 -6.16
CA HIS A 91 10.72 23.70 -6.65
C HIS A 91 11.46 24.91 -6.11
N MET A 92 12.54 24.67 -5.37
CA MET A 92 13.34 25.74 -4.80
C MET A 92 14.53 26.01 -5.71
N ILE A 93 14.64 27.25 -6.18
CA ILE A 93 15.67 27.64 -7.14
C ILE A 93 16.81 28.31 -6.39
N ASN A 94 18.03 27.79 -6.59
CA ASN A 94 19.22 28.37 -6.00
C ASN A 94 19.63 29.59 -6.82
N VAL A 95 19.45 30.78 -6.25
CA VAL A 95 19.67 32.01 -6.99
C VAL A 95 21.16 32.32 -7.15
N ARG A 96 22.03 31.62 -6.44
CA ARG A 96 23.46 31.87 -6.53
C ARG A 96 24.13 31.09 -7.65
N LEU A 97 23.41 30.18 -8.30
CA LEU A 97 23.96 29.49 -9.45
C LEU A 97 24.07 30.43 -10.64
N SER A 98 24.91 30.06 -11.60
CA SER A 98 25.02 30.84 -12.82
C SER A 98 23.72 30.74 -13.62
N PRO A 99 23.39 31.76 -14.41
CA PRO A 99 22.10 31.73 -15.14
C PRO A 99 21.96 30.52 -16.06
N GLU A 100 23.05 30.01 -16.64
CA GLU A 100 22.95 28.81 -17.45
C GLU A 100 22.55 27.60 -16.60
N GLN A 101 23.13 27.47 -15.40
CA GLN A 101 22.75 26.38 -14.51
C GLN A 101 21.30 26.52 -14.05
N ILE A 102 20.85 27.75 -13.80
CA ILE A 102 19.45 27.98 -13.44
C ILE A 102 18.54 27.57 -14.59
N LEU A 103 18.91 27.92 -15.82
CA LEU A 103 18.15 27.48 -16.99
C LEU A 103 18.09 25.97 -17.07
N TYR A 104 19.23 25.31 -16.85
CA TYR A 104 19.25 23.85 -16.89
C TYR A 104 18.29 23.25 -15.85
N THR A 105 18.33 23.77 -14.62
CA THR A 105 17.46 23.23 -13.58
C THR A 105 15.99 23.50 -13.89
N ILE A 106 15.69 24.68 -14.44
CA ILE A 106 14.30 25.03 -14.75
C ILE A 106 13.76 24.12 -15.85
N ASP A 107 14.56 23.89 -16.90
CA ASP A 107 14.15 22.98 -17.96
C ASP A 107 14.02 21.55 -17.45
N HIS A 108 14.94 21.13 -16.57
CA HIS A 108 14.89 19.77 -16.04
C HIS A 108 13.66 19.53 -15.20
N ALA A 109 13.30 20.49 -14.34
CA ALA A 109 12.15 20.33 -13.46
C ALA A 109 10.82 20.56 -14.17
N GLU A 110 10.80 21.33 -15.26
CA GLU A 110 9.60 21.63 -16.02
C GLU A 110 8.55 22.32 -15.13
N ASP A 111 8.92 23.50 -14.65
CA ASP A 111 8.04 24.26 -13.77
C ASP A 111 6.87 24.84 -14.55
N ASP A 112 5.70 24.87 -13.90
CA ASP A 112 4.49 25.44 -14.49
C ASP A 112 4.32 26.91 -14.17
N ILE A 113 4.54 27.31 -12.91
CA ILE A 113 4.41 28.71 -12.50
C ILE A 113 5.73 29.14 -11.88
N ILE A 114 6.12 30.39 -12.09
CA ILE A 114 7.34 30.92 -11.50
C ILE A 114 7.03 32.19 -10.72
N LEU A 115 7.36 32.19 -9.44
CA LEU A 115 7.31 33.39 -8.60
C LEU A 115 8.73 33.88 -8.42
N ILE A 116 8.99 35.12 -8.84
CA ILE A 116 10.35 35.65 -8.88
C ILE A 116 10.36 37.03 -8.27
N HIS A 117 11.37 37.32 -7.47
CA HIS A 117 11.52 38.66 -6.93
C HIS A 117 11.89 39.64 -8.03
N GLU A 118 11.81 40.93 -7.70
CA GLU A 118 12.07 41.97 -8.67
C GLU A 118 13.57 42.24 -8.75
N GLU A 119 14.34 41.48 -7.99
CA GLU A 119 15.78 41.66 -7.94
C GLU A 119 16.48 40.71 -8.89
N PHE A 120 15.85 39.56 -9.16
CA PHE A 120 16.39 38.56 -10.06
C PHE A 120 15.83 38.71 -11.46
N LEU A 121 15.07 39.79 -11.69
CA LEU A 121 14.53 40.04 -13.02
C LEU A 121 15.61 40.16 -14.09
N PRO A 122 16.74 40.86 -13.88
CA PRO A 122 17.79 40.85 -14.91
C PRO A 122 18.32 39.46 -15.25
N ILE A 123 18.41 38.57 -14.26
CA ILE A 123 18.81 37.20 -14.53
C ILE A 123 17.77 36.51 -15.41
N LEU A 124 16.50 36.71 -15.10
CA LEU A 124 15.44 36.10 -15.90
C LEU A 124 15.42 36.66 -17.32
N ASP A 125 15.89 37.90 -17.49
CA ASP A 125 15.92 38.49 -18.83
C ASP A 125 16.86 37.71 -19.74
N GLN A 126 18.02 37.32 -19.22
CA GLN A 126 18.93 36.49 -20.00
C GLN A 126 18.36 35.10 -20.24
N ILE A 127 17.65 34.54 -19.27
CA ILE A 127 17.08 33.21 -19.39
C ILE A 127 15.56 33.37 -19.48
N LYS A 128 15.07 33.85 -20.62
CA LYS A 128 13.62 33.94 -20.78
C LYS A 128 13.19 33.37 -22.13
N GLY A 129 14.00 33.60 -23.16
CA GLY A 129 13.71 33.06 -24.48
C GLY A 129 13.78 31.55 -24.54
N ARG A 130 14.71 30.98 -23.78
CA ARG A 130 15.02 29.56 -23.83
C ARG A 130 14.22 28.75 -22.83
N ILE A 131 13.33 29.38 -22.08
CA ILE A 131 12.45 28.69 -21.14
C ILE A 131 11.16 28.33 -21.86
N ASP A 132 10.67 27.10 -21.73
CA ASP A 132 9.48 26.68 -22.48
C ASP A 132 8.20 26.40 -21.71
N THR A 133 8.27 25.72 -20.57
CA THR A 133 7.08 25.32 -19.81
C THR A 133 6.35 26.32 -18.93
N VAL A 134 6.87 27.52 -18.76
CA VAL A 134 6.24 28.43 -17.82
C VAL A 134 5.13 29.28 -18.38
N THR A 135 3.93 29.13 -17.82
CA THR A 135 2.79 29.89 -18.30
C THR A 135 2.57 31.19 -17.55
N ARG A 136 3.28 31.44 -16.44
CA ARG A 136 3.07 32.66 -15.69
C ARG A 136 4.27 32.97 -14.81
N TYR A 137 4.63 34.25 -14.79
CA TYR A 137 5.61 34.81 -13.87
C TYR A 137 4.91 35.80 -12.96
N VAL A 138 5.13 35.66 -11.65
CA VAL A 138 4.57 36.54 -10.64
C VAL A 138 5.73 37.28 -9.99
N VAL A 139 5.74 38.61 -10.13
CA VAL A 139 6.85 39.43 -9.66
C VAL A 139 6.56 39.85 -8.23
N LEU A 140 7.51 39.57 -7.33
CA LEU A 140 7.40 39.89 -5.92
C LEU A 140 8.16 41.18 -5.63
N ARG A 141 7.60 42.01 -4.77
CA ARG A 141 8.17 43.30 -4.42
C ARG A 141 8.02 43.53 -2.93
N ASP A 142 8.83 44.45 -2.42
CA ASP A 142 8.79 44.80 -1.00
C ASP A 142 7.87 45.97 -0.69
N ASP A 143 7.15 46.48 -1.69
CA ASP A 143 6.19 47.55 -1.51
C ASP A 143 4.78 47.03 -1.82
N GLU A 144 3.81 47.95 -1.83
CA GLU A 144 2.43 47.59 -2.14
C GLU A 144 2.23 47.20 -3.60
N GLU A 145 3.20 47.50 -4.46
CA GLU A 145 3.12 47.16 -5.88
C GLU A 145 3.41 45.70 -6.16
N CYS A 146 3.54 44.87 -5.13
CA CYS A 146 3.80 43.45 -5.31
C CYS A 146 2.62 42.78 -5.99
N GLU A 147 2.92 41.91 -6.97
CA GLU A 147 1.86 41.17 -7.64
C GLU A 147 1.35 40.04 -6.75
N TYR A 148 2.20 39.54 -5.85
CA TYR A 148 1.77 38.52 -4.90
C TYR A 148 0.68 39.04 -3.97
N GLU A 149 0.87 40.25 -3.45
CA GLU A 149 -0.15 40.85 -2.60
C GLU A 149 -1.43 41.15 -3.37
N ARG A 150 -1.29 41.62 -4.61
CA ARG A 150 -2.46 41.88 -5.44
C ARG A 150 -3.24 40.60 -5.71
N LEU A 151 -2.54 39.50 -5.95
CA LEU A 151 -3.20 38.21 -6.16
C LEU A 151 -3.79 37.65 -4.88
N LEU A 152 -3.21 37.96 -3.72
CA LEU A 152 -3.76 37.44 -2.46
C LEU A 152 -5.00 38.22 -2.04
N GLU A 153 -5.03 39.52 -2.30
CA GLU A 153 -6.10 40.33 -1.75
C GLU A 153 -7.45 40.16 -2.46
N GLN A 154 -7.50 39.40 -3.55
CA GLN A 154 -8.76 39.20 -4.25
C GLN A 154 -9.54 38.00 -3.74
N GLU A 155 -8.91 37.08 -3.01
CA GLU A 155 -9.54 35.85 -2.60
C GLU A 155 -9.98 35.90 -1.14
N SER A 156 -10.83 34.95 -0.77
CA SER A 156 -11.35 34.82 0.58
C SER A 156 -10.41 33.98 1.43
N THR A 157 -10.57 34.10 2.74
CA THR A 157 -9.73 33.41 3.71
C THR A 157 -10.32 32.07 4.13
N GLU A 158 -11.14 31.44 3.28
CA GLU A 158 -11.73 30.15 3.57
C GLU A 158 -11.31 29.16 2.49
N TYR A 159 -10.79 28.01 2.93
CA TYR A 159 -10.35 26.98 2.01
C TYR A 159 -10.36 25.64 2.73
N ASN A 160 -10.79 24.59 2.03
CA ASN A 160 -10.80 23.24 2.57
C ASN A 160 -9.67 22.47 1.91
N PHE A 161 -8.62 22.19 2.67
CA PHE A 161 -7.44 21.55 2.12
C PHE A 161 -7.68 20.05 1.96
N PRO A 162 -7.45 19.48 0.79
CA PRO A 162 -7.71 18.05 0.60
C PRO A 162 -6.64 17.19 1.26
N ASP A 163 -7.02 15.97 1.59
CA ASP A 163 -6.06 14.97 2.00
C ASP A 163 -5.83 13.99 0.85
N PHE A 164 -4.66 13.36 0.87
CA PHE A 164 -4.26 12.44 -0.17
C PHE A 164 -3.23 11.48 0.40
N ASP A 165 -2.59 10.71 -0.47
CA ASP A 165 -1.57 9.78 -0.03
C ASP A 165 -0.37 10.52 0.53
N GLU A 166 0.20 9.98 1.61
CA GLU A 166 1.31 10.63 2.28
C GLU A 166 2.64 10.48 1.55
N ASN A 167 2.67 9.73 0.45
CA ASN A 167 3.87 9.53 -0.34
C ASN A 167 3.92 10.43 -1.57
N THR A 168 3.03 11.42 -1.65
CA THR A 168 3.07 12.38 -2.75
C THR A 168 4.21 13.36 -2.54
N VAL A 169 4.94 13.67 -3.62
CA VAL A 169 6.10 14.53 -3.54
C VAL A 169 5.66 15.95 -3.19
N ALA A 170 6.38 16.58 -2.26
CA ALA A 170 6.07 17.92 -1.78
C ALA A 170 7.08 18.95 -2.23
N THR A 171 8.38 18.69 -2.08
CA THR A 171 9.41 19.65 -2.38
C THR A 171 10.51 19.03 -3.23
N THR A 172 11.21 19.89 -3.96
CA THR A 172 12.35 19.46 -4.77
C THR A 172 13.32 20.61 -4.93
N PHE A 173 14.60 20.28 -5.05
CA PHE A 173 15.65 21.25 -5.31
C PHE A 173 16.85 20.52 -5.85
N TYR A 174 17.87 21.28 -6.22
CA TYR A 174 19.06 20.75 -6.87
C TYR A 174 20.30 21.02 -6.02
N THR A 175 21.27 20.12 -6.12
CA THR A 175 22.51 20.26 -5.37
C THR A 175 23.37 21.38 -5.93
N THR A 176 24.40 21.76 -5.18
CA THR A 176 25.25 22.87 -5.57
C THR A 176 26.00 22.57 -6.87
N GLY A 177 26.50 21.35 -7.00
CA GLY A 177 27.16 20.94 -8.24
C GLY A 177 28.65 21.17 -8.27
N THR A 178 29.31 20.97 -7.13
CA THR A 178 30.77 21.10 -7.10
C THR A 178 31.43 19.97 -7.88
N THR A 179 30.76 18.83 -7.98
CA THR A 179 31.35 17.68 -8.67
C THR A 179 30.68 17.39 -10.01
N GLY A 180 29.57 18.00 -10.31
CA GLY A 180 29.04 17.76 -11.62
C GLY A 180 28.05 18.78 -12.00
N PHE A 181 26.95 18.31 -12.53
CA PHE A 181 25.90 19.20 -12.85
C PHE A 181 25.06 19.05 -11.62
N PRO A 182 24.18 20.01 -11.35
CA PRO A 182 23.31 19.78 -10.21
C PRO A 182 22.44 18.53 -10.24
N LYS A 183 22.13 17.95 -9.07
CA LYS A 183 21.34 16.72 -9.01
C LYS A 183 20.03 17.02 -8.30
N GLY A 184 18.93 16.59 -8.91
CA GLY A 184 17.61 16.86 -8.35
C GLY A 184 17.25 15.87 -7.27
N VAL A 185 16.84 16.39 -6.11
CA VAL A 185 16.43 15.58 -4.97
C VAL A 185 15.03 16.02 -4.55
N PHE A 186 14.21 15.06 -4.14
CA PHE A 186 12.82 15.34 -3.80
C PHE A 186 12.44 14.59 -2.53
N PHE A 187 11.43 15.13 -1.85
CA PHE A 187 10.94 14.55 -0.60
C PHE A 187 9.42 14.59 -0.61
N THR A 188 8.82 13.73 0.21
CA THR A 188 7.37 13.62 0.28
C THR A 188 6.85 14.26 1.56
N HIS A 189 5.53 14.28 1.70
CA HIS A 189 4.91 14.82 2.91
C HIS A 189 5.30 14.02 4.14
N ARG A 190 5.26 12.71 4.04
CA ARG A 190 5.63 11.84 5.13
C ARG A 190 7.02 12.12 5.58
N GLN A 191 7.97 12.19 4.66
CA GLN A 191 9.36 12.40 5.01
C GLN A 191 9.57 13.73 5.73
N LEU A 192 8.93 14.79 5.26
CA LEU A 192 9.08 16.09 5.91
C LEU A 192 8.49 16.09 7.30
N VAL A 193 7.31 15.49 7.48
CA VAL A 193 6.69 15.44 8.80
C VAL A 193 7.57 14.64 9.76
N LEU A 194 8.07 13.48 9.31
CA LEU A 194 8.92 12.67 10.16
C LEU A 194 10.22 13.38 10.51
N HIS A 195 10.80 14.10 9.55
CA HIS A 195 12.02 14.85 9.83
C HIS A 195 11.77 15.92 10.89
N THR A 196 10.66 16.65 10.76
CA THR A 196 10.34 17.66 11.75
C THR A 196 10.21 17.05 13.14
N MET A 197 9.41 15.98 13.26
CA MET A 197 9.23 15.36 14.57
C MET A 197 10.51 14.74 15.13
N GLY A 198 11.32 14.08 14.31
CA GLY A 198 12.55 13.49 14.77
C GLY A 198 13.55 14.52 15.25
N ILE A 199 13.72 15.60 14.50
CA ILE A 199 14.67 16.63 14.92
C ILE A 199 14.15 17.34 16.17
N LEU A 200 12.84 17.56 16.27
CA LEU A 200 12.31 18.18 17.48
C LEU A 200 12.54 17.28 18.70
N SER A 201 12.32 15.98 18.55
CA SER A 201 12.60 15.06 19.65
C SER A 201 14.07 15.05 20.02
N THR A 202 14.96 15.15 19.02
CA THR A 202 16.39 15.09 19.31
C THR A 202 16.88 16.35 20.01
N ILE A 203 16.52 17.52 19.51
CA ILE A 203 17.14 18.74 20.02
C ILE A 203 16.34 19.39 21.15
N GLY A 204 15.02 19.11 21.24
CA GLY A 204 14.24 19.69 22.30
C GLY A 204 14.42 19.01 23.65
N THR A 205 14.88 17.77 23.66
CA THR A 205 15.02 16.99 24.89
C THR A 205 16.39 17.11 25.51
N ASN A 206 17.27 17.96 24.98
CA ASN A 206 18.56 18.16 25.61
C ASN A 206 18.38 18.80 26.98
N ALA A 207 19.28 18.47 27.89
CA ALA A 207 19.13 18.86 29.29
C ALA A 207 19.26 20.37 29.46
N SER A 208 20.40 20.95 29.09
CA SER A 208 20.63 22.37 29.35
C SER A 208 21.42 23.11 28.27
N GLN A 209 21.77 22.47 27.16
CA GLN A 209 22.59 23.12 26.14
C GLN A 209 22.03 22.85 24.75
N GLY A 210 21.99 23.90 23.93
CA GLY A 210 21.65 23.74 22.52
C GLY A 210 20.29 23.15 22.26
N ARG A 211 19.26 23.64 22.95
CA ARG A 211 17.92 23.14 22.78
C ARG A 211 17.01 24.22 22.20
N LEU A 212 16.04 23.78 21.41
CA LEU A 212 15.02 24.64 20.82
C LEU A 212 13.70 24.34 21.52
N HIS A 213 13.12 25.35 22.16
CA HIS A 213 11.88 25.19 22.90
C HIS A 213 10.88 26.25 22.48
N GLN A 214 9.71 26.21 23.11
CA GLN A 214 8.59 27.06 22.73
C GLN A 214 8.78 28.53 23.12
N GLY A 215 9.79 28.85 23.91
CA GLY A 215 10.06 30.22 24.27
C GLY A 215 11.09 30.93 23.42
N ASP A 216 11.57 30.30 22.35
CA ASP A 216 12.63 30.87 21.54
C ASP A 216 12.08 31.81 20.48
N ILE A 217 12.98 32.62 19.91
CA ILE A 217 12.70 33.46 18.77
C ILE A 217 13.66 33.07 17.66
N TYR A 218 13.12 32.78 16.48
CA TYR A 218 13.87 32.12 15.42
C TYR A 218 14.10 33.07 14.26
N MET A 219 15.35 33.17 13.81
CA MET A 219 15.69 33.92 12.61
C MET A 219 16.65 33.11 11.76
N PRO A 220 16.31 32.83 10.50
CA PRO A 220 17.22 32.06 9.64
C PRO A 220 18.31 32.94 9.05
N ILE A 221 19.51 32.38 8.96
CA ILE A 221 20.60 33.04 8.23
C ILE A 221 21.16 32.17 7.11
N THR A 222 20.65 30.96 6.90
CA THR A 222 21.01 30.18 5.73
C THR A 222 20.14 30.59 4.54
N PRO A 223 20.56 30.28 3.32
CA PRO A 223 19.84 30.70 2.12
C PRO A 223 18.34 30.46 2.14
N MET A 224 17.87 29.37 2.74
CA MET A 224 16.47 28.98 2.87
C MET A 224 15.89 28.47 1.55
N PHE A 225 16.60 28.60 0.43
CA PHE A 225 16.19 27.99 -0.82
C PHE A 225 17.02 26.76 -1.16
N HIS A 226 17.87 26.38 -0.25
CA HIS A 226 18.70 25.24 -0.47
C HIS A 226 18.05 24.14 0.28
N VAL A 227 18.69 23.65 1.32
CA VAL A 227 18.21 22.49 2.08
C VAL A 227 17.02 22.64 2.99
N HIS A 228 15.93 23.25 2.55
CA HIS A 228 14.75 23.54 3.39
C HIS A 228 15.10 24.39 4.56
N ALA A 229 16.16 25.19 4.49
CA ALA A 229 16.65 25.94 5.62
C ALA A 229 16.78 25.02 6.79
N TRP A 230 17.39 23.88 6.59
CA TRP A 230 17.59 22.89 7.63
C TRP A 230 16.31 22.41 8.27
N GLY A 231 15.19 22.57 7.60
CA GLY A 231 13.91 22.21 8.16
C GLY A 231 13.44 23.08 9.31
N LEU A 232 14.21 24.11 9.66
CA LEU A 232 13.85 24.95 10.80
C LEU A 232 12.55 25.71 10.62
N PRO A 233 12.24 26.32 9.47
CA PRO A 233 10.94 27.02 9.36
C PRO A 233 9.73 26.14 9.63
N TYR A 234 9.79 24.86 9.26
CA TYR A 234 8.71 23.95 9.63
C TYR A 234 8.67 23.76 11.15
N MET A 235 9.81 23.41 11.74
CA MET A 235 9.86 23.12 13.18
C MET A 235 9.38 24.31 13.99
N ALA A 236 9.89 25.51 13.66
CA ALA A 236 9.45 26.71 14.35
C ALA A 236 7.95 26.87 14.27
N THR A 237 7.37 26.65 13.08
CA THR A 237 5.93 26.79 12.94
C THR A 237 5.18 25.78 13.78
N MET A 238 5.78 24.62 14.03
CA MET A 238 5.14 23.65 14.91
C MET A 238 5.17 24.12 16.35
N LEU A 239 6.20 24.86 16.75
CA LEU A 239 6.29 25.34 18.12
C LEU A 239 5.55 26.65 18.34
N GLY A 240 5.09 27.29 17.27
CA GLY A 240 4.40 28.56 17.40
C GLY A 240 5.25 29.67 17.96
N VAL A 241 6.54 29.68 17.63
CA VAL A 241 7.45 30.69 18.16
C VAL A 241 7.48 31.89 17.20
N LYS A 242 7.98 33.00 17.72
CA LYS A 242 8.15 34.20 16.91
C LYS A 242 9.24 33.97 15.86
N GLN A 243 8.97 34.41 14.64
CA GLN A 243 9.87 34.20 13.51
C GLN A 243 10.21 35.55 12.89
N VAL A 244 11.49 35.79 12.68
CA VAL A 244 11.99 37.03 12.09
C VAL A 244 12.74 36.67 10.83
N TYR A 245 12.42 37.35 9.73
CA TYR A 245 13.04 37.07 8.43
C TYR A 245 13.81 38.28 7.95
N PRO A 246 15.12 38.17 7.77
CA PRO A 246 15.94 39.37 7.49
C PRO A 246 15.89 39.84 6.05
N GLY A 247 15.89 38.91 5.09
CA GLY A 247 15.96 39.29 3.70
C GLY A 247 17.34 39.14 3.07
N LYS A 248 18.06 40.25 2.95
CA LYS A 248 19.26 40.34 2.14
C LYS A 248 20.54 39.86 2.82
N TYR A 249 20.54 39.68 4.13
CA TYR A 249 21.78 39.32 4.86
C TYR A 249 22.80 40.38 4.87
N VAL A 250 22.43 41.58 5.27
CA VAL A 250 23.44 42.59 5.43
C VAL A 250 23.87 42.47 6.94
N PRO A 251 25.19 42.29 7.28
CA PRO A 251 25.58 42.11 8.68
C PRO A 251 25.02 43.17 9.63
N ASP A 252 24.93 44.43 9.20
CA ASP A 252 24.40 45.47 10.08
C ASP A 252 22.92 45.26 10.34
N VAL A 253 22.13 44.98 9.31
CA VAL A 253 20.70 44.77 9.53
C VAL A 253 20.48 43.50 10.34
N LEU A 254 21.34 42.50 10.16
CA LEU A 254 21.23 41.28 10.96
C LEU A 254 21.52 41.57 12.44
N LEU A 255 22.56 42.37 12.71
CA LEU A 255 22.91 42.68 14.09
C LEU A 255 21.94 43.67 14.70
N ASN A 256 21.12 44.32 13.88
CA ASN A 256 20.02 45.11 14.42
C ASN A 256 18.80 44.23 14.71
N LEU A 257 18.49 43.30 13.81
CA LEU A 257 17.35 42.41 14.05
C LEU A 257 17.58 41.56 15.29
N ILE A 258 18.75 40.95 15.43
CA ILE A 258 19.16 40.50 16.74
C ILE A 258 19.36 41.78 17.53
N GLU A 259 19.12 41.74 18.84
CA GLU A 259 18.97 42.92 19.71
C GLU A 259 17.56 43.49 19.66
N GLN A 260 17.13 44.09 18.54
CA GLN A 260 15.79 44.68 18.53
C GLN A 260 14.69 43.64 18.72
N GLU A 261 14.80 42.49 18.06
CA GLU A 261 13.81 41.44 18.16
C GLU A 261 14.17 40.37 19.18
N LYS A 262 15.35 40.46 19.79
CA LYS A 262 15.81 39.50 20.80
C LYS A 262 15.79 38.07 20.27
N VAL A 263 16.47 37.88 19.14
CA VAL A 263 16.56 36.55 18.53
C VAL A 263 17.42 35.65 19.40
N THR A 264 16.94 34.43 19.65
CA THR A 264 17.65 33.48 20.49
C THR A 264 18.13 32.24 19.75
N PHE A 265 17.54 31.91 18.61
CA PHE A 265 17.91 30.72 17.86
C PHE A 265 18.08 31.07 16.39
N SER A 266 19.17 30.60 15.79
CA SER A 266 19.44 30.86 14.39
C SER A 266 20.37 29.77 13.86
N HIS A 267 20.69 29.87 12.57
CA HIS A 267 21.61 28.93 11.95
C HIS A 267 22.24 29.60 10.75
N CYS A 268 23.56 29.45 10.61
CA CYS A 268 24.28 30.11 9.52
C CYS A 268 25.46 29.24 9.12
N VAL A 269 26.40 29.84 8.40
CA VAL A 269 27.61 29.16 7.92
C VAL A 269 28.82 29.91 8.49
N PRO A 270 30.00 29.29 8.52
CA PRO A 270 31.14 29.95 9.20
C PRO A 270 31.49 31.32 8.65
N THR A 271 31.33 31.57 7.35
CA THR A 271 31.70 32.85 6.79
C THR A 271 30.80 33.96 7.32
N ILE A 272 29.49 33.73 7.36
CA ILE A 272 28.57 34.75 7.86
C ILE A 272 28.79 34.97 9.35
N LEU A 273 29.06 33.91 10.10
CA LEU A 273 29.35 34.07 11.52
C LEU A 273 30.61 34.89 11.74
N HIS A 274 31.64 34.65 10.94
CA HIS A 274 32.87 35.44 11.03
C HIS A 274 32.60 36.91 10.71
N LEU A 275 31.77 37.16 9.68
CA LEU A 275 31.43 38.54 9.34
C LEU A 275 30.67 39.22 10.47
N LEU A 276 29.75 38.50 11.10
CA LEU A 276 29.00 39.06 12.22
C LEU A 276 29.91 39.36 13.41
N LEU A 277 30.82 38.44 13.72
CA LEU A 277 31.68 38.63 14.88
C LEU A 277 32.71 39.74 14.65
N SER A 278 33.15 39.93 13.40
CA SER A 278 34.15 40.93 13.11
C SER A 278 33.58 42.33 12.87
N SER A 279 32.26 42.45 12.77
CA SER A 279 31.65 43.76 12.56
C SER A 279 31.85 44.64 13.80
N PRO A 280 32.22 45.91 13.64
CA PRO A 280 32.42 46.76 14.82
C PRO A 280 31.18 46.93 15.67
N LYS A 281 29.99 46.98 15.06
CA LYS A 281 28.76 47.16 15.82
C LYS A 281 28.51 46.00 16.79
N SER A 282 29.14 44.85 16.58
CA SER A 282 28.99 43.72 17.48
C SER A 282 29.89 43.84 18.71
N LYS A 283 30.80 44.81 18.75
CA LYS A 283 31.70 44.93 19.90
C LYS A 283 30.96 45.41 21.15
N ALA A 284 29.84 46.12 20.99
CA ALA A 284 29.06 46.64 22.11
C ALA A 284 27.67 46.02 22.12
N MET A 285 27.61 44.72 21.88
CA MET A 285 26.37 43.97 21.73
C MET A 285 26.37 42.79 22.68
N ASP A 286 25.21 42.48 23.25
CA ASP A 286 25.07 41.34 24.15
C ASP A 286 24.60 40.12 23.37
N PHE A 287 25.34 39.02 23.51
CA PHE A 287 25.11 37.81 22.72
C PHE A 287 24.77 36.60 23.56
N SER A 288 24.57 36.76 24.87
CA SER A 288 24.40 35.60 25.74
C SER A 288 22.95 35.12 25.80
N GLY A 289 22.32 35.02 24.64
CA GLY A 289 21.02 34.41 24.52
C GLY A 289 20.87 33.71 23.19
N TRP A 290 21.96 33.64 22.44
CA TRP A 290 21.96 33.25 21.04
C TRP A 290 22.51 31.84 20.89
N LYS A 291 21.89 31.06 20.05
CA LYS A 291 22.30 29.72 19.88
C LYS A 291 22.35 29.60 18.41
N VAL A 292 23.54 29.63 17.84
CA VAL A 292 23.71 29.49 16.44
C VAL A 292 24.05 28.07 16.13
N VAL A 293 23.53 27.60 15.03
CA VAL A 293 23.85 26.25 14.57
C VAL A 293 24.65 26.38 13.28
N ILE A 294 25.85 25.83 13.25
CA ILE A 294 26.74 25.96 12.10
C ILE A 294 26.72 24.65 11.33
N GLY A 295 26.24 24.70 10.09
CA GLY A 295 26.06 23.49 9.32
C GLY A 295 26.56 23.56 7.90
N GLY A 296 27.25 24.64 7.55
CA GLY A 296 27.77 24.76 6.20
C GLY A 296 28.87 23.77 5.92
N ALA A 297 30.02 23.95 6.55
CA ALA A 297 31.13 23.01 6.43
C ALA A 297 32.21 23.39 7.44
N ALA A 298 32.73 22.37 8.13
CA ALA A 298 34.01 22.42 8.82
C ALA A 298 34.16 23.68 9.67
N LEU A 299 33.37 23.74 10.73
CA LEU A 299 33.50 24.81 11.71
C LEU A 299 34.90 24.81 12.31
N PRO A 300 35.73 25.83 12.05
CA PRO A 300 37.09 25.84 12.59
C PRO A 300 37.11 26.11 14.09
N LYS A 301 38.20 25.67 14.73
CA LYS A 301 38.30 25.77 16.17
C LYS A 301 38.45 27.21 16.64
N ALA A 302 39.20 28.03 15.89
CA ALA A 302 39.41 29.42 16.30
C ALA A 302 38.11 30.20 16.29
N LEU A 303 37.29 30.02 15.26
CA LEU A 303 35.99 30.69 15.21
C LEU A 303 35.11 30.25 16.37
N CYS A 304 35.09 28.94 16.65
CA CYS A 304 34.30 28.43 17.76
C CYS A 304 34.76 29.03 19.08
N LYS A 305 36.08 29.13 19.28
CA LYS A 305 36.60 29.68 20.53
C LYS A 305 36.25 31.15 20.68
N SER A 306 36.39 31.94 19.61
CA SER A 306 36.03 33.35 19.70
C SER A 306 34.54 33.54 19.96
N ALA A 307 33.70 32.74 19.30
CA ALA A 307 32.27 32.81 19.54
C ALA A 307 31.92 32.44 20.97
N LEU A 308 32.58 31.41 21.51
CA LEU A 308 32.34 31.03 22.91
C LEU A 308 32.78 32.13 23.86
N GLU A 309 33.91 32.78 23.57
CA GLU A 309 34.36 33.89 24.39
C GLU A 309 33.41 35.08 24.31
N ARG A 310 32.64 35.19 23.22
CA ARG A 310 31.55 36.16 23.16
C ARG A 310 30.27 35.67 23.82
N ASP A 311 30.34 34.55 24.56
CA ASP A 311 29.22 33.99 25.30
C ASP A 311 28.08 33.58 24.38
N ILE A 312 28.42 32.88 23.31
CA ILE A 312 27.45 32.38 22.33
C ILE A 312 27.44 30.86 22.41
N ASP A 313 26.25 30.28 22.38
CA ASP A 313 26.09 28.83 22.34
C ASP A 313 26.19 28.36 20.90
N VAL A 314 27.36 27.87 20.51
CA VAL A 314 27.64 27.47 19.13
C VAL A 314 27.88 25.97 19.11
N PHE A 315 27.24 25.28 18.17
CA PHE A 315 27.46 23.86 17.97
C PHE A 315 27.29 23.54 16.50
N ALA A 316 28.01 22.53 16.03
CA ALA A 316 28.01 22.19 14.62
C ALA A 316 26.95 21.15 14.30
N GLY A 317 26.42 21.23 13.09
CA GLY A 317 25.50 20.21 12.60
C GLY A 317 25.95 19.75 11.23
N TYR A 318 25.58 18.51 10.90
CA TYR A 318 25.98 17.89 9.65
C TYR A 318 24.75 17.39 8.91
N GLY A 319 24.60 17.85 7.68
CA GLY A 319 23.61 17.39 6.74
C GLY A 319 24.11 17.63 5.33
N MET A 320 23.66 16.86 4.35
CA MET A 320 24.27 16.89 3.03
C MET A 320 23.25 16.97 1.88
N SER A 321 22.19 17.74 2.08
CA SER A 321 21.29 18.23 1.02
C SER A 321 20.48 17.14 0.34
N GLU A 322 20.65 15.88 0.70
CA GLU A 322 19.75 14.83 0.21
C GLU A 322 19.42 13.85 1.30
N THR A 323 19.54 14.26 2.57
CA THR A 323 19.32 13.41 3.72
C THR A 323 18.44 14.10 4.74
N GLY A 324 17.56 14.99 4.29
CA GLY A 324 16.60 15.60 5.19
C GLY A 324 16.62 17.11 5.35
N PRO A 325 17.81 17.74 5.51
CA PRO A 325 19.19 17.25 5.45
C PRO A 325 19.78 16.77 6.77
N ILE A 326 19.20 17.07 7.93
CA ILE A 326 19.92 16.92 9.19
C ILE A 326 20.19 15.46 9.46
N LEU A 327 21.46 15.13 9.70
CA LEU A 327 21.88 13.81 10.14
C LEU A 327 22.60 13.80 11.47
N SER A 328 23.39 14.83 11.77
CA SER A 328 24.16 14.87 13.00
C SER A 328 24.04 16.24 13.66
N ILE A 329 23.95 16.25 14.99
CA ILE A 329 23.91 17.49 15.76
C ILE A 329 24.81 17.31 16.98
N VAL A 330 25.61 18.34 17.29
CA VAL A 330 26.47 18.29 18.45
C VAL A 330 25.62 18.54 19.70
N GLN A 331 25.64 17.59 20.63
CA GLN A 331 24.96 17.73 21.91
C GLN A 331 25.95 17.44 23.02
N LEU A 332 26.08 18.36 23.97
CA LEU A 332 27.04 18.23 25.06
C LEU A 332 26.33 17.82 26.34
N THR A 333 26.82 16.76 26.97
CA THR A 333 26.30 16.35 28.25
C THR A 333 26.73 17.34 29.34
N PRO A 334 26.04 17.29 30.52
CA PRO A 334 26.41 18.31 31.51
C PRO A 334 27.74 18.17 32.10
N GLU A 335 28.36 17.02 32.00
CA GLU A 335 29.74 16.84 32.42
C GLU A 335 30.71 17.62 31.53
N GLN A 336 30.46 17.63 30.23
CA GLN A 336 31.29 18.39 29.30
C GLN A 336 30.99 19.87 29.34
N LEU A 337 30.00 20.36 30.08
CA LEU A 337 29.75 21.78 30.19
C LEU A 337 30.67 22.46 31.20
N GLU A 338 31.48 21.70 31.93
CA GLU A 338 32.43 22.27 32.87
C GLU A 338 33.74 22.62 32.18
N LEU A 339 34.10 21.84 31.16
CA LEU A 339 35.38 21.94 30.47
C LEU A 339 35.68 23.38 30.04
N ASP A 340 36.95 23.75 30.06
CA ASP A 340 37.36 25.09 29.66
C ASP A 340 37.11 25.30 28.16
N VAL A 341 37.38 26.52 27.71
CA VAL A 341 36.97 26.95 26.37
C VAL A 341 37.67 26.12 25.30
N ASP A 342 38.91 25.70 25.54
CA ASP A 342 39.62 24.92 24.53
C ASP A 342 38.98 23.55 24.30
N GLN A 343 38.73 22.82 25.39
CA GLN A 343 38.14 21.50 25.25
C GLN A 343 36.70 21.59 24.77
N GLN A 344 35.96 22.60 25.22
CA GLN A 344 34.60 22.81 24.73
C GLN A 344 34.60 23.12 23.24
N ALA A 345 35.57 23.92 22.77
CA ALA A 345 35.67 24.21 21.35
C ALA A 345 36.01 22.95 20.56
N GLU A 346 36.88 22.10 21.12
CA GLU A 346 37.19 20.83 20.48
C GLU A 346 35.94 19.97 20.32
N TYR A 347 35.11 19.91 21.37
CA TYR A 347 33.91 19.08 21.30
C TYR A 347 32.85 19.69 20.38
N ARG A 348 32.74 21.02 20.37
CA ARG A 348 31.72 21.66 19.56
C ARG A 348 32.08 21.68 18.08
N SER A 349 33.37 21.63 17.75
CA SER A 349 33.78 21.69 16.34
C SER A 349 33.49 20.41 15.58
N LYS A 350 33.23 19.30 16.28
CA LYS A 350 32.98 18.04 15.60
C LYS A 350 31.63 18.09 14.88
N THR A 351 31.40 17.10 14.01
CA THR A 351 30.15 17.07 13.27
C THR A 351 28.98 16.66 14.16
N GLY A 352 29.23 15.82 15.15
CA GLY A 352 28.26 15.51 16.19
C GLY A 352 27.79 14.07 16.12
N LYS A 353 26.90 13.73 17.04
CA LYS A 353 26.29 12.42 17.11
C LYS A 353 25.04 12.36 16.23
N LYS A 354 24.70 11.15 15.80
CA LYS A 354 23.55 10.98 14.92
C LYS A 354 22.25 11.26 15.66
N VAL A 355 21.28 11.78 14.93
CA VAL A 355 19.96 12.12 15.47
C VAL A 355 19.10 10.87 15.55
N ALA A 356 17.94 10.99 16.17
CA ALA A 356 17.05 9.85 16.36
C ALA A 356 16.66 9.23 15.03
N LEU A 357 16.56 7.90 15.03
CA LEU A 357 16.16 7.10 13.87
C LEU A 357 17.17 7.16 12.73
N VAL A 358 18.47 7.13 13.06
CA VAL A 358 19.54 7.16 12.08
C VAL A 358 20.54 6.07 12.44
N GLU A 359 21.00 5.32 11.42
CA GLU A 359 21.97 4.26 11.63
C GLU A 359 23.41 4.77 11.60
N ALA A 360 23.83 5.33 10.46
CA ALA A 360 25.11 6.02 10.33
C ALA A 360 26.29 5.10 10.67
N TYR A 361 26.49 4.10 9.83
CA TYR A 361 27.67 3.25 9.92
C TYR A 361 28.84 3.85 9.16
N ILE A 362 30.05 3.53 9.61
CA ILE A 362 31.27 3.86 8.88
C ILE A 362 31.70 2.58 8.17
N VAL A 363 32.22 2.73 6.95
CA VAL A 363 32.46 1.57 6.09
C VAL A 363 33.66 1.86 5.21
N ASP A 364 34.34 0.80 4.80
CA ASP A 364 35.39 0.92 3.81
C ASP A 364 34.80 0.71 2.43
N GLU A 365 35.61 0.34 1.45
CA GLU A 365 35.06 0.00 0.14
C GLU A 365 34.63 -1.45 0.30
N ASP A 366 33.87 -2.00 -0.65
CA ASP A 366 33.33 -3.37 -0.51
C ASP A 366 32.40 -3.53 0.66
N MET A 367 32.17 -2.47 1.43
CA MET A 367 31.26 -2.50 2.57
C MET A 367 31.49 -3.41 3.78
N ASN A 368 32.58 -3.29 4.53
CA ASN A 368 32.91 -4.18 5.63
C ASN A 368 32.68 -3.59 7.01
N LYS A 369 32.17 -2.36 7.12
CA LYS A 369 31.73 -1.78 8.40
C LYS A 369 32.88 -1.72 9.41
N LEU A 370 33.82 -0.83 9.10
CA LEU A 370 35.02 -0.55 9.90
C LEU A 370 34.68 -0.26 11.36
N PRO A 371 35.60 -0.51 12.29
CA PRO A 371 35.31 -0.27 13.71
C PRO A 371 35.33 1.21 14.07
N HIS A 372 34.67 1.52 15.18
CA HIS A 372 34.59 2.88 15.69
C HIS A 372 35.67 3.13 16.75
N ASP A 373 36.92 2.93 16.33
CA ASP A 373 38.05 3.09 17.25
C ASP A 373 38.49 4.53 17.41
N GLY A 374 38.05 5.45 16.55
CA GLY A 374 38.38 6.84 16.68
C GLY A 374 39.44 7.36 15.73
N GLU A 375 40.10 6.50 14.96
CA GLU A 375 41.10 6.98 14.01
C GLU A 375 40.94 6.33 12.64
N THR A 376 40.31 5.16 12.59
CA THR A 376 40.05 4.53 11.30
C THR A 376 38.95 5.30 10.56
N ALA A 377 39.23 5.61 9.30
CA ALA A 377 38.34 6.46 8.50
C ALA A 377 37.71 5.65 7.37
N GLY A 378 36.48 5.99 7.04
CA GLY A 378 35.77 5.37 5.93
C GLY A 378 34.57 6.21 5.57
N GLU A 379 33.92 5.82 4.48
CA GLU A 379 32.71 6.49 4.03
C GLU A 379 31.55 6.26 4.99
N ILE A 380 30.70 7.26 5.11
CA ILE A 380 29.51 7.18 5.96
C ILE A 380 28.35 6.65 5.13
N VAL A 381 27.68 5.61 5.63
CA VAL A 381 26.49 5.06 5.00
C VAL A 381 25.36 5.11 6.03
N VAL A 382 24.21 5.64 5.61
CA VAL A 382 23.15 5.98 6.56
C VAL A 382 21.83 5.37 6.11
N ARG A 383 20.94 5.20 7.09
CA ARG A 383 19.54 4.85 6.84
C ARG A 383 18.69 5.74 7.73
N ALA A 384 17.64 6.33 7.16
CA ALA A 384 16.82 7.29 7.89
C ALA A 384 15.46 7.36 7.24
N PRO A 385 14.44 7.79 7.97
CA PRO A 385 13.10 7.91 7.36
C PRO A 385 12.99 8.98 6.29
N TRP A 386 13.96 9.89 6.21
CA TRP A 386 13.81 11.06 5.34
C TRP A 386 14.93 11.17 4.32
N LEU A 387 15.29 10.07 3.68
CA LEU A 387 16.30 10.07 2.63
C LEU A 387 15.64 9.99 1.27
N THR A 388 16.20 10.71 0.30
CA THR A 388 15.67 10.65 -1.05
C THR A 388 15.89 9.25 -1.63
N PRO A 389 14.94 8.70 -2.39
CA PRO A 389 15.11 7.34 -2.89
C PRO A 389 16.02 7.27 -4.10
N ASN A 390 16.11 8.34 -4.89
CA ASN A 390 16.96 8.39 -6.06
C ASN A 390 17.08 9.84 -6.48
N TYR A 391 17.77 10.07 -7.60
CA TYR A 391 17.88 11.39 -8.18
C TYR A 391 16.81 11.57 -9.25
N TYR A 392 16.33 12.80 -9.39
CA TYR A 392 15.28 13.10 -10.34
C TYR A 392 15.80 12.94 -11.77
N LYS A 393 15.14 12.07 -12.55
CA LYS A 393 15.46 11.83 -13.95
C LYS A 393 16.91 11.39 -14.14
N ASP A 394 17.43 10.64 -13.16
CA ASP A 394 18.78 10.11 -13.22
C ASP A 394 18.77 8.69 -12.71
N ASN A 395 19.51 7.81 -13.36
CA ASN A 395 19.48 6.41 -13.00
C ASN A 395 20.83 5.85 -12.84
N LYS A 396 21.82 6.46 -13.43
CA LYS A 396 23.14 5.97 -13.21
C LYS A 396 23.68 6.41 -11.89
N ASN A 397 23.44 7.66 -11.50
CA ASN A 397 23.90 8.16 -10.26
C ASN A 397 23.00 7.68 -9.18
N SER A 398 21.73 7.51 -9.42
CA SER A 398 20.83 6.90 -8.43
C SER A 398 21.29 5.49 -8.09
N LYS A 399 21.74 4.73 -9.09
CA LYS A 399 22.21 3.37 -8.83
C LYS A 399 23.45 3.38 -7.95
N ALA A 400 24.38 4.31 -8.19
CA ALA A 400 25.56 4.41 -7.34
C ALA A 400 25.25 5.01 -5.98
N LEU A 401 24.12 5.70 -5.82
CA LEU A 401 23.80 6.33 -4.55
C LEU A 401 23.43 5.30 -3.49
N TRP A 402 22.60 4.31 -3.84
CA TRP A 402 22.10 3.34 -2.88
C TRP A 402 22.77 1.99 -3.02
N ARG A 403 24.07 1.96 -3.31
CA ARG A 403 24.77 0.69 -3.47
C ARG A 403 24.85 -0.05 -2.14
N GLY A 404 24.50 -1.33 -2.15
CA GLY A 404 24.60 -2.16 -0.96
C GLY A 404 23.47 -2.01 0.02
N GLY A 405 22.40 -1.30 -0.33
CA GLY A 405 21.29 -1.12 0.57
C GLY A 405 21.41 0.04 1.53
N TYR A 406 22.47 0.84 1.44
CA TYR A 406 22.65 2.01 2.27
C TYR A 406 22.93 3.22 1.39
N LEU A 407 22.52 4.39 1.87
CA LEU A 407 22.79 5.62 1.15
C LEU A 407 24.25 6.02 1.36
N HIS A 408 24.94 6.30 0.26
CA HIS A 408 26.36 6.65 0.29
C HIS A 408 26.49 8.17 0.26
N THR A 409 26.95 8.74 1.38
CA THR A 409 27.09 10.19 1.46
C THR A 409 28.28 10.67 0.62
N GLY A 410 29.36 9.91 0.60
CA GLY A 410 30.56 10.34 -0.08
C GLY A 410 31.51 11.13 0.79
N ASP A 411 31.35 11.10 2.09
CA ASP A 411 32.23 11.79 3.03
C ASP A 411 32.98 10.76 3.86
N VAL A 412 34.28 10.99 4.05
CA VAL A 412 35.12 10.12 4.85
C VAL A 412 35.20 10.69 6.26
N ALA A 413 34.99 9.84 7.25
CA ALA A 413 34.99 10.28 8.64
C ALA A 413 35.45 9.14 9.53
N HIS A 414 35.82 9.49 10.76
CA HIS A 414 36.10 8.51 11.79
C HIS A 414 35.19 8.76 12.99
N ILE A 415 34.60 7.68 13.49
CA ILE A 415 33.74 7.73 14.66
C ILE A 415 34.51 7.12 15.84
N ASP A 416 34.20 7.59 17.04
CA ASP A 416 34.88 7.08 18.22
C ASP A 416 33.92 6.32 19.12
N ASP A 417 34.41 5.89 20.29
CA ASP A 417 33.60 5.13 21.23
C ASP A 417 32.41 5.91 21.78
N GLU A 418 32.55 7.22 21.98
CA GLU A 418 31.45 8.03 22.48
C GLU A 418 30.39 8.32 21.43
N GLY A 419 30.69 8.08 20.16
CA GLY A 419 29.73 8.31 19.09
C GLY A 419 29.91 9.59 18.31
N PHE A 420 30.96 10.37 18.59
CA PHE A 420 31.20 11.60 17.86
C PHE A 420 31.78 11.30 16.49
N ILE A 421 31.32 12.04 15.48
CA ILE A 421 31.75 11.85 14.10
C ILE A 421 32.58 13.04 13.68
N LYS A 422 33.68 12.79 12.97
CA LYS A 422 34.58 13.84 12.51
C LYS A 422 34.90 13.61 11.04
N ILE A 423 34.31 14.44 10.17
CA ILE A 423 34.55 14.33 8.73
C ILE A 423 35.97 14.76 8.41
N THR A 424 36.67 13.95 7.62
CA THR A 424 38.04 14.26 7.23
C THR A 424 38.14 14.86 5.83
N ASP A 425 37.36 14.35 4.87
CA ASP A 425 37.38 14.85 3.50
C ASP A 425 36.20 14.25 2.75
N ARG A 426 36.15 14.51 1.44
CA ARG A 426 35.20 13.87 0.54
C ARG A 426 35.88 12.68 -0.13
N VAL A 427 35.08 11.71 -0.56
CA VAL A 427 35.62 10.52 -1.19
C VAL A 427 36.35 10.88 -2.49
N LYS A 428 35.75 11.74 -3.31
CA LYS A 428 36.36 12.15 -4.56
C LYS A 428 37.60 13.02 -4.36
N ASP A 429 37.83 13.52 -3.15
CA ASP A 429 38.98 14.37 -2.87
C ASP A 429 40.11 13.65 -2.16
N MET A 430 39.92 12.39 -1.76
CA MET A 430 40.98 11.64 -1.13
C MET A 430 42.10 11.36 -2.13
N ILE A 431 43.33 11.29 -1.63
CA ILE A 431 44.50 11.03 -2.44
C ILE A 431 44.98 9.61 -2.13
N LYS A 432 45.04 8.77 -3.15
CA LYS A 432 45.46 7.38 -3.01
C LYS A 432 46.91 7.27 -3.41
N ILE A 433 47.81 7.12 -2.43
CA ILE A 433 49.24 7.13 -2.71
C ILE A 433 49.66 5.76 -3.24
N SER A 434 49.58 4.75 -2.39
CA SER A 434 49.80 3.37 -2.82
C SER A 434 48.57 2.51 -2.56
N GLY A 435 48.11 2.44 -1.31
CA GLY A 435 46.87 1.76 -0.98
C GLY A 435 46.09 2.52 0.06
N GLU A 436 46.67 3.60 0.56
CA GLU A 436 46.10 4.40 1.62
C GLU A 436 45.38 5.62 1.03
N TRP A 437 44.42 6.13 1.80
CA TRP A 437 43.66 7.32 1.43
C TRP A 437 44.15 8.49 2.28
N VAL A 438 44.80 9.44 1.63
CA VAL A 438 45.34 10.62 2.31
C VAL A 438 44.35 11.76 2.11
N SER A 439 43.85 12.30 3.22
CA SER A 439 42.94 13.43 3.15
C SER A 439 43.69 14.68 2.69
N SER A 440 43.14 15.36 1.69
CA SER A 440 43.78 16.59 1.21
C SER A 440 43.60 17.74 2.20
N LEU A 441 42.52 17.70 2.98
CA LEU A 441 42.22 18.80 3.90
C LEU A 441 43.30 18.96 4.96
N GLU A 442 43.81 17.85 5.50
CA GLU A 442 44.77 17.95 6.59
C GLU A 442 46.05 18.63 6.14
N LEU A 443 46.63 18.19 5.02
CA LEU A 443 47.88 18.79 4.60
C LEU A 443 47.67 20.16 3.95
N GLU A 444 46.48 20.42 3.41
CA GLU A 444 46.23 21.80 2.97
C GLU A 444 46.12 22.75 4.16
N ASP A 445 45.58 22.30 5.28
CA ASP A 445 45.63 23.10 6.51
C ASP A 445 47.06 23.28 7.00
N ILE A 446 47.86 22.20 6.94
CA ILE A 446 49.26 22.29 7.33
C ILE A 446 49.98 23.37 6.54
N LEU A 447 49.78 23.37 5.21
CA LEU A 447 50.41 24.39 4.38
C LEU A 447 49.82 25.76 4.63
N HIS A 448 48.52 25.83 4.94
CA HIS A 448 47.89 27.12 5.21
C HIS A 448 48.35 27.73 6.52
N GLN A 449 48.98 26.93 7.40
CA GLN A 449 49.54 27.52 8.61
C GLN A 449 50.72 28.44 8.35
N HIS A 450 51.27 28.46 7.13
CA HIS A 450 52.36 29.37 6.79
C HIS A 450 51.86 30.81 6.79
N GLN A 451 52.77 31.73 7.14
CA GLN A 451 52.39 33.13 7.27
C GLN A 451 52.14 33.78 5.91
N SER A 452 52.87 33.36 4.89
CA SER A 452 52.77 33.98 3.57
C SER A 452 51.78 33.29 2.65
N VAL A 453 51.06 32.27 3.14
CA VAL A 453 50.11 31.54 2.32
C VAL A 453 48.74 32.17 2.48
N SER A 454 48.11 32.50 1.35
CA SER A 454 46.74 33.00 1.36
C SER A 454 45.73 31.87 1.27
N GLU A 455 45.92 30.95 0.34
CA GLU A 455 45.04 29.80 0.23
C GLU A 455 45.75 28.65 -0.47
N VAL A 456 45.31 27.43 -0.19
CA VAL A 456 45.94 26.21 -0.69
C VAL A 456 44.85 25.23 -1.11
N ALA A 457 45.07 24.55 -2.23
CA ALA A 457 44.21 23.46 -2.66
C ALA A 457 45.07 22.29 -3.09
N VAL A 458 44.75 21.09 -2.59
CA VAL A 458 45.51 19.88 -2.89
C VAL A 458 44.62 18.95 -3.72
N ILE A 459 45.15 18.47 -4.84
CA ILE A 459 44.38 17.63 -5.76
C ILE A 459 45.03 16.27 -5.91
N GLY A 460 46.24 16.15 -6.38
CA GLY A 460 46.72 14.80 -6.63
C GLY A 460 47.08 14.58 -8.06
N MET A 461 48.32 14.23 -8.32
CA MET A 461 48.83 14.06 -9.66
C MET A 461 49.36 12.64 -9.88
N PRO A 462 48.91 11.94 -10.94
CA PRO A 462 49.32 10.55 -11.21
C PRO A 462 50.82 10.22 -11.31
N HIS A 463 51.31 9.10 -10.77
CA HIS A 463 52.74 8.83 -10.81
C HIS A 463 53.09 7.62 -11.68
N ASN A 464 52.10 6.80 -12.05
CA ASN A 464 52.23 5.55 -12.81
C ASN A 464 53.14 4.53 -12.13
N LYS A 465 53.53 4.77 -10.89
CA LYS A 465 54.35 3.82 -10.14
C LYS A 465 53.63 3.27 -8.92
N TRP A 466 53.09 4.14 -8.06
CA TRP A 466 52.30 3.72 -6.91
C TRP A 466 50.88 4.26 -6.93
N GLY A 467 50.64 5.39 -7.60
CA GLY A 467 49.32 5.97 -7.65
C GLY A 467 49.36 7.48 -7.76
N GLU A 468 48.44 8.15 -7.06
CA GLU A 468 48.42 9.59 -7.06
C GLU A 468 49.54 10.15 -6.19
N VAL A 469 49.97 11.37 -6.52
CA VAL A 469 50.94 12.10 -5.72
C VAL A 469 50.36 13.48 -5.47
N PRO A 470 50.27 13.94 -4.22
CA PRO A 470 49.59 15.20 -3.93
C PRO A 470 50.24 16.38 -4.64
N LEU A 471 49.40 17.27 -5.18
CA LEU A 471 49.85 18.50 -5.79
C LEU A 471 49.18 19.65 -5.06
N ALA A 472 49.98 20.53 -4.49
CA ALA A 472 49.47 21.63 -3.66
C ALA A 472 49.59 22.92 -4.45
N LEU A 473 48.48 23.38 -4.99
CA LEU A 473 48.40 24.68 -5.67
C LEU A 473 48.16 25.75 -4.61
N VAL A 474 49.11 26.67 -4.49
CA VAL A 474 49.11 27.65 -3.40
C VAL A 474 49.09 29.05 -3.99
N THR A 475 48.17 29.87 -3.51
CA THR A 475 48.14 31.30 -3.81
C THR A 475 48.61 32.06 -2.57
N LEU A 476 49.61 32.92 -2.76
CA LEU A 476 50.26 33.62 -1.67
C LEU A 476 49.91 35.11 -1.70
N LYS A 477 50.22 35.78 -0.59
CA LYS A 477 50.17 37.22 -0.52
C LYS A 477 51.54 37.88 -0.61
N GLU A 478 52.60 37.17 -0.20
CA GLU A 478 53.97 37.69 -0.19
C GLU A 478 54.92 36.79 -0.96
N ASP A 479 56.22 37.07 -0.84
CA ASP A 479 57.26 36.32 -1.54
C ASP A 479 57.84 35.26 -0.61
N ALA A 480 57.59 33.99 -0.91
CA ALA A 480 57.89 32.91 0.03
C ALA A 480 58.61 31.70 -0.55
N GLN A 481 58.74 31.60 -1.89
CA GLN A 481 59.51 30.57 -2.57
C GLN A 481 58.85 29.19 -2.54
N VAL A 482 59.00 28.44 -3.64
CA VAL A 482 58.39 27.12 -3.78
C VAL A 482 59.07 26.09 -2.89
N THR A 483 60.41 26.12 -2.83
CA THR A 483 61.15 25.17 -2.02
C THR A 483 60.82 25.30 -0.54
N GLU A 484 60.54 26.51 -0.08
CA GLU A 484 60.29 26.71 1.34
C GLU A 484 58.98 26.07 1.78
N LYS A 485 57.99 26.02 0.88
CA LYS A 485 56.76 25.29 1.20
C LYS A 485 57.04 23.82 1.46
N GLU A 486 57.83 23.20 0.59
CA GLU A 486 58.20 21.80 0.77
C GLU A 486 59.00 21.61 2.06
N LEU A 487 59.92 22.53 2.35
CA LEU A 487 60.71 22.40 3.56
C LEU A 487 59.83 22.48 4.81
N LEU A 488 58.91 23.44 4.84
CA LEU A 488 57.98 23.54 5.96
C LEU A 488 57.08 22.31 6.06
N GLY A 489 56.64 21.78 4.91
CA GLY A 489 55.82 20.57 4.94
C GLY A 489 56.57 19.37 5.47
N PHE A 490 57.86 19.26 5.14
CA PHE A 490 58.68 18.19 5.71
C PHE A 490 58.86 18.40 7.20
N ALA A 491 58.92 19.66 7.64
CA ALA A 491 59.04 19.97 9.06
C ALA A 491 57.82 19.56 9.87
N LYS A 492 56.69 19.28 9.23
CA LYS A 492 55.48 18.83 9.91
C LYS A 492 55.01 17.51 9.27
N ASP A 493 53.78 17.12 9.61
CA ASP A 493 53.18 15.90 9.07
C ASP A 493 54.01 14.66 9.40
N ARG A 502 54.21 10.61 7.14
CA ARG A 502 55.46 10.71 6.37
C ARG A 502 55.15 10.82 4.88
N GLU A 503 55.59 11.92 4.27
CA GLU A 503 55.44 12.13 2.85
C GLU A 503 56.78 12.22 2.12
N ALA A 504 57.88 12.00 2.83
CA ALA A 504 59.21 11.85 2.21
C ALA A 504 59.54 13.01 1.31
N LEU A 505 59.31 12.84 0.00
CA LEU A 505 59.46 13.91 -0.97
C LEU A 505 58.28 14.01 -1.91
N LEU A 506 57.13 13.41 -1.55
CA LEU A 506 55.98 13.33 -2.43
C LEU A 506 55.13 14.59 -2.43
N LEU A 507 55.36 15.52 -1.52
CA LEU A 507 54.56 16.75 -1.45
C LEU A 507 55.14 17.75 -2.44
N LYS A 508 54.51 17.86 -3.61
CA LYS A 508 54.93 18.77 -4.65
C LYS A 508 54.02 19.99 -4.65
N VAL A 509 54.62 21.18 -4.59
CA VAL A 509 53.90 22.42 -4.41
C VAL A 509 54.12 23.31 -5.63
N LYS A 510 53.04 23.85 -6.17
CA LYS A 510 53.08 24.75 -7.30
C LYS A 510 52.37 26.05 -6.93
N ILE A 511 52.98 27.16 -7.31
CA ILE A 511 52.46 28.49 -7.02
C ILE A 511 51.57 28.93 -8.17
N VAL A 512 50.34 29.33 -7.85
CA VAL A 512 49.37 29.76 -8.85
C VAL A 512 48.89 31.16 -8.50
N ASP A 513 48.43 31.89 -9.53
CA ASP A 513 48.00 33.27 -9.33
C ASP A 513 46.64 33.33 -8.65
N GLU A 514 45.75 32.44 -9.05
CA GLU A 514 44.41 32.37 -8.45
C GLU A 514 43.90 30.94 -8.43
N ILE A 515 43.03 30.62 -7.50
CA ILE A 515 42.45 29.29 -7.38
C ILE A 515 40.99 29.37 -7.77
N ALA A 516 40.58 28.56 -8.75
CA ALA A 516 39.24 28.64 -9.31
C ALA A 516 38.21 28.20 -8.27
N LYS A 517 37.11 28.94 -8.20
CA LYS A 517 35.99 28.64 -7.32
C LYS A 517 34.77 28.26 -8.15
N THR A 518 33.73 27.80 -7.45
CA THR A 518 32.47 27.47 -8.11
C THR A 518 31.52 28.64 -8.01
N SER A 519 30.32 28.47 -8.56
CA SER A 519 29.33 29.55 -8.55
C SER A 519 28.92 29.92 -7.12
N VAL A 520 28.74 28.93 -6.26
CA VAL A 520 28.36 29.19 -4.88
C VAL A 520 29.53 29.82 -4.12
N GLY A 521 30.73 29.30 -4.30
CA GLY A 521 31.89 29.86 -3.62
C GLY A 521 32.88 28.83 -3.11
N LYS A 522 32.56 27.55 -3.26
CA LYS A 522 33.48 26.49 -2.90
C LYS A 522 34.60 26.36 -3.93
N VAL A 523 35.68 25.69 -3.53
CA VAL A 523 36.81 25.51 -4.42
C VAL A 523 36.48 24.47 -5.48
N ASP A 524 36.72 24.81 -6.74
CA ASP A 524 36.41 23.94 -7.88
C ASP A 524 37.61 23.04 -8.14
N LYS A 525 37.60 21.85 -7.53
CA LYS A 525 38.74 20.94 -7.70
C LYS A 525 38.74 20.30 -9.08
N LYS A 526 37.57 20.07 -9.67
CA LYS A 526 37.53 19.50 -11.01
C LYS A 526 38.09 20.48 -12.04
N GLU A 527 37.80 21.77 -11.87
CA GLU A 527 38.39 22.77 -12.76
C GLU A 527 39.90 22.83 -12.60
N LEU A 528 40.38 22.72 -11.36
CA LEU A 528 41.83 22.71 -11.13
C LEU A 528 42.47 21.49 -11.77
N ARG A 529 41.80 20.34 -11.72
CA ARG A 529 42.31 19.16 -12.41
C ARG A 529 42.33 19.36 -13.91
N LYS A 530 41.33 20.07 -14.44
CA LYS A 530 41.31 20.36 -15.87
C LYS A 530 42.48 21.26 -16.27
N LEU A 531 42.73 22.32 -15.51
CA LEU A 531 43.83 23.23 -15.84
C LEU A 531 45.17 22.60 -15.50
N HIS A 532 45.38 22.27 -14.23
CA HIS A 532 46.62 21.67 -13.77
C HIS A 532 46.45 20.16 -13.71
N LEU A 533 47.39 19.44 -14.30
CA LEU A 533 47.28 17.98 -14.35
C LEU A 533 47.50 17.37 -12.97
N TYR B 4 13.67 -9.30 5.65
CA TYR B 4 12.28 -8.92 5.47
C TYR B 4 11.36 -10.13 5.37
N VAL B 5 10.28 -10.10 6.13
CA VAL B 5 9.30 -11.18 6.15
C VAL B 5 7.97 -10.65 5.66
N ASN B 6 7.36 -11.37 4.71
CA ASN B 6 6.02 -11.07 4.21
C ASN B 6 5.09 -12.22 4.54
N ASP B 7 3.85 -11.90 4.83
CA ASP B 7 2.86 -12.96 5.07
C ASP B 7 2.54 -13.70 3.78
N PRO B 8 2.44 -15.03 3.82
CA PRO B 8 2.19 -15.78 2.58
C PRO B 8 0.81 -15.56 1.99
N SER B 9 -0.15 -15.09 2.78
CA SER B 9 -1.52 -14.92 2.27
C SER B 9 -1.57 -13.86 1.18
N ASN B 10 -0.77 -12.80 1.32
CA ASN B 10 -0.76 -11.72 0.33
C ASN B 10 -0.20 -12.23 -0.98
N TYR B 11 -1.00 -12.19 -2.03
CA TYR B 11 -0.63 -12.69 -3.34
C TYR B 11 -0.26 -11.54 -4.26
N GLN B 12 0.85 -11.70 -4.98
CA GLN B 12 1.34 -10.69 -5.91
C GLN B 12 1.24 -11.22 -7.33
N LEU B 13 0.70 -10.41 -8.22
CA LEU B 13 0.59 -10.78 -9.63
C LEU B 13 1.95 -10.58 -10.30
N LEU B 14 2.60 -11.67 -10.67
CA LEU B 14 3.94 -11.62 -11.23
C LEU B 14 3.99 -12.46 -12.50
N ILE B 15 4.96 -12.14 -13.35
CA ILE B 15 5.14 -12.87 -14.60
C ILE B 15 5.61 -14.30 -14.35
N LYS B 16 6.34 -14.53 -13.25
CA LYS B 16 6.74 -15.89 -12.91
C LYS B 16 5.52 -16.78 -12.65
N ASN B 17 4.42 -16.19 -12.18
CA ASN B 17 3.18 -16.95 -12.06
C ASN B 17 2.56 -17.20 -13.42
N LEU B 18 2.78 -16.31 -14.37
CA LEU B 18 2.32 -16.52 -15.73
C LEU B 18 3.03 -17.72 -16.36
N LEU B 19 4.33 -17.87 -16.07
CA LEU B 19 5.07 -18.97 -16.67
C LEU B 19 4.85 -20.29 -15.92
N PHE B 20 4.91 -20.25 -14.59
CA PHE B 20 4.93 -21.47 -13.79
C PHE B 20 3.53 -21.95 -13.39
N SER B 21 2.49 -21.17 -13.65
CA SER B 21 1.11 -21.56 -13.36
C SER B 21 0.25 -21.29 -14.59
N PRO B 22 0.48 -22.02 -15.68
CA PRO B 22 -0.24 -21.74 -16.93
C PRO B 22 -1.66 -22.29 -16.89
N VAL B 23 -2.43 -21.93 -17.92
CA VAL B 23 -3.71 -22.58 -18.13
C VAL B 23 -3.50 -24.06 -18.44
N ALA B 24 -2.53 -24.37 -19.28
CA ALA B 24 -2.16 -25.74 -19.62
C ALA B 24 -0.67 -25.79 -19.88
N PHE B 25 0.01 -26.77 -19.28
CA PHE B 25 1.43 -26.99 -19.52
C PHE B 25 1.63 -28.34 -20.16
N ASN B 26 2.31 -28.36 -21.30
CA ASN B 26 2.61 -29.61 -22.01
C ASN B 26 4.12 -29.74 -22.14
N PRO B 27 4.76 -30.67 -21.44
CA PRO B 27 6.23 -30.74 -21.48
C PRO B 27 6.80 -31.01 -22.86
N GLU B 28 6.09 -31.68 -23.73
CA GLU B 28 6.60 -32.04 -25.00
C GLU B 28 6.12 -31.19 -26.12
N GLN B 29 5.45 -30.09 -25.83
CA GLN B 29 5.09 -29.12 -26.86
C GLN B 29 6.34 -28.40 -27.36
N GLU B 30 6.31 -27.99 -28.63
CA GLU B 30 7.50 -27.50 -29.33
C GLU B 30 7.53 -25.99 -29.41
N ILE B 31 8.70 -25.42 -29.15
CA ILE B 31 9.04 -24.06 -29.54
C ILE B 31 9.99 -24.17 -30.73
N VAL B 32 9.62 -23.51 -31.83
CA VAL B 32 10.29 -23.65 -33.11
C VAL B 32 10.81 -22.28 -33.55
N TYR B 33 12.09 -22.22 -33.90
CA TYR B 33 12.70 -21.07 -34.54
C TYR B 33 13.07 -21.48 -35.95
N ALA B 34 12.51 -20.77 -36.92
CA ALA B 34 12.34 -21.24 -38.30
C ALA B 34 13.59 -21.87 -38.86
N ASN B 35 13.53 -23.18 -39.11
CA ASN B 35 14.58 -23.97 -39.74
C ASN B 35 15.90 -23.91 -38.98
N HIS B 36 15.90 -23.36 -37.77
CA HIS B 36 17.11 -23.19 -36.99
C HIS B 36 17.12 -24.06 -35.74
N ARG B 37 16.08 -24.00 -34.91
CA ARG B 37 16.16 -24.60 -33.59
C ARG B 37 14.78 -25.03 -33.12
N ARG B 38 14.61 -26.32 -32.86
CA ARG B 38 13.41 -26.86 -32.24
C ARG B 38 13.76 -27.38 -30.86
N HIS B 39 12.99 -26.96 -29.85
CA HIS B 39 13.11 -27.59 -28.54
C HIS B 39 11.73 -27.65 -27.91
N SER B 40 11.66 -28.15 -26.68
CA SER B 40 10.39 -28.38 -26.00
C SER B 40 10.21 -27.37 -24.88
N TYR B 41 9.02 -27.40 -24.26
CA TYR B 41 8.75 -26.51 -23.13
C TYR B 41 9.59 -26.87 -21.92
N LYS B 42 9.94 -28.15 -21.78
CA LYS B 42 10.73 -28.64 -20.66
C LYS B 42 12.18 -28.23 -20.88
N THR B 43 12.47 -27.77 -22.09
CA THR B 43 13.79 -27.23 -22.40
C THR B 43 13.72 -25.72 -22.30
N PHE B 44 12.56 -25.15 -22.63
CA PHE B 44 12.34 -23.72 -22.51
C PHE B 44 12.44 -23.24 -21.07
N HIS B 45 11.87 -23.99 -20.12
CA HIS B 45 11.96 -23.60 -18.72
C HIS B 45 13.41 -23.67 -18.21
N ASP B 46 14.12 -24.74 -18.54
CA ASP B 46 15.51 -24.86 -18.15
C ASP B 46 16.34 -23.74 -18.76
N ARG B 47 16.04 -23.38 -20.01
CA ARG B 47 16.74 -22.29 -20.68
C ARG B 47 16.50 -20.97 -19.99
N VAL B 48 15.26 -20.73 -19.55
CA VAL B 48 14.95 -19.50 -18.82
C VAL B 48 15.74 -19.43 -17.52
N ARG B 49 15.80 -20.56 -16.80
CA ARG B 49 16.56 -20.57 -15.55
C ARG B 49 18.06 -20.37 -15.79
N GLN B 50 18.59 -20.97 -16.86
CA GLN B 50 19.98 -20.76 -17.21
C GLN B 50 20.26 -19.30 -17.54
N PHE B 51 19.35 -18.65 -18.28
CA PHE B 51 19.52 -17.23 -18.58
C PHE B 51 19.45 -16.38 -17.32
N ALA B 52 18.59 -16.74 -16.38
CA ALA B 52 18.54 -16.03 -15.11
C ALA B 52 19.86 -16.17 -14.36
N ASN B 53 20.42 -17.38 -14.33
CA ASN B 53 21.72 -17.57 -13.68
C ASN B 53 22.80 -16.74 -14.37
N ALA B 54 22.80 -16.71 -15.70
CA ALA B 54 23.81 -15.97 -16.43
C ALA B 54 23.68 -14.46 -16.18
N LEU B 55 22.44 -13.96 -16.14
CA LEU B 55 22.23 -12.55 -15.85
C LEU B 55 22.68 -12.19 -14.44
N THR B 56 22.38 -13.05 -13.46
CA THR B 56 22.83 -12.79 -12.10
C THR B 56 24.35 -12.79 -12.01
N LYS B 57 24.99 -13.72 -12.72
CA LYS B 57 26.45 -13.76 -12.75
C LYS B 57 27.04 -12.50 -13.39
N MET B 58 26.31 -11.89 -14.32
CA MET B 58 26.78 -10.71 -15.04
C MET B 58 26.67 -9.43 -14.24
N GLY B 59 26.04 -9.45 -13.07
CA GLY B 59 25.87 -8.28 -12.26
C GLY B 59 24.54 -7.57 -12.38
N VAL B 60 23.58 -8.14 -13.13
CA VAL B 60 22.27 -7.52 -13.26
C VAL B 60 21.51 -7.68 -11.95
N LYS B 61 20.87 -6.61 -11.51
CA LYS B 61 20.18 -6.56 -10.23
C LYS B 61 18.73 -6.12 -10.44
N LYS B 62 18.04 -5.83 -9.33
CA LYS B 62 16.62 -5.52 -9.37
C LYS B 62 16.31 -4.19 -10.05
N GLY B 63 17.31 -3.32 -10.25
CA GLY B 63 17.03 -2.05 -10.87
C GLY B 63 17.69 -1.86 -12.22
N ASP B 64 18.50 -2.83 -12.64
CA ASP B 64 19.28 -2.66 -13.85
C ASP B 64 18.39 -2.78 -15.09
N THR B 65 18.95 -2.37 -16.23
CA THR B 65 18.22 -2.35 -17.49
C THR B 65 18.98 -3.15 -18.54
N VAL B 66 18.26 -4.03 -19.22
CA VAL B 66 18.78 -4.83 -20.31
C VAL B 66 18.01 -4.49 -21.56
N ALA B 67 18.72 -4.08 -22.61
CA ALA B 67 18.14 -3.75 -23.89
C ALA B 67 18.36 -4.90 -24.86
N VAL B 68 17.38 -5.17 -25.71
CA VAL B 68 17.44 -6.24 -26.68
C VAL B 68 17.20 -5.67 -28.06
N MET B 69 17.98 -6.11 -29.04
CA MET B 69 17.90 -5.62 -30.42
C MET B 69 18.13 -6.82 -31.35
N ASP B 70 17.05 -7.55 -31.61
CA ASP B 70 17.09 -8.70 -32.53
C ASP B 70 15.74 -8.96 -33.17
N TYR B 71 15.63 -10.03 -33.95
CA TYR B 71 14.38 -10.40 -34.61
C TYR B 71 13.54 -11.34 -33.77
N ASP B 72 12.45 -11.84 -34.34
CA ASP B 72 11.58 -12.77 -33.65
C ASP B 72 12.23 -14.11 -33.57
N SER B 73 12.50 -14.59 -32.37
CA SER B 73 13.21 -15.84 -32.18
C SER B 73 12.89 -16.37 -30.80
N HIS B 74 13.41 -17.56 -30.50
CA HIS B 74 13.26 -18.12 -29.16
C HIS B 74 13.98 -17.26 -28.13
N ARG B 75 15.09 -16.64 -28.52
CA ARG B 75 15.84 -15.81 -27.58
C ARG B 75 15.02 -14.62 -27.11
N TYR B 76 14.20 -14.04 -27.98
CA TYR B 76 13.39 -12.90 -27.57
C TYR B 76 12.33 -13.30 -26.56
N LEU B 77 11.70 -14.46 -26.75
CA LEU B 77 10.75 -14.96 -25.77
C LEU B 77 11.44 -15.26 -24.44
N GLU B 78 12.63 -15.86 -24.49
CA GLU B 78 13.39 -16.12 -23.28
C GLU B 78 13.72 -14.84 -22.55
N CYS B 79 14.08 -13.78 -23.29
CA CYS B 79 14.32 -12.48 -22.66
C CYS B 79 13.05 -11.94 -22.02
N TYR B 80 11.95 -11.94 -22.78
CA TYR B 80 10.63 -11.50 -22.34
C TYR B 80 10.28 -12.10 -20.98
N PHE B 81 10.61 -13.37 -20.79
CA PHE B 81 10.25 -14.01 -19.54
C PHE B 81 11.32 -13.91 -18.46
N ALA B 82 12.60 -13.95 -18.82
CA ALA B 82 13.65 -14.07 -17.81
C ALA B 82 14.04 -12.74 -17.23
N ILE B 83 14.12 -11.68 -18.04
CA ILE B 83 14.58 -10.39 -17.53
C ILE B 83 13.62 -9.81 -16.50
N PRO B 84 12.30 -9.74 -16.72
CA PRO B 84 11.41 -9.27 -15.66
C PRO B 84 11.40 -10.14 -14.42
N MET B 85 11.58 -11.45 -14.55
CA MET B 85 11.52 -12.34 -13.39
C MET B 85 12.64 -12.04 -12.40
N ILE B 86 13.84 -11.73 -12.90
CA ILE B 86 14.94 -11.30 -12.04
C ILE B 86 14.59 -10.03 -11.29
N GLY B 87 13.70 -9.21 -11.83
CA GLY B 87 13.41 -7.91 -11.28
C GLY B 87 13.94 -6.76 -12.11
N ALA B 88 14.76 -7.04 -13.13
CA ALA B 88 15.28 -6.00 -13.99
C ALA B 88 14.19 -5.50 -14.92
N LYS B 89 14.55 -4.53 -15.76
CA LYS B 89 13.63 -3.91 -16.69
C LYS B 89 14.09 -4.21 -18.11
N LEU B 90 13.12 -4.61 -18.94
CA LEU B 90 13.41 -5.02 -20.32
C LEU B 90 13.10 -3.84 -21.24
N HIS B 91 14.14 -3.28 -21.85
CA HIS B 91 13.99 -2.20 -22.81
C HIS B 91 13.97 -2.79 -24.22
N MET B 92 12.88 -2.55 -24.94
CA MET B 92 12.74 -3.05 -26.30
C MET B 92 13.13 -1.95 -27.28
N ILE B 93 14.12 -2.23 -28.12
CA ILE B 93 14.67 -1.24 -29.05
C ILE B 93 14.05 -1.44 -30.42
N ASN B 94 13.47 -0.38 -30.97
CA ASN B 94 12.91 -0.42 -32.31
C ASN B 94 14.04 -0.29 -33.33
N VAL B 95 14.32 -1.39 -34.02
CA VAL B 95 15.47 -1.43 -34.92
C VAL B 95 15.21 -0.68 -36.22
N ARG B 96 13.96 -0.30 -36.49
CA ARG B 96 13.65 0.41 -37.72
C ARG B 96 13.81 1.93 -37.59
N LEU B 97 14.05 2.44 -36.39
CA LEU B 97 14.34 3.84 -36.23
C LEU B 97 15.72 4.18 -36.80
N SER B 98 15.92 5.46 -37.09
CA SER B 98 17.23 5.92 -37.55
C SER B 98 18.24 5.77 -36.42
N PRO B 99 19.53 5.58 -36.76
CA PRO B 99 20.53 5.38 -35.71
C PRO B 99 20.61 6.51 -34.71
N GLU B 100 20.36 7.76 -35.13
CA GLU B 100 20.35 8.86 -34.18
C GLU B 100 19.19 8.73 -33.18
N GLN B 101 18.01 8.33 -33.66
CA GLN B 101 16.89 8.11 -32.76
C GLN B 101 17.16 6.94 -31.81
N ILE B 102 17.81 5.89 -32.31
CA ILE B 102 18.17 4.77 -31.44
C ILE B 102 19.16 5.23 -30.37
N LEU B 103 20.13 6.05 -30.75
CA LEU B 103 21.05 6.63 -29.76
C LEU B 103 20.31 7.45 -28.73
N TYR B 104 19.35 8.27 -29.17
CA TYR B 104 18.59 9.07 -28.23
C TYR B 104 17.83 8.19 -27.23
N THR B 105 17.17 7.14 -27.73
CA THR B 105 16.42 6.26 -26.83
C THR B 105 17.36 5.52 -25.87
N ILE B 106 18.52 5.08 -26.36
CA ILE B 106 19.46 4.35 -25.51
C ILE B 106 19.98 5.25 -24.40
N ASP B 107 20.35 6.49 -24.74
CA ASP B 107 20.80 7.43 -23.72
C ASP B 107 19.68 7.78 -22.75
N HIS B 108 18.46 7.92 -23.25
CA HIS B 108 17.33 8.27 -22.39
C HIS B 108 17.02 7.16 -21.39
N ALA B 109 17.04 5.91 -21.84
CA ALA B 109 16.72 4.79 -20.96
C ALA B 109 17.87 4.40 -20.04
N GLU B 110 19.11 4.70 -20.42
CA GLU B 110 20.30 4.38 -19.63
C GLU B 110 20.40 2.87 -19.39
N ASP B 111 20.54 2.14 -20.49
CA ASP B 111 20.63 0.69 -20.41
C ASP B 111 21.97 0.25 -19.84
N ASP B 112 21.92 -0.84 -19.05
CA ASP B 112 23.12 -1.40 -18.45
C ASP B 112 23.75 -2.48 -19.31
N ILE B 113 22.95 -3.39 -19.87
CA ILE B 113 23.45 -4.46 -20.73
C ILE B 113 22.74 -4.37 -22.06
N ILE B 114 23.43 -4.67 -23.15
CA ILE B 114 22.82 -4.66 -24.48
C ILE B 114 23.06 -6.00 -25.15
N LEU B 115 21.97 -6.67 -25.54
CA LEU B 115 22.02 -7.86 -26.37
C LEU B 115 21.63 -7.46 -27.78
N ILE B 116 22.52 -7.70 -28.73
CA ILE B 116 22.33 -7.20 -30.10
C ILE B 116 22.64 -8.32 -31.07
N HIS B 117 21.81 -8.44 -32.11
CA HIS B 117 22.08 -9.41 -33.15
C HIS B 117 23.32 -9.01 -33.95
N GLU B 118 23.80 -9.94 -34.77
CA GLU B 118 25.01 -9.71 -35.55
C GLU B 118 24.66 -8.98 -36.82
N GLU B 119 23.38 -8.66 -36.99
CA GLU B 119 22.90 -8.00 -38.20
C GLU B 119 22.85 -6.49 -38.00
N PHE B 120 22.65 -6.07 -36.75
CA PHE B 120 22.58 -4.66 -36.41
C PHE B 120 23.92 -4.12 -35.94
N LEU B 121 24.95 -4.95 -36.05
CA LEU B 121 26.29 -4.51 -35.67
C LEU B 121 26.77 -3.28 -36.45
N PRO B 122 26.57 -3.17 -37.76
CA PRO B 122 26.96 -1.92 -38.44
C PRO B 122 26.24 -0.69 -37.90
N ILE B 123 24.99 -0.81 -37.49
CA ILE B 123 24.29 0.31 -36.87
C ILE B 123 24.95 0.68 -35.54
N LEU B 124 25.30 -0.34 -34.75
CA LEU B 124 25.96 -0.07 -33.47
C LEU B 124 27.34 0.55 -33.67
N ASP B 125 27.97 0.27 -34.81
CA ASP B 125 29.28 0.85 -35.08
C ASP B 125 29.20 2.37 -35.19
N GLN B 126 28.17 2.87 -35.85
CA GLN B 126 27.95 4.31 -35.91
C GLN B 126 27.59 4.88 -34.54
N ILE B 127 26.82 4.15 -33.75
CA ILE B 127 26.39 4.62 -32.44
C ILE B 127 27.11 3.76 -31.40
N LYS B 128 28.41 3.99 -31.22
CA LYS B 128 29.11 3.25 -30.18
C LYS B 128 29.97 4.19 -29.34
N GLY B 129 30.58 5.18 -29.99
CA GLY B 129 31.37 6.17 -29.28
C GLY B 129 30.56 7.04 -28.35
N ARG B 130 29.34 7.35 -28.75
CA ARG B 130 28.49 8.30 -28.05
C ARG B 130 27.58 7.63 -27.03
N ILE B 131 27.69 6.33 -26.85
CA ILE B 131 26.94 5.59 -25.84
C ILE B 131 27.77 5.55 -24.56
N ASP B 132 27.18 5.82 -23.40
CA ASP B 132 27.95 5.89 -22.15
C ASP B 132 27.70 4.83 -21.10
N THR B 133 26.45 4.48 -20.83
CA THR B 133 26.10 3.55 -19.75
C THR B 133 26.25 2.06 -19.95
N VAL B 134 26.59 1.59 -21.14
CA VAL B 134 26.61 0.16 -21.36
C VAL B 134 27.91 -0.53 -21.03
N THR B 135 27.86 -1.47 -20.09
CA THR B 135 29.05 -2.18 -19.68
C THR B 135 29.29 -3.48 -20.44
N ARG B 136 28.33 -3.93 -21.25
CA ARG B 136 28.51 -5.19 -21.96
C ARG B 136 27.57 -5.26 -23.16
N TYR B 137 28.13 -5.75 -24.27
CA TYR B 137 27.37 -6.10 -25.47
C TYR B 137 27.49 -7.60 -25.69
N VAL B 138 26.35 -8.25 -25.91
CA VAL B 138 26.30 -9.69 -26.16
C VAL B 138 25.78 -9.87 -27.58
N VAL B 139 26.61 -10.46 -28.44
CA VAL B 139 26.29 -10.60 -29.85
C VAL B 139 25.56 -11.90 -30.07
N LEU B 140 24.38 -11.82 -30.69
CA LEU B 140 23.53 -12.97 -30.97
C LEU B 140 23.74 -13.42 -32.41
N ARG B 141 23.75 -14.73 -32.62
CA ARG B 141 24.00 -15.31 -33.93
C ARG B 141 23.05 -16.49 -34.13
N ASP B 142 22.87 -16.87 -35.38
CA ASP B 142 22.02 -17.99 -35.74
C ASP B 142 22.76 -19.31 -35.84
N ASP B 143 24.07 -19.32 -35.52
CA ASP B 143 24.87 -20.52 -35.52
C ASP B 143 25.34 -20.82 -34.10
N GLU B 144 26.21 -21.83 -33.97
CA GLU B 144 26.75 -22.19 -32.66
C GLU B 144 27.71 -21.14 -32.11
N GLU B 145 28.16 -20.20 -32.94
CA GLU B 145 29.07 -19.15 -32.50
C GLU B 145 28.36 -18.04 -31.74
N CYS B 146 27.10 -18.21 -31.41
CA CYS B 146 26.37 -17.20 -30.66
C CYS B 146 26.93 -17.05 -29.26
N GLU B 147 27.09 -15.80 -28.82
CA GLU B 147 27.57 -15.56 -27.46
C GLU B 147 26.48 -15.82 -26.43
N TYR B 148 25.22 -15.69 -26.84
CA TYR B 148 24.10 -16.00 -25.96
C TYR B 148 24.10 -17.48 -25.58
N GLU B 149 24.31 -18.36 -26.56
CA GLU B 149 24.37 -19.78 -26.28
C GLU B 149 25.58 -20.12 -25.43
N ARG B 150 26.72 -19.49 -25.72
CA ARG B 150 27.92 -19.73 -24.92
C ARG B 150 27.71 -19.31 -23.47
N LEU B 151 27.03 -18.19 -23.24
CA LEU B 151 26.72 -17.75 -21.89
C LEU B 151 25.68 -18.61 -21.21
N LEU B 152 24.76 -19.21 -21.97
CA LEU B 152 23.74 -20.05 -21.37
C LEU B 152 24.30 -21.42 -20.98
N GLU B 153 25.23 -21.95 -21.77
CA GLU B 153 25.66 -23.33 -21.56
C GLU B 153 26.60 -23.50 -20.38
N GLN B 154 27.02 -22.42 -19.72
CA GLN B 154 27.90 -22.54 -18.57
C GLN B 154 27.14 -22.69 -17.25
N GLU B 155 25.87 -22.33 -17.20
CA GLU B 155 25.11 -22.30 -15.96
C GLU B 155 24.21 -23.52 -15.83
N SER B 156 23.73 -23.73 -14.61
CA SER B 156 22.83 -24.83 -14.27
C SER B 156 21.39 -24.42 -14.52
N THR B 157 20.54 -25.44 -14.62
CA THR B 157 19.11 -25.25 -14.89
C THR B 157 18.28 -25.14 -13.62
N GLU B 158 18.88 -24.70 -12.52
CA GLU B 158 18.18 -24.54 -11.26
C GLU B 158 18.28 -23.08 -10.81
N TYR B 159 17.14 -22.48 -10.50
CA TYR B 159 17.11 -21.11 -10.06
C TYR B 159 15.83 -20.88 -9.25
N ASN B 160 15.93 -20.12 -8.18
CA ASN B 160 14.80 -19.75 -7.34
C ASN B 160 14.45 -18.30 -7.61
N PHE B 161 13.35 -18.08 -8.31
CA PHE B 161 12.97 -16.73 -8.72
C PHE B 161 12.35 -15.99 -7.54
N PRO B 162 12.84 -14.80 -7.21
CA PRO B 162 12.29 -14.07 -6.06
C PRO B 162 10.93 -13.47 -6.37
N ASP B 163 10.15 -13.26 -5.33
CA ASP B 163 8.94 -12.46 -5.43
C ASP B 163 9.18 -11.08 -4.86
N PHE B 164 8.39 -10.12 -5.33
CA PHE B 164 8.52 -8.73 -4.91
C PHE B 164 7.18 -8.05 -5.11
N ASP B 165 7.18 -6.72 -5.00
CA ASP B 165 5.96 -5.96 -5.20
C ASP B 165 5.50 -6.07 -6.65
N GLU B 166 4.18 -6.17 -6.84
CA GLU B 166 3.62 -6.34 -8.17
C GLU B 166 3.60 -5.05 -8.98
N ASN B 167 4.00 -3.93 -8.40
CA ASN B 167 4.04 -2.65 -9.09
C ASN B 167 5.44 -2.29 -9.58
N THR B 168 6.36 -3.24 -9.56
CA THR B 168 7.69 -3.01 -10.10
C THR B 168 7.66 -3.04 -11.62
N VAL B 169 8.36 -2.09 -12.24
CA VAL B 169 8.34 -1.97 -13.70
C VAL B 169 9.02 -3.17 -14.32
N ALA B 170 8.40 -3.72 -15.37
CA ALA B 170 8.89 -4.90 -16.06
C ALA B 170 9.42 -4.60 -17.45
N THR B 171 8.69 -3.85 -18.26
CA THR B 171 9.05 -3.60 -19.65
C THR B 171 8.94 -2.11 -19.96
N THR B 172 9.70 -1.69 -20.97
CA THR B 172 9.65 -0.32 -21.46
C THR B 172 10.04 -0.29 -22.93
N PHE B 173 9.47 0.67 -23.65
CA PHE B 173 9.81 0.90 -25.06
C PHE B 173 9.37 2.30 -25.42
N TYR B 174 9.68 2.69 -26.65
CA TYR B 174 9.43 4.04 -27.13
C TYR B 174 8.49 4.03 -28.32
N THR B 175 7.71 5.11 -28.45
CA THR B 175 6.76 5.22 -29.54
C THR B 175 7.49 5.46 -30.86
N THR B 176 6.75 5.34 -31.96
CA THR B 176 7.34 5.48 -33.29
C THR B 176 7.87 6.89 -33.51
N GLY B 177 7.11 7.90 -33.08
CA GLY B 177 7.57 9.27 -33.18
C GLY B 177 7.17 9.99 -34.44
N THR B 178 5.95 9.71 -34.93
CA THR B 178 5.46 10.43 -36.11
C THR B 178 5.18 11.88 -35.78
N THR B 179 4.88 12.19 -34.53
CA THR B 179 4.55 13.57 -34.15
C THR B 179 5.64 14.22 -33.32
N GLY B 180 6.62 13.49 -32.84
CA GLY B 180 7.67 14.18 -32.16
C GLY B 180 8.87 13.35 -32.04
N PHE B 181 9.43 13.34 -30.85
CA PHE B 181 10.55 12.51 -30.61
C PHE B 181 9.85 11.32 -30.01
N PRO B 182 10.49 10.18 -30.01
CA PRO B 182 9.84 9.06 -29.33
C PRO B 182 9.50 9.26 -27.86
N LYS B 183 8.43 8.63 -27.36
CA LYS B 183 8.00 8.81 -25.98
C LYS B 183 8.12 7.47 -25.26
N GLY B 184 8.74 7.49 -24.09
CA GLY B 184 8.95 6.26 -23.35
C GLY B 184 7.74 5.87 -22.53
N VAL B 185 7.30 4.63 -22.69
CA VAL B 185 6.17 4.08 -21.97
C VAL B 185 6.59 2.81 -21.26
N PHE B 186 6.08 2.60 -20.05
CA PHE B 186 6.49 1.47 -19.23
C PHE B 186 5.28 0.82 -18.59
N PHE B 187 5.42 -0.46 -18.26
CA PHE B 187 4.35 -1.25 -17.65
C PHE B 187 4.94 -2.09 -16.53
N THR B 188 4.09 -2.50 -15.60
CA THR B 188 4.50 -3.28 -14.46
C THR B 188 4.09 -4.74 -14.62
N HIS B 189 4.49 -5.56 -13.64
CA HIS B 189 4.11 -6.97 -13.66
C HIS B 189 2.61 -7.15 -13.57
N ARG B 190 1.98 -6.41 -12.66
CA ARG B 190 0.54 -6.47 -12.49
C ARG B 190 -0.16 -6.16 -13.77
N GLN B 191 0.22 -5.07 -14.43
CA GLN B 191 -0.44 -4.64 -15.65
C GLN B 191 -0.34 -5.70 -16.75
N LEU B 192 0.84 -6.29 -16.91
CA LEU B 192 1.00 -7.31 -17.95
C LEU B 192 0.18 -8.55 -17.65
N VAL B 193 0.16 -9.00 -16.39
CA VAL B 193 -0.63 -10.17 -16.02
C VAL B 193 -2.12 -9.90 -16.26
N LEU B 194 -2.59 -8.72 -15.84
CA LEU B 194 -4.00 -8.39 -16.03
C LEU B 194 -4.35 -8.27 -17.50
N HIS B 195 -3.45 -7.71 -18.31
CA HIS B 195 -3.71 -7.62 -19.74
C HIS B 195 -3.82 -9.00 -20.37
N THR B 196 -2.91 -9.90 -20.00
CA THR B 196 -2.98 -11.27 -20.53
C THR B 196 -4.30 -11.92 -20.17
N MET B 197 -4.69 -11.88 -18.90
CA MET B 197 -5.95 -12.50 -18.49
C MET B 197 -7.18 -11.85 -19.12
N GLY B 198 -7.22 -10.53 -19.19
CA GLY B 198 -8.36 -9.85 -19.78
C GLY B 198 -8.53 -10.15 -21.25
N ILE B 199 -7.42 -10.13 -22.00
CA ILE B 199 -7.53 -10.43 -23.43
C ILE B 199 -7.89 -11.89 -23.65
N LEU B 200 -7.36 -12.80 -22.81
CA LEU B 200 -7.73 -14.20 -22.94
C LEU B 200 -9.22 -14.39 -22.67
N SER B 201 -9.74 -13.73 -21.63
CA SER B 201 -11.17 -13.82 -21.35
C SER B 201 -12.00 -13.24 -22.49
N THR B 202 -11.53 -12.16 -23.11
CA THR B 202 -12.30 -11.54 -24.18
C THR B 202 -12.33 -12.38 -25.44
N ILE B 203 -11.16 -12.87 -25.89
CA ILE B 203 -11.12 -13.51 -27.21
C ILE B 203 -11.31 -15.03 -27.14
N GLY B 204 -11.04 -15.65 -26.00
CA GLY B 204 -11.24 -17.08 -25.89
C GLY B 204 -12.68 -17.51 -25.73
N THR B 205 -13.54 -16.61 -25.27
CA THR B 205 -14.93 -16.93 -24.99
C THR B 205 -15.86 -16.64 -26.15
N ASN B 206 -15.32 -16.27 -27.31
CA ASN B 206 -16.16 -16.07 -28.49
C ASN B 206 -16.76 -17.40 -28.92
N ALA B 207 -17.97 -17.33 -29.46
CA ALA B 207 -18.74 -18.52 -29.76
C ALA B 207 -18.09 -19.37 -30.86
N SER B 208 -17.91 -18.80 -32.05
CA SER B 208 -17.42 -19.58 -33.17
C SER B 208 -16.50 -18.83 -34.13
N GLN B 209 -16.14 -17.58 -33.87
CA GLN B 209 -15.33 -16.81 -34.79
C GLN B 209 -14.23 -16.07 -34.05
N GLY B 210 -13.03 -16.10 -34.62
CA GLY B 210 -11.93 -15.29 -34.12
C GLY B 210 -11.55 -15.55 -32.69
N ARG B 211 -11.42 -16.82 -32.31
CA ARG B 211 -11.06 -17.18 -30.94
C ARG B 211 -9.71 -17.88 -30.91
N LEU B 212 -8.99 -17.65 -29.82
CA LEU B 212 -7.71 -18.28 -29.55
C LEU B 212 -7.91 -19.30 -28.44
N HIS B 213 -7.61 -20.56 -28.74
CA HIS B 213 -7.80 -21.63 -27.77
C HIS B 213 -6.52 -22.47 -27.68
N GLN B 214 -6.59 -23.51 -26.83
CA GLN B 214 -5.42 -24.31 -26.51
C GLN B 214 -4.98 -25.23 -27.64
N GLY B 215 -5.76 -25.36 -28.70
CA GLY B 215 -5.38 -26.17 -29.84
C GLY B 215 -4.75 -25.42 -30.99
N ASP B 216 -4.47 -24.13 -30.83
CA ASP B 216 -3.95 -23.32 -31.91
C ASP B 216 -2.43 -23.42 -31.99
N ILE B 217 -1.90 -22.97 -33.13
CA ILE B 217 -0.46 -22.83 -33.36
C ILE B 217 -0.21 -21.38 -33.70
N TYR B 218 0.71 -20.74 -32.98
CA TYR B 218 0.87 -19.30 -33.01
C TYR B 218 2.19 -18.91 -33.67
N MET B 219 2.11 -17.99 -34.62
CA MET B 219 3.30 -17.41 -35.25
C MET B 219 3.13 -15.90 -35.34
N PRO B 220 4.05 -15.13 -34.77
CA PRO B 220 3.93 -13.66 -34.87
C PRO B 220 4.46 -13.14 -36.20
N ILE B 221 3.77 -12.12 -36.72
CA ILE B 221 4.27 -11.40 -37.88
C ILE B 221 4.43 -9.91 -37.62
N THR B 222 4.11 -9.42 -36.43
CA THR B 222 4.43 -8.04 -36.07
C THR B 222 5.87 -7.96 -35.55
N PRO B 223 6.46 -6.76 -35.55
CA PRO B 223 7.85 -6.61 -35.15
C PRO B 223 8.27 -7.31 -33.86
N MET B 224 7.40 -7.38 -32.87
CA MET B 224 7.60 -8.03 -31.57
C MET B 224 8.53 -7.23 -30.67
N PHE B 225 9.17 -6.18 -31.17
CA PHE B 225 9.93 -5.26 -30.33
C PHE B 225 9.21 -3.94 -30.11
N HIS B 226 7.99 -3.87 -30.60
CA HIS B 226 7.24 -2.67 -30.46
C HIS B 226 6.31 -2.94 -29.34
N VAL B 227 5.02 -3.02 -29.60
CA VAL B 227 4.00 -3.17 -28.56
C VAL B 227 3.83 -4.50 -27.86
N HIS B 228 4.90 -5.13 -27.39
CA HIS B 228 4.87 -6.47 -26.79
C HIS B 228 4.33 -7.49 -27.73
N ALA B 229 4.43 -7.28 -29.03
CA ALA B 229 3.81 -8.14 -30.02
C ALA B 229 2.38 -8.36 -29.65
N TRP B 230 1.68 -7.28 -29.32
CA TRP B 230 0.28 -7.34 -28.94
C TRP B 230 0.01 -8.21 -27.73
N GLY B 231 1.02 -8.47 -26.93
CA GLY B 231 0.88 -9.35 -25.79
C GLY B 231 0.67 -10.81 -26.15
N LEU B 232 0.69 -11.16 -27.42
CA LEU B 232 0.42 -12.53 -27.82
C LEU B 232 1.45 -13.53 -27.31
N PRO B 233 2.77 -13.28 -27.35
CA PRO B 233 3.71 -14.28 -26.83
C PRO B 233 3.47 -14.65 -25.39
N TYR B 234 3.03 -13.71 -24.55
CA TYR B 234 2.65 -14.07 -23.19
C TYR B 234 1.43 -14.98 -23.20
N MET B 235 0.36 -14.56 -23.88
CA MET B 235 -0.88 -15.32 -23.87
C MET B 235 -0.67 -16.73 -24.40
N ALA B 236 0.05 -16.86 -25.51
CA ALA B 236 0.35 -18.19 -26.05
C ALA B 236 1.07 -19.04 -25.00
N THR B 237 2.04 -18.45 -24.31
CA THR B 237 2.76 -19.23 -23.30
C THR B 237 1.85 -19.67 -22.17
N MET B 238 0.81 -18.89 -21.88
CA MET B 238 -0.15 -19.31 -20.86
C MET B 238 -0.99 -20.48 -21.35
N LEU B 239 -1.25 -20.55 -22.65
CA LEU B 239 -2.05 -21.65 -23.17
C LEU B 239 -1.22 -22.89 -23.49
N GLY B 240 0.10 -22.78 -23.46
CA GLY B 240 0.95 -23.92 -23.78
C GLY B 240 0.82 -24.39 -25.21
N VAL B 241 0.59 -23.47 -26.14
CA VAL B 241 0.43 -23.86 -27.53
C VAL B 241 1.77 -23.84 -28.24
N LYS B 242 1.81 -24.49 -29.40
CA LYS B 242 3.01 -24.48 -30.23
C LYS B 242 3.27 -23.09 -30.78
N GLN B 243 4.53 -22.67 -30.74
CA GLN B 243 4.92 -21.34 -31.16
C GLN B 243 6.01 -21.44 -32.22
N VAL B 244 5.82 -20.73 -33.33
CA VAL B 244 6.76 -20.72 -34.45
C VAL B 244 7.24 -19.30 -34.64
N TYR B 245 8.55 -19.12 -34.72
CA TYR B 245 9.14 -17.78 -34.87
C TYR B 245 9.88 -17.68 -36.19
N PRO B 246 9.46 -16.79 -37.09
CA PRO B 246 10.02 -16.78 -38.45
C PRO B 246 11.38 -16.12 -38.56
N GLY B 247 11.59 -15.00 -37.86
CA GLY B 247 12.82 -14.25 -38.02
C GLY B 247 12.69 -13.01 -38.87
N LYS B 248 13.13 -13.12 -40.13
CA LYS B 248 13.34 -11.98 -41.01
C LYS B 248 12.08 -11.48 -41.72
N TYR B 249 11.00 -12.23 -41.74
CA TYR B 249 9.80 -11.85 -42.51
C TYR B 249 10.00 -11.84 -43.99
N VAL B 250 10.49 -12.94 -44.53
CA VAL B 250 10.55 -13.02 -45.96
C VAL B 250 9.19 -13.70 -46.36
N PRO B 251 8.36 -13.12 -47.27
CA PRO B 251 7.05 -13.72 -47.59
C PRO B 251 7.13 -15.20 -47.97
N ASP B 252 8.17 -15.62 -48.68
CA ASP B 252 8.28 -17.03 -49.05
C ASP B 252 8.53 -17.91 -47.83
N VAL B 253 9.44 -17.52 -46.95
CA VAL B 253 9.69 -18.33 -45.77
C VAL B 253 8.47 -18.32 -44.85
N LEU B 254 7.72 -17.21 -44.82
CA LEU B 254 6.50 -17.15 -44.04
C LEU B 254 5.45 -18.11 -44.60
N LEU B 255 5.30 -18.13 -45.93
CA LEU B 255 4.29 -19.00 -46.54
C LEU B 255 4.75 -20.46 -46.52
N ASN B 256 6.02 -20.70 -46.24
CA ASN B 256 6.45 -22.08 -45.98
C ASN B 256 6.20 -22.48 -44.54
N LEU B 257 6.48 -21.57 -43.59
CA LEU B 257 6.24 -21.88 -42.19
C LEU B 257 4.77 -22.13 -41.92
N ILE B 258 3.89 -21.26 -42.43
CA ILE B 258 2.50 -21.65 -42.58
C ILE B 258 2.54 -22.72 -43.65
N GLU B 259 1.63 -23.70 -43.57
CA GLU B 259 1.67 -24.95 -44.33
C GLU B 259 2.55 -25.99 -43.63
N GLN B 260 3.87 -25.82 -43.59
CA GLN B 260 4.70 -26.86 -42.97
C GLN B 260 4.40 -27.03 -41.48
N GLU B 261 4.23 -25.94 -40.75
CA GLU B 261 3.95 -26.00 -39.32
C GLU B 261 2.46 -25.90 -39.01
N LYS B 262 1.62 -25.71 -40.01
CA LYS B 262 0.16 -25.62 -39.83
C LYS B 262 -0.22 -24.52 -38.84
N VAL B 263 0.27 -23.31 -39.10
CA VAL B 263 -0.04 -22.17 -38.24
C VAL B 263 -1.51 -21.80 -38.38
N THR B 264 -2.18 -21.59 -37.26
CA THR B 264 -3.59 -21.25 -37.26
C THR B 264 -3.89 -19.85 -36.73
N PHE B 265 -3.00 -19.26 -35.94
CA PHE B 265 -3.23 -17.94 -35.38
C PHE B 265 -1.99 -17.08 -35.57
N SER B 266 -2.20 -15.85 -36.03
CA SER B 266 -1.11 -14.91 -36.25
C SER B 266 -1.66 -13.50 -36.17
N HIS B 267 -0.76 -12.53 -36.35
CA HIS B 267 -1.14 -11.12 -36.35
C HIS B 267 -0.10 -10.34 -37.14
N CYS B 268 -0.56 -9.46 -38.02
CA CYS B 268 0.34 -8.69 -38.88
C CYS B 268 -0.28 -7.33 -39.15
N VAL B 269 0.24 -6.66 -40.17
CA VAL B 269 -0.21 -5.33 -40.59
C VAL B 269 -0.68 -5.43 -42.03
N PRO B 270 -1.48 -4.48 -42.53
CA PRO B 270 -2.06 -4.64 -43.88
C PRO B 270 -1.03 -4.81 -44.99
N THR B 271 0.14 -4.18 -44.88
CA THR B 271 1.13 -4.29 -45.94
C THR B 271 1.68 -5.71 -46.06
N ILE B 272 2.01 -6.33 -44.92
CA ILE B 272 2.53 -7.69 -44.95
C ILE B 272 1.46 -8.66 -45.42
N LEU B 273 0.21 -8.44 -45.00
CA LEU B 273 -0.88 -9.30 -45.47
C LEU B 273 -1.06 -9.18 -46.98
N HIS B 274 -0.97 -7.96 -47.51
CA HIS B 274 -1.07 -7.77 -48.95
C HIS B 274 0.08 -8.48 -49.67
N LEU B 275 1.30 -8.39 -49.13
CA LEU B 275 2.43 -9.08 -49.73
C LEU B 275 2.24 -10.58 -49.72
N LEU B 276 1.71 -11.12 -48.61
CA LEU B 276 1.46 -12.56 -48.54
C LEU B 276 0.40 -12.99 -49.54
N LEU B 277 -0.67 -12.21 -49.66
CA LEU B 277 -1.76 -12.60 -50.56
C LEU B 277 -1.37 -12.47 -52.02
N SER B 278 -0.49 -11.52 -52.34
CA SER B 278 -0.09 -11.30 -53.73
C SER B 278 1.07 -12.18 -54.18
N SER B 279 1.69 -12.91 -53.26
CA SER B 279 2.80 -13.79 -53.64
C SER B 279 2.27 -14.95 -54.48
N PRO B 280 2.95 -15.31 -55.58
CA PRO B 280 2.46 -16.41 -56.41
C PRO B 280 2.38 -17.74 -55.68
N LYS B 281 3.29 -18.02 -54.76
CA LYS B 281 3.28 -19.28 -54.03
C LYS B 281 2.02 -19.45 -53.20
N SER B 282 1.31 -18.36 -52.89
CA SER B 282 0.07 -18.45 -52.14
C SER B 282 -1.13 -18.81 -53.01
N LYS B 283 -0.96 -18.85 -54.33
CA LYS B 283 -2.08 -19.18 -55.21
C LYS B 283 -2.48 -20.64 -55.10
N ALA B 284 -1.56 -21.52 -54.70
CA ALA B 284 -1.83 -22.95 -54.57
C ALA B 284 -1.67 -23.39 -53.13
N MET B 285 -2.18 -22.59 -52.21
CA MET B 285 -2.01 -22.79 -50.78
C MET B 285 -3.37 -22.78 -50.11
N ASP B 286 -3.53 -23.62 -49.09
CA ASP B 286 -4.78 -23.70 -48.34
C ASP B 286 -4.69 -22.80 -47.12
N PHE B 287 -5.68 -21.91 -46.97
CA PHE B 287 -5.65 -20.90 -45.93
C PHE B 287 -6.83 -20.99 -44.96
N SER B 288 -7.64 -22.04 -45.05
CA SER B 288 -8.87 -22.09 -44.26
C SER B 288 -8.64 -22.67 -42.88
N GLY B 289 -7.59 -22.20 -42.21
CA GLY B 289 -7.35 -22.52 -40.82
C GLY B 289 -6.68 -21.37 -40.10
N TRP B 290 -6.56 -20.24 -40.80
CA TRP B 290 -5.72 -19.13 -40.40
C TRP B 290 -6.59 -17.99 -39.88
N LYS B 291 -6.16 -17.37 -38.81
CA LYS B 291 -6.91 -16.33 -38.22
C LYS B 291 -5.90 -15.29 -38.03
N VAL B 292 -5.90 -14.29 -38.89
CA VAL B 292 -4.98 -13.21 -38.77
C VAL B 292 -5.64 -12.07 -38.07
N VAL B 293 -4.90 -11.38 -37.25
CA VAL B 293 -5.41 -10.20 -36.57
C VAL B 293 -4.66 -9.00 -37.12
N ILE B 294 -5.39 -8.03 -37.65
CA ILE B 294 -4.79 -6.86 -38.28
C ILE B 294 -4.92 -5.68 -37.33
N GLY B 295 -3.78 -5.17 -36.87
CA GLY B 295 -3.80 -4.12 -35.87
C GLY B 295 -2.88 -2.95 -36.14
N GLY B 296 -2.27 -2.93 -37.32
CA GLY B 296 -1.40 -1.82 -37.65
C GLY B 296 -2.14 -0.51 -37.79
N ALA B 297 -2.94 -0.39 -38.84
CA ALA B 297 -3.77 0.79 -39.05
C ALA B 297 -4.73 0.53 -40.21
N ALA B 298 -6.00 0.89 -40.01
CA ALA B 298 -6.96 1.11 -41.09
C ALA B 298 -6.96 -0.02 -42.12
N LEU B 299 -7.43 -1.18 -41.67
CA LEU B 299 -7.63 -2.30 -42.57
C LEU B 299 -8.60 -1.93 -43.68
N PRO B 300 -8.15 -1.84 -44.93
CA PRO B 300 -9.05 -1.46 -46.02
C PRO B 300 -10.04 -2.56 -46.37
N LYS B 301 -11.16 -2.15 -46.97
CA LYS B 301 -12.23 -3.10 -47.27
C LYS B 301 -11.84 -4.07 -48.38
N ALA B 302 -11.11 -3.59 -49.39
CA ALA B 302 -10.74 -4.47 -50.49
C ALA B 302 -9.82 -5.60 -50.03
N LEU B 303 -8.84 -5.28 -49.18
CA LEU B 303 -7.96 -6.30 -48.64
C LEU B 303 -8.75 -7.31 -47.80
N CYS B 304 -9.66 -6.83 -46.98
CA CYS B 304 -10.48 -7.71 -46.17
C CYS B 304 -11.31 -8.64 -47.05
N LYS B 305 -11.90 -8.10 -48.12
CA LYS B 305 -12.72 -8.91 -49.00
C LYS B 305 -11.90 -9.98 -49.72
N SER B 306 -10.72 -9.61 -50.21
CA SER B 306 -9.88 -10.61 -50.88
C SER B 306 -9.42 -11.69 -49.90
N ALA B 307 -9.05 -11.30 -48.69
CA ALA B 307 -8.66 -12.27 -47.69
C ALA B 307 -9.82 -13.21 -47.33
N LEU B 308 -11.02 -12.66 -47.21
CA LEU B 308 -12.18 -13.50 -46.93
C LEU B 308 -12.46 -14.46 -48.09
N GLU B 309 -12.32 -13.99 -49.32
CA GLU B 309 -12.48 -14.87 -50.47
C GLU B 309 -11.42 -15.95 -50.52
N ARG B 310 -10.27 -15.73 -49.91
CA ARG B 310 -9.28 -16.78 -49.72
C ARG B 310 -9.58 -17.66 -48.50
N ASP B 311 -10.77 -17.52 -47.92
CA ASP B 311 -11.22 -18.33 -46.78
C ASP B 311 -10.32 -18.14 -45.55
N ILE B 312 -10.03 -16.87 -45.24
CA ILE B 312 -9.21 -16.52 -44.09
C ILE B 312 -10.09 -15.76 -43.09
N ASP B 313 -9.94 -16.10 -41.82
CA ASP B 313 -10.66 -15.40 -40.75
C ASP B 313 -9.86 -14.16 -40.37
N VAL B 314 -10.28 -13.00 -40.88
CA VAL B 314 -9.57 -11.75 -40.69
C VAL B 314 -10.46 -10.81 -39.88
N PHE B 315 -9.89 -10.20 -38.85
CA PHE B 315 -10.61 -9.20 -38.07
C PHE B 315 -9.62 -8.17 -37.58
N ALA B 316 -10.08 -6.94 -37.41
CA ALA B 316 -9.21 -5.84 -37.04
C ALA B 316 -9.15 -5.66 -35.53
N GLY B 317 -8.00 -5.20 -35.05
CA GLY B 317 -7.84 -4.85 -33.66
C GLY B 317 -7.23 -3.47 -33.54
N TYR B 318 -7.53 -2.81 -32.42
CA TYR B 318 -7.08 -1.45 -32.19
C TYR B 318 -6.35 -1.38 -30.86
N GLY B 319 -5.11 -0.90 -30.91
CA GLY B 319 -4.29 -0.58 -29.77
C GLY B 319 -3.30 0.48 -30.17
N MET B 320 -2.81 1.28 -29.22
CA MET B 320 -2.03 2.47 -29.55
C MET B 320 -0.75 2.60 -28.72
N SER B 321 -0.08 1.49 -28.44
CA SER B 321 1.31 1.43 -27.98
C SER B 321 1.53 2.00 -26.59
N GLU B 322 0.50 2.52 -25.93
CA GLU B 322 0.63 2.90 -24.53
C GLU B 322 -0.61 2.52 -23.75
N THR B 323 -1.37 1.56 -24.23
CA THR B 323 -2.62 1.12 -23.64
C THR B 323 -2.68 -0.39 -23.54
N GLY B 324 -1.53 -1.04 -23.40
CA GLY B 324 -1.51 -2.48 -23.18
C GLY B 324 -0.82 -3.36 -24.21
N PRO B 325 -1.03 -3.14 -25.52
CA PRO B 325 -1.77 -2.09 -26.23
C PRO B 325 -3.24 -2.37 -26.50
N ILE B 326 -3.72 -3.61 -26.39
CA ILE B 326 -5.02 -3.96 -26.96
C ILE B 326 -6.13 -3.22 -26.24
N LEU B 327 -6.96 -2.52 -27.00
CA LEU B 327 -8.16 -1.88 -26.50
C LEU B 327 -9.44 -2.34 -27.17
N SER B 328 -9.39 -2.66 -28.47
CA SER B 328 -10.58 -3.06 -29.21
C SER B 328 -10.28 -4.26 -30.07
N ILE B 329 -11.24 -5.19 -30.16
CA ILE B 329 -11.12 -6.36 -31.01
C ILE B 329 -12.46 -6.57 -31.71
N VAL B 330 -12.43 -6.87 -33.00
CA VAL B 330 -13.66 -7.14 -33.75
C VAL B 330 -14.13 -8.54 -33.41
N GLN B 331 -15.35 -8.65 -32.90
CA GLN B 331 -15.98 -9.93 -32.62
C GLN B 331 -17.35 -9.96 -33.28
N LEU B 332 -17.61 -10.99 -34.08
CA LEU B 332 -18.84 -11.10 -34.83
C LEU B 332 -19.77 -12.13 -34.17
N THR B 333 -21.00 -11.71 -33.91
CA THR B 333 -22.00 -12.62 -33.38
C THR B 333 -22.42 -13.60 -34.46
N PRO B 334 -23.09 -14.73 -34.04
CA PRO B 334 -23.40 -15.71 -35.09
C PRO B 334 -24.43 -15.29 -36.06
N GLU B 335 -25.21 -14.28 -35.76
CA GLU B 335 -26.14 -13.71 -36.73
C GLU B 335 -25.40 -13.01 -37.87
N GLN B 336 -24.33 -12.29 -37.54
CA GLN B 336 -23.52 -11.64 -38.58
C GLN B 336 -22.62 -12.60 -39.32
N LEU B 337 -22.56 -13.88 -38.97
CA LEU B 337 -21.75 -14.84 -39.71
C LEU B 337 -22.48 -15.35 -40.96
N GLU B 338 -23.75 -14.98 -41.14
CA GLU B 338 -24.49 -15.38 -42.34
C GLU B 338 -24.27 -14.40 -43.47
N LEU B 339 -24.06 -13.12 -43.12
CA LEU B 339 -23.97 -12.03 -44.08
C LEU B 339 -22.97 -12.32 -45.19
N ASP B 340 -23.26 -11.83 -46.40
CA ASP B 340 -22.37 -12.05 -47.54
C ASP B 340 -21.04 -11.33 -47.33
N VAL B 341 -20.13 -11.53 -48.28
CA VAL B 341 -18.75 -11.09 -48.11
C VAL B 341 -18.65 -9.58 -47.98
N ASP B 342 -19.53 -8.84 -48.66
CA ASP B 342 -19.46 -7.38 -48.58
C ASP B 342 -19.79 -6.87 -47.19
N GLN B 343 -20.92 -7.32 -46.63
CA GLN B 343 -21.32 -6.87 -45.30
C GLN B 343 -20.37 -7.39 -44.23
N GLN B 344 -19.89 -8.62 -44.39
CA GLN B 344 -18.90 -9.15 -43.47
C GLN B 344 -17.61 -8.34 -43.51
N ALA B 345 -17.18 -7.94 -44.70
CA ALA B 345 -16.00 -7.09 -44.81
C ALA B 345 -16.22 -5.74 -44.16
N GLU B 346 -17.43 -5.18 -44.31
CA GLU B 346 -17.75 -3.92 -43.65
C GLU B 346 -17.65 -4.06 -42.15
N TYR B 347 -18.15 -5.16 -41.59
CA TYR B 347 -18.11 -5.34 -40.14
C TYR B 347 -16.70 -5.64 -39.65
N ARG B 348 -15.93 -6.39 -40.43
CA ARG B 348 -14.57 -6.76 -40.01
C ARG B 348 -13.60 -5.60 -40.13
N SER B 349 -13.85 -4.64 -41.03
CA SER B 349 -12.91 -3.54 -41.22
C SER B 349 -12.94 -2.53 -40.08
N LYS B 350 -13.97 -2.54 -39.25
CA LYS B 350 -14.06 -1.58 -38.16
C LYS B 350 -13.00 -1.88 -37.10
N THR B 351 -12.80 -0.92 -36.20
CA THR B 351 -11.79 -1.11 -35.15
C THR B 351 -12.25 -2.11 -34.11
N GLY B 352 -13.55 -2.17 -33.85
CA GLY B 352 -14.14 -3.23 -33.03
C GLY B 352 -14.70 -2.69 -31.73
N LYS B 353 -15.25 -3.60 -30.94
CA LYS B 353 -15.79 -3.28 -29.63
C LYS B 353 -14.70 -3.37 -28.57
N LYS B 354 -14.91 -2.64 -27.48
CA LYS B 354 -13.92 -2.60 -26.41
C LYS B 354 -13.84 -3.94 -25.69
N VAL B 355 -12.64 -4.27 -25.22
CA VAL B 355 -12.37 -5.52 -24.53
C VAL B 355 -12.80 -5.39 -23.08
N ALA B 356 -12.77 -6.50 -22.34
CA ALA B 356 -13.21 -6.51 -20.96
C ALA B 356 -12.41 -5.52 -20.11
N LEU B 357 -13.10 -4.88 -19.17
CA LEU B 357 -12.51 -3.94 -18.22
C LEU B 357 -12.00 -2.66 -18.90
N VAL B 358 -12.74 -2.17 -19.89
CA VAL B 358 -12.39 -0.94 -20.60
C VAL B 358 -13.63 -0.05 -20.68
N GLU B 359 -13.45 1.25 -20.43
CA GLU B 359 -14.56 2.20 -20.49
C GLU B 359 -14.78 2.74 -21.90
N ALA B 360 -13.77 3.42 -22.46
CA ALA B 360 -13.77 3.85 -23.86
C ALA B 360 -14.97 4.75 -24.18
N TYR B 361 -14.96 5.93 -23.58
CA TYR B 361 -15.93 6.95 -23.92
C TYR B 361 -15.46 7.80 -25.11
N ILE B 362 -16.42 8.32 -25.87
CA ILE B 362 -16.15 9.30 -26.91
C ILE B 362 -16.47 10.67 -26.33
N VAL B 363 -15.67 11.67 -26.70
CA VAL B 363 -15.76 12.96 -26.02
C VAL B 363 -15.38 14.05 -27.01
N ASP B 364 -15.90 15.25 -26.78
CA ASP B 364 -15.48 16.40 -27.56
C ASP B 364 -14.34 17.10 -26.82
N GLU B 365 -14.11 18.36 -27.10
CA GLU B 365 -13.11 19.10 -26.32
C GLU B 365 -13.86 19.52 -25.07
N ASP B 366 -13.18 20.00 -24.03
CA ASP B 366 -13.83 20.33 -22.75
C ASP B 366 -14.44 19.15 -22.06
N MET B 367 -14.36 17.97 -22.68
CA MET B 367 -14.89 16.75 -22.09
C MET B 367 -16.39 16.54 -21.80
N ASN B 368 -17.28 16.59 -22.78
CA ASN B 368 -18.72 16.53 -22.57
C ASN B 368 -19.35 15.18 -22.91
N LYS B 369 -18.57 14.19 -23.35
CA LYS B 369 -19.05 12.82 -23.53
C LYS B 369 -20.20 12.76 -24.54
N LEU B 370 -19.83 13.01 -25.80
CA LEU B 370 -20.72 12.99 -26.95
C LEU B 370 -21.53 11.70 -27.06
N PRO B 371 -22.70 11.72 -27.68
CA PRO B 371 -23.54 10.52 -27.76
C PRO B 371 -23.00 9.52 -28.77
N HIS B 372 -23.42 8.27 -28.60
CA HIS B 372 -23.02 7.18 -29.48
C HIS B 372 -24.07 6.94 -30.56
N ASP B 373 -24.35 8.00 -31.33
CA ASP B 373 -25.37 7.95 -32.37
C ASP B 373 -24.87 7.33 -33.67
N GLY B 374 -23.55 7.17 -33.84
CA GLY B 374 -23.01 6.53 -35.03
C GLY B 374 -22.41 7.46 -36.06
N GLU B 375 -22.54 8.78 -35.91
CA GLU B 375 -21.94 9.69 -36.87
C GLU B 375 -21.20 10.84 -36.19
N THR B 376 -21.57 11.15 -34.94
CA THR B 376 -20.85 12.17 -34.19
C THR B 376 -19.47 11.65 -33.80
N ALA B 377 -18.46 12.45 -34.08
CA ALA B 377 -17.07 12.05 -33.88
C ALA B 377 -16.43 12.87 -32.77
N GLY B 378 -15.54 12.23 -32.01
CA GLY B 378 -14.78 12.89 -30.97
C GLY B 378 -13.60 12.03 -30.57
N GLU B 379 -12.76 12.59 -29.71
CA GLU B 379 -11.60 11.87 -29.21
C GLU B 379 -12.03 10.73 -28.29
N ILE B 380 -11.25 9.66 -28.31
CA ILE B 380 -11.49 8.50 -27.46
C ILE B 380 -10.73 8.68 -26.15
N VAL B 381 -11.42 8.53 -25.03
CA VAL B 381 -10.81 8.58 -23.71
C VAL B 381 -11.13 7.27 -23.01
N VAL B 382 -10.10 6.63 -22.44
CA VAL B 382 -10.23 5.26 -21.96
C VAL B 382 -9.73 5.14 -20.53
N ARG B 383 -10.23 4.11 -19.84
CA ARG B 383 -9.73 3.68 -18.55
C ARG B 383 -9.59 2.17 -18.58
N ALA B 384 -8.46 1.66 -18.12
CA ALA B 384 -8.17 0.23 -18.22
C ALA B 384 -7.14 -0.12 -17.17
N PRO B 385 -7.07 -1.38 -16.76
CA PRO B 385 -6.06 -1.78 -15.77
C PRO B 385 -4.63 -1.70 -16.28
N TRP B 386 -4.42 -1.60 -17.58
CA TRP B 386 -3.08 -1.72 -18.14
C TRP B 386 -2.66 -0.50 -18.95
N LEU B 387 -2.92 0.69 -18.44
CA LEU B 387 -2.51 1.93 -19.08
C LEU B 387 -1.28 2.50 -18.39
N THR B 388 -0.38 3.07 -19.17
CA THR B 388 0.81 3.68 -18.59
C THR B 388 0.39 4.91 -17.78
N PRO B 389 1.01 5.16 -16.63
CA PRO B 389 0.58 6.31 -15.82
C PRO B 389 1.12 7.64 -16.33
N ASN B 390 2.26 7.64 -17.01
CA ASN B 390 2.84 8.85 -17.56
C ASN B 390 3.91 8.42 -18.56
N TYR B 391 4.62 9.41 -19.11
CA TYR B 391 5.74 9.16 -19.98
C TYR B 391 7.03 9.19 -19.18
N TYR B 392 7.99 8.37 -19.62
CA TYR B 392 9.26 8.26 -18.92
C TYR B 392 10.04 9.56 -19.05
N LYS B 393 10.40 10.15 -17.91
CA LYS B 393 11.21 11.37 -17.85
C LYS B 393 10.56 12.52 -18.62
N ASP B 394 9.23 12.56 -18.63
CA ASP B 394 8.49 13.61 -19.30
C ASP B 394 7.32 14.02 -18.42
N ASN B 395 7.05 15.31 -18.32
CA ASN B 395 6.03 15.78 -17.43
C ASN B 395 5.10 16.73 -18.09
N LYS B 396 5.50 17.33 -19.17
CA LYS B 396 4.60 18.16 -19.86
C LYS B 396 3.65 17.36 -20.70
N ASN B 397 4.13 16.33 -21.38
CA ASN B 397 3.30 15.51 -22.17
C ASN B 397 2.55 14.56 -21.31
N SER B 398 3.11 14.10 -20.21
CA SER B 398 2.38 13.30 -19.24
C SER B 398 1.17 14.05 -18.70
N LYS B 399 1.33 15.35 -18.44
CA LYS B 399 0.22 16.15 -17.93
C LYS B 399 -0.88 16.25 -18.96
N ALA B 400 -0.54 16.43 -20.24
CA ALA B 400 -1.55 16.47 -21.28
C ALA B 400 -2.15 15.09 -21.57
N LEU B 401 -1.46 14.01 -21.20
CA LEU B 401 -1.95 12.67 -21.50
C LEU B 401 -3.17 12.33 -20.67
N TRP B 402 -3.15 12.62 -19.38
CA TRP B 402 -4.21 12.22 -18.45
C TRP B 402 -5.11 13.39 -18.06
N ARG B 403 -5.38 14.31 -18.98
CA ARG B 403 -6.21 15.46 -18.67
C ARG B 403 -7.64 15.02 -18.39
N GLY B 404 -8.20 15.51 -17.28
CA GLY B 404 -9.57 15.22 -16.94
C GLY B 404 -9.83 13.88 -16.30
N GLY B 405 -8.78 13.15 -15.92
CA GLY B 405 -8.94 11.86 -15.31
C GLY B 405 -9.07 10.69 -16.25
N TYR B 406 -8.95 10.92 -17.55
CA TYR B 406 -9.01 9.85 -18.55
C TYR B 406 -7.80 9.95 -19.45
N LEU B 407 -7.36 8.80 -19.96
CA LEU B 407 -6.24 8.78 -20.90
C LEU B 407 -6.72 9.23 -22.27
N HIS B 408 -6.00 10.19 -22.85
CA HIS B 408 -6.36 10.76 -24.14
C HIS B 408 -5.56 10.05 -25.23
N THR B 409 -6.24 9.27 -26.06
CA THR B 409 -5.57 8.54 -27.12
C THR B 409 -5.11 9.48 -28.24
N GLY B 410 -5.91 10.49 -28.55
CA GLY B 410 -5.62 11.36 -29.66
C GLY B 410 -6.18 10.91 -30.99
N ASP B 411 -7.13 9.97 -30.99
CA ASP B 411 -7.78 9.49 -32.20
C ASP B 411 -9.24 9.90 -32.18
N VAL B 412 -9.74 10.36 -33.32
CA VAL B 412 -11.13 10.76 -33.46
C VAL B 412 -11.91 9.58 -34.05
N ALA B 413 -13.04 9.25 -33.43
CA ALA B 413 -13.84 8.12 -33.88
C ALA B 413 -15.30 8.40 -33.57
N HIS B 414 -16.17 7.61 -34.20
CA HIS B 414 -17.59 7.60 -33.87
C HIS B 414 -18.01 6.20 -33.48
N ILE B 415 -18.76 6.10 -32.39
CA ILE B 415 -19.29 4.85 -31.91
C ILE B 415 -20.78 4.82 -32.21
N ASP B 416 -21.31 3.62 -32.41
CA ASP B 416 -22.73 3.49 -32.71
C ASP B 416 -23.47 2.77 -31.60
N ASP B 417 -24.76 2.49 -31.80
CA ASP B 417 -25.58 1.84 -30.80
C ASP B 417 -25.13 0.42 -30.47
N GLU B 418 -24.60 -0.32 -31.45
CA GLU B 418 -24.14 -1.67 -31.21
C GLU B 418 -22.79 -1.71 -30.48
N GLY B 419 -22.08 -0.60 -30.42
CA GLY B 419 -20.81 -0.54 -29.75
C GLY B 419 -19.59 -0.60 -30.64
N PHE B 420 -19.75 -0.63 -31.96
CA PHE B 420 -18.63 -0.66 -32.86
C PHE B 420 -17.97 0.71 -32.96
N ILE B 421 -16.64 0.73 -32.99
CA ILE B 421 -15.86 1.96 -33.03
C ILE B 421 -15.21 2.07 -34.40
N LYS B 422 -15.22 3.27 -34.99
CA LYS B 422 -14.64 3.51 -36.29
C LYS B 422 -13.77 4.76 -36.22
N ILE B 423 -12.45 4.58 -36.24
CA ILE B 423 -11.52 5.70 -36.19
C ILE B 423 -11.57 6.46 -37.51
N THR B 424 -11.68 7.78 -37.43
CA THR B 424 -11.73 8.64 -38.61
C THR B 424 -10.39 9.29 -38.92
N ASP B 425 -9.66 9.76 -37.91
CA ASP B 425 -8.37 10.40 -38.10
C ASP B 425 -7.69 10.56 -36.75
N ARG B 426 -6.55 11.24 -36.74
CA ARG B 426 -5.88 11.66 -35.52
C ARG B 426 -6.27 13.08 -35.18
N VAL B 427 -6.18 13.43 -33.90
CA VAL B 427 -6.56 14.77 -33.47
C VAL B 427 -5.67 15.82 -34.12
N LYS B 428 -4.36 15.57 -34.13
CA LYS B 428 -3.42 16.51 -34.73
C LYS B 428 -3.55 16.60 -36.25
N ASP B 429 -4.27 15.68 -36.88
CA ASP B 429 -4.44 15.69 -38.32
C ASP B 429 -5.79 16.22 -38.77
N MET B 430 -6.70 16.51 -37.85
CA MET B 430 -7.98 17.07 -38.23
C MET B 430 -7.80 18.49 -38.77
N ILE B 431 -8.67 18.86 -39.70
CA ILE B 431 -8.64 20.17 -40.32
C ILE B 431 -9.83 20.96 -39.79
N LYS B 432 -9.54 22.11 -39.19
CA LYS B 432 -10.57 22.97 -38.60
C LYS B 432 -10.87 24.10 -39.59
N ILE B 433 -12.01 24.02 -40.26
CA ILE B 433 -12.32 24.99 -41.31
C ILE B 433 -12.84 26.27 -40.67
N SER B 434 -14.01 26.21 -40.04
CA SER B 434 -14.51 27.33 -39.25
C SER B 434 -14.74 26.94 -37.81
N GLY B 435 -15.53 25.91 -37.55
CA GLY B 435 -15.70 25.38 -36.21
C GLY B 435 -15.76 23.87 -36.23
N GLU B 436 -15.77 23.30 -37.43
CA GLU B 436 -15.91 21.87 -37.62
C GLU B 436 -14.54 21.22 -37.81
N TRP B 437 -14.47 19.93 -37.52
CA TRP B 437 -13.27 19.14 -37.68
C TRP B 437 -13.44 18.24 -38.90
N VAL B 438 -12.68 18.51 -39.95
CA VAL B 438 -12.74 17.75 -41.18
C VAL B 438 -11.60 16.73 -41.18
N SER B 439 -11.95 15.45 -41.27
CA SER B 439 -10.94 14.41 -41.31
C SER B 439 -10.20 14.47 -42.64
N SER B 440 -8.86 14.46 -42.57
CA SER B 440 -8.07 14.49 -43.80
C SER B 440 -8.10 13.14 -44.52
N LEU B 441 -8.32 12.06 -43.77
CA LEU B 441 -8.29 10.72 -44.36
C LEU B 441 -9.40 10.53 -45.38
N GLU B 442 -10.60 11.03 -45.10
CA GLU B 442 -11.72 10.80 -46.00
C GLU B 442 -11.49 11.44 -47.36
N LEU B 443 -11.11 12.72 -47.39
CA LEU B 443 -10.92 13.36 -48.67
C LEU B 443 -9.61 12.95 -49.34
N GLU B 444 -8.62 12.51 -48.56
CA GLU B 444 -7.44 11.95 -49.22
C GLU B 444 -7.78 10.63 -49.89
N ASP B 445 -8.67 9.82 -49.31
CA ASP B 445 -9.16 8.63 -50.00
C ASP B 445 -9.97 9.00 -51.24
N ILE B 446 -10.81 10.04 -51.12
CA ILE B 446 -11.57 10.50 -52.28
C ILE B 446 -10.65 10.85 -53.43
N LEU B 447 -9.59 11.62 -53.15
CA LEU B 447 -8.63 11.97 -54.20
C LEU B 447 -7.85 10.76 -54.68
N HIS B 448 -7.56 9.80 -53.79
CA HIS B 448 -6.82 8.61 -54.18
C HIS B 448 -7.65 7.69 -55.06
N GLN B 449 -8.97 7.87 -55.12
CA GLN B 449 -9.77 7.08 -56.03
C GLN B 449 -9.51 7.42 -57.50
N HIS B 450 -8.79 8.50 -57.79
CA HIS B 450 -8.44 8.84 -59.16
C HIS B 450 -7.46 7.82 -59.73
N GLN B 451 -7.56 7.61 -61.06
CA GLN B 451 -6.75 6.58 -61.70
C GLN B 451 -5.28 6.99 -61.79
N SER B 452 -5.01 8.28 -61.95
CA SER B 452 -3.64 8.77 -62.14
C SER B 452 -2.97 9.18 -60.85
N VAL B 453 -3.62 9.00 -59.71
CA VAL B 453 -3.07 9.39 -58.42
C VAL B 453 -2.32 8.21 -57.82
N SER B 454 -1.07 8.43 -57.45
CA SER B 454 -0.29 7.41 -56.75
C SER B 454 -0.47 7.51 -55.25
N GLU B 455 -0.34 8.71 -54.69
CA GLU B 455 -0.57 8.90 -53.26
C GLU B 455 -0.93 10.34 -52.98
N VAL B 456 -1.65 10.56 -51.88
CA VAL B 456 -2.18 11.87 -51.51
C VAL B 456 -1.99 12.06 -50.00
N ALA B 457 -1.61 13.27 -49.60
CA ALA B 457 -1.56 13.65 -48.19
C ALA B 457 -2.21 15.02 -48.03
N VAL B 458 -3.11 15.14 -47.06
CA VAL B 458 -3.83 16.39 -46.81
C VAL B 458 -3.39 16.92 -45.45
N ILE B 459 -3.00 18.20 -45.42
CA ILE B 459 -2.49 18.82 -44.19
C ILE B 459 -3.36 19.99 -43.78
N GLY B 460 -3.52 21.02 -44.55
CA GLY B 460 -4.25 22.15 -44.01
C GLY B 460 -3.44 23.40 -43.99
N MET B 461 -3.90 24.43 -44.67
CA MET B 461 -3.17 25.67 -44.79
C MET B 461 -3.98 26.85 -44.23
N PRO B 462 -3.41 27.66 -43.34
CA PRO B 462 -4.12 28.79 -42.70
C PRO B 462 -4.78 29.85 -43.60
N HIS B 463 -5.98 30.34 -43.29
CA HIS B 463 -6.62 31.31 -44.19
C HIS B 463 -6.76 32.69 -43.57
N ASN B 464 -6.56 32.82 -42.26
CA ASN B 464 -6.73 34.04 -41.45
C ASN B 464 -8.13 34.63 -41.54
N LYS B 465 -9.08 33.91 -42.12
CA LYS B 465 -10.47 34.37 -42.19
C LYS B 465 -11.41 33.46 -41.42
N TRP B 466 -11.39 32.16 -41.68
CA TRP B 466 -12.17 31.19 -40.93
C TRP B 466 -11.34 30.13 -40.23
N GLY B 467 -10.15 29.86 -40.71
CA GLY B 467 -9.29 28.87 -40.09
C GLY B 467 -8.41 28.16 -41.09
N GLU B 468 -8.21 26.85 -40.91
CA GLU B 468 -7.41 26.08 -41.85
C GLU B 468 -8.18 25.83 -43.14
N VAL B 469 -7.42 25.64 -44.23
CA VAL B 469 -7.98 25.28 -45.52
C VAL B 469 -7.20 24.06 -46.00
N PRO B 470 -7.86 22.96 -46.37
CA PRO B 470 -7.12 21.75 -46.71
C PRO B 470 -6.18 21.95 -47.90
N LEU B 471 -4.99 21.39 -47.79
CA LEU B 471 -4.02 21.37 -48.87
C LEU B 471 -3.69 19.93 -49.19
N ALA B 472 -3.93 19.53 -50.42
CA ALA B 472 -3.76 18.14 -50.85
C ALA B 472 -2.51 18.04 -51.69
N LEU B 473 -1.43 17.55 -51.11
CA LEU B 473 -0.19 17.27 -51.82
C LEU B 473 -0.31 15.89 -52.45
N VAL B 474 -0.25 15.84 -53.78
CA VAL B 474 -0.53 14.63 -54.54
C VAL B 474 0.69 14.26 -55.37
N THR B 475 1.13 13.02 -55.27
CA THR B 475 2.14 12.45 -56.14
C THR B 475 1.45 11.50 -57.12
N LEU B 476 1.69 11.71 -58.41
CA LEU B 476 1.01 10.99 -59.47
C LEU B 476 1.98 10.04 -60.18
N LYS B 477 1.40 9.13 -60.97
CA LYS B 477 2.16 8.31 -61.89
C LYS B 477 2.07 8.78 -63.33
N GLU B 478 0.98 9.45 -63.70
CA GLU B 478 0.76 9.92 -65.07
C GLU B 478 0.49 11.42 -65.12
N ASP B 479 0.07 11.91 -66.27
CA ASP B 479 -0.19 13.33 -66.50
C ASP B 479 -1.69 13.59 -66.35
N ALA B 480 -2.07 14.32 -65.28
CA ALA B 480 -3.48 14.44 -64.92
C ALA B 480 -3.97 15.84 -64.60
N GLN B 481 -3.07 16.83 -64.50
CA GLN B 481 -3.42 18.25 -64.33
C GLN B 481 -3.94 18.59 -62.93
N VAL B 482 -3.59 19.77 -62.44
CA VAL B 482 -3.97 20.22 -61.11
C VAL B 482 -5.46 20.55 -61.04
N THR B 483 -5.98 21.23 -62.07
CA THR B 483 -7.39 21.61 -62.09
C THR B 483 -8.31 20.40 -62.08
N GLU B 484 -7.88 19.31 -62.72
CA GLU B 484 -8.75 18.14 -62.81
C GLU B 484 -8.93 17.47 -61.46
N LYS B 485 -7.93 17.54 -60.58
CA LYS B 485 -8.10 17.04 -59.22
C LYS B 485 -9.21 17.79 -58.50
N GLU B 486 -9.20 19.13 -58.59
CA GLU B 486 -10.24 19.93 -57.98
C GLU B 486 -11.60 19.64 -58.58
N LEU B 487 -11.65 19.47 -59.90
CA LEU B 487 -12.93 19.18 -60.54
C LEU B 487 -13.50 17.84 -60.07
N LEU B 488 -12.65 16.81 -60.01
CA LEU B 488 -13.09 15.52 -59.49
C LEU B 488 -13.50 15.60 -58.02
N GLY B 489 -12.78 16.39 -57.23
CA GLY B 489 -13.16 16.55 -55.83
C GLY B 489 -14.48 17.25 -55.66
N PHE B 490 -14.77 18.23 -56.52
CA PHE B 490 -16.09 18.87 -56.50
C PHE B 490 -17.16 17.88 -56.92
N ALA B 491 -16.82 16.97 -57.84
CA ALA B 491 -17.76 15.95 -58.28
C ALA B 491 -18.15 14.96 -57.19
N LYS B 492 -17.40 14.90 -56.09
CA LYS B 492 -17.70 14.04 -54.96
C LYS B 492 -17.77 14.89 -53.68
N ASP B 493 -17.79 14.20 -52.53
CA ASP B 493 -17.83 14.86 -51.23
C ASP B 493 -19.06 15.75 -51.08
N ARG B 502 -19.65 19.45 -48.35
CA ARG B 502 -19.49 20.58 -49.26
C ARG B 502 -18.20 21.34 -48.96
N GLU B 503 -17.31 21.39 -49.93
CA GLU B 503 -16.06 22.13 -49.81
C GLU B 503 -15.96 23.29 -50.78
N ALA B 504 -17.03 23.56 -51.56
CA ALA B 504 -17.14 24.76 -52.38
C ALA B 504 -15.94 24.92 -53.30
N LEU B 505 -14.97 25.74 -52.88
CA LEU B 505 -13.72 25.90 -53.59
C LEU B 505 -12.52 25.81 -52.65
N LEU B 506 -12.70 25.26 -51.45
CA LEU B 506 -11.64 25.25 -50.44
C LEU B 506 -10.64 24.12 -50.62
N LEU B 507 -10.90 23.16 -51.50
CA LEU B 507 -9.99 22.04 -51.71
C LEU B 507 -8.91 22.47 -52.69
N LYS B 508 -7.73 22.84 -52.17
CA LYS B 508 -6.61 23.27 -52.97
C LYS B 508 -5.61 22.13 -53.08
N VAL B 509 -5.22 21.80 -54.31
CA VAL B 509 -4.41 20.64 -54.61
C VAL B 509 -3.09 21.10 -55.23
N LYS B 510 -1.99 20.57 -54.71
CA LYS B 510 -0.66 20.85 -55.21
C LYS B 510 0.03 19.55 -55.57
N ILE B 511 0.70 19.55 -56.71
CA ILE B 511 1.40 18.38 -57.21
C ILE B 511 2.84 18.41 -56.72
N VAL B 512 3.28 17.32 -56.08
CA VAL B 512 4.62 17.21 -55.53
C VAL B 512 5.30 15.99 -56.12
N ASP B 513 6.63 16.03 -56.15
CA ASP B 513 7.40 14.95 -56.75
C ASP B 513 7.43 13.72 -55.84
N GLU B 514 7.58 13.96 -54.54
CA GLU B 514 7.59 12.87 -53.56
C GLU B 514 6.98 13.33 -52.25
N ILE B 515 6.42 12.41 -51.48
CA ILE B 515 5.83 12.72 -50.18
C ILE B 515 6.71 12.13 -49.10
N ALA B 516 7.15 12.98 -48.17
CA ALA B 516 8.10 12.56 -47.15
C ALA B 516 7.47 11.54 -46.20
N LYS B 517 8.23 10.51 -45.86
CA LYS B 517 7.82 9.48 -44.93
C LYS B 517 8.68 9.55 -43.67
N THR B 518 8.29 8.77 -42.67
CA THR B 518 9.07 8.69 -41.44
C THR B 518 10.00 7.48 -41.50
N SER B 519 10.76 7.27 -40.42
CA SER B 519 11.71 6.16 -40.39
C SER B 519 11.00 4.81 -40.48
N VAL B 520 9.87 4.67 -39.78
CA VAL B 520 9.12 3.42 -39.82
C VAL B 520 8.47 3.23 -41.18
N GLY B 521 7.87 4.28 -41.73
CA GLY B 521 7.23 4.18 -43.04
C GLY B 521 5.93 4.93 -43.16
N LYS B 522 5.45 5.52 -42.07
CA LYS B 522 4.25 6.34 -42.11
C LYS B 522 4.55 7.70 -42.75
N VAL B 523 3.48 8.38 -43.16
CA VAL B 523 3.63 9.68 -43.81
C VAL B 523 3.98 10.73 -42.76
N ASP B 524 5.02 11.51 -43.03
CA ASP B 524 5.51 12.54 -42.11
C ASP B 524 4.77 13.83 -42.40
N LYS B 525 3.66 14.06 -41.68
CA LYS B 525 2.86 15.26 -41.92
C LYS B 525 3.56 16.50 -41.36
N LYS B 526 4.29 16.36 -40.26
CA LYS B 526 5.02 17.51 -39.72
C LYS B 526 6.11 17.98 -40.68
N GLU B 527 6.81 17.04 -41.32
CA GLU B 527 7.80 17.42 -42.32
C GLU B 527 7.15 18.11 -43.51
N LEU B 528 5.98 17.63 -43.93
CA LEU B 528 5.26 18.27 -45.03
C LEU B 528 4.84 19.68 -44.65
N ARG B 529 4.42 19.88 -43.40
CA ARG B 529 4.09 21.23 -42.94
C ARG B 529 5.34 22.11 -42.92
N LYS B 530 6.49 21.53 -42.58
CA LYS B 530 7.73 22.31 -42.61
C LYS B 530 8.09 22.74 -44.03
N LEU B 531 8.01 21.82 -44.99
CA LEU B 531 8.35 22.17 -46.37
C LEU B 531 7.24 23.01 -47.00
N HIS B 532 6.03 22.47 -47.08
CA HIS B 532 4.90 23.15 -47.67
C HIS B 532 4.09 23.82 -46.56
N LEU B 533 3.79 25.10 -46.73
CA LEU B 533 3.06 25.84 -45.70
C LEU B 533 1.61 25.37 -45.60
N TYR C 4 11.49 -13.13 -0.93
CA TYR C 4 10.94 -11.79 -1.10
C TYR C 4 12.02 -10.73 -0.99
N VAL C 5 12.04 -9.80 -1.94
CA VAL C 5 13.02 -8.72 -1.96
C VAL C 5 12.28 -7.40 -1.86
N ASN C 6 12.73 -6.54 -0.94
CA ASN C 6 12.20 -5.19 -0.79
C ASN C 6 13.31 -4.19 -1.08
N ASP C 7 12.95 -3.07 -1.68
CA ASP C 7 13.93 -2.02 -1.92
C ASP C 7 14.36 -1.37 -0.61
N PRO C 8 15.65 -1.11 -0.42
CA PRO C 8 16.11 -0.54 0.86
C PRO C 8 15.64 0.89 1.10
N SER C 9 15.26 1.62 0.06
CA SER C 9 14.87 3.02 0.24
C SER C 9 13.60 3.13 1.08
N ASN C 10 12.67 2.19 0.92
CA ASN C 10 11.43 2.22 1.66
C ASN C 10 11.70 1.97 3.15
N TYR C 11 11.36 2.94 3.98
CA TYR C 11 11.62 2.89 5.41
C TYR C 11 10.34 2.55 6.15
N GLN C 12 10.46 1.62 7.10
CA GLN C 12 9.33 1.18 7.91
C GLN C 12 9.55 1.61 9.35
N LEU C 13 8.52 2.19 9.95
CA LEU C 13 8.59 2.60 11.35
C LEU C 13 8.36 1.38 12.24
N LEU C 14 9.42 0.95 12.93
CA LEU C 14 9.38 -0.26 13.73
C LEU C 14 9.95 0.03 15.11
N ILE C 15 9.55 -0.80 16.08
CA ILE C 15 10.02 -0.65 17.45
C ILE C 15 11.51 -0.96 17.56
N LYS C 16 12.03 -1.84 16.70
CA LYS C 16 13.45 -2.11 16.70
C LYS C 16 14.26 -0.86 16.37
N ASN C 17 13.69 0.04 15.58
CA ASN C 17 14.34 1.33 15.35
C ASN C 17 14.25 2.22 16.57
N LEU C 18 13.19 2.05 17.38
CA LEU C 18 13.09 2.79 18.63
C LEU C 18 14.18 2.37 19.60
N LEU C 19 14.52 1.07 19.62
CA LEU C 19 15.53 0.59 20.55
C LEU C 19 16.95 0.85 20.02
N PHE C 20 17.19 0.54 18.74
CA PHE C 20 18.54 0.55 18.21
C PHE C 20 18.96 1.88 17.62
N SER C 21 18.05 2.85 17.51
CA SER C 21 18.36 4.19 17.02
C SER C 21 17.77 5.21 17.97
N PRO C 22 18.27 5.29 19.20
CA PRO C 22 17.68 6.18 20.21
C PRO C 22 18.10 7.63 19.98
N VAL C 23 17.46 8.52 20.74
CA VAL C 23 17.95 9.89 20.80
C VAL C 23 19.33 9.94 21.42
N ALA C 24 19.55 9.18 22.48
CA ALA C 24 20.85 9.07 23.13
C ALA C 24 21.00 7.67 23.70
N PHE C 25 22.12 7.03 23.44
CA PHE C 25 22.42 5.71 24.00
C PHE C 25 23.63 5.82 24.91
N ASN C 26 23.48 5.37 26.15
CA ASN C 26 24.57 5.36 27.12
C ASN C 26 24.81 3.94 27.58
N PRO C 27 25.92 3.31 27.20
CA PRO C 27 26.12 1.89 27.56
C PRO C 27 26.16 1.62 29.05
N GLU C 28 26.56 2.57 29.85
CA GLU C 28 26.69 2.35 31.26
C GLU C 28 25.59 2.91 32.08
N GLN C 29 24.53 3.36 31.47
CA GLN C 29 23.33 3.77 32.20
C GLN C 29 22.64 2.55 32.81
N GLU C 30 21.98 2.76 33.95
CA GLU C 30 21.48 1.67 34.77
C GLU C 30 19.98 1.45 34.58
N ILE C 31 19.59 0.19 34.47
CA ILE C 31 18.22 -0.25 34.66
C ILE C 31 18.16 -0.93 36.02
N VAL C 32 17.27 -0.47 36.88
CA VAL C 32 17.20 -0.87 38.28
C VAL C 32 15.83 -1.47 38.56
N TYR C 33 15.81 -2.67 39.14
CA TYR C 33 14.61 -3.30 39.66
C TYR C 33 14.76 -3.33 41.18
N ALA C 34 13.81 -2.71 41.87
CA ALA C 34 13.98 -2.23 43.24
C ALA C 34 14.59 -3.27 44.15
N ASN C 35 15.80 -2.98 44.63
CA ASN C 35 16.54 -3.79 45.59
C ASN C 35 16.77 -5.22 45.12
N HIS C 36 16.48 -5.51 43.85
CA HIS C 36 16.59 -6.87 43.32
C HIS C 36 17.69 -6.99 42.28
N ARG C 37 17.70 -6.13 41.26
CA ARG C 37 18.56 -6.37 40.12
C ARG C 37 18.96 -5.06 39.46
N ARG C 38 20.26 -4.77 39.42
CA ARG C 38 20.79 -3.64 38.67
C ARG C 38 21.61 -4.17 37.51
N HIS C 39 21.34 -3.67 36.30
CA HIS C 39 22.23 -3.93 35.18
C HIS C 39 22.30 -2.70 34.30
N SER C 40 23.02 -2.79 33.20
CA SER C 40 23.28 -1.65 32.33
C SER C 40 22.50 -1.80 31.02
N TYR C 41 22.55 -0.76 30.20
CA TYR C 41 21.89 -0.82 28.89
C TYR C 41 22.57 -1.81 27.97
N LYS C 42 23.87 -2.02 28.13
CA LYS C 42 24.66 -2.92 27.31
C LYS C 42 24.35 -4.35 27.74
N THR C 43 23.67 -4.47 28.88
CA THR C 43 23.21 -5.77 29.36
C THR C 43 21.75 -5.92 28.96
N PHE C 44 21.02 -4.80 28.95
CA PHE C 44 19.63 -4.79 28.52
C PHE C 44 19.47 -5.22 27.06
N HIS C 45 20.34 -4.74 26.17
CA HIS C 45 20.26 -5.14 24.77
C HIS C 45 20.55 -6.62 24.59
N ASP C 46 21.60 -7.12 25.25
CA ASP C 46 21.93 -8.54 25.18
C ASP C 46 20.79 -9.38 25.74
N ARG C 47 20.16 -8.90 26.81
CA ARG C 47 19.03 -9.60 27.40
C ARG C 47 17.85 -9.66 26.43
N VAL C 48 17.59 -8.57 25.71
CA VAL C 48 16.52 -8.57 24.73
C VAL C 48 16.80 -9.58 23.64
N ARG C 49 18.05 -9.63 23.16
CA ARG C 49 18.38 -10.59 22.12
C ARG C 49 18.27 -12.02 22.62
N GLN C 50 18.68 -12.27 23.87
CA GLN C 50 18.54 -13.60 24.45
C GLN C 50 17.07 -14.00 24.55
N PHE C 51 16.22 -13.06 24.95
CA PHE C 51 14.78 -13.36 25.03
C PHE C 51 14.21 -13.63 23.65
N ALA C 52 14.67 -12.92 22.63
CA ALA C 52 14.23 -13.20 21.27
C ALA C 52 14.64 -14.60 20.84
N ASN C 53 15.87 -15.00 21.14
CA ASN C 53 16.31 -16.36 20.83
C ASN C 53 15.47 -17.39 21.55
N ALA C 54 15.17 -17.15 22.83
CA ALA C 54 14.38 -18.09 23.60
C ALA C 54 12.96 -18.21 23.06
N LEU C 55 12.37 -17.09 22.68
CA LEU C 55 11.03 -17.12 22.10
C LEU C 55 11.01 -17.86 20.77
N THR C 56 12.02 -17.63 19.93
CA THR C 56 12.09 -18.35 18.66
C THR C 56 12.26 -19.84 18.88
N LYS C 57 13.07 -20.22 19.87
CA LYS C 57 13.24 -21.64 20.21
C LYS C 57 11.93 -22.25 20.70
N MET C 58 11.07 -21.46 21.34
CA MET C 58 9.82 -21.93 21.91
C MET C 58 8.72 -22.14 20.89
N GLY C 59 8.94 -21.74 19.64
CA GLY C 59 7.93 -21.88 18.61
C GLY C 59 7.10 -20.65 18.33
N VAL C 60 7.41 -19.51 18.96
CA VAL C 60 6.67 -18.28 18.69
C VAL C 60 7.02 -17.77 17.31
N LYS C 61 6.00 -17.36 16.56
CA LYS C 61 6.15 -16.92 15.18
C LYS C 61 5.56 -15.54 15.00
N LYS C 62 5.43 -15.11 13.75
CA LYS C 62 4.99 -13.76 13.43
C LYS C 62 3.52 -13.51 13.78
N GLY C 63 2.74 -14.55 14.02
CA GLY C 63 1.34 -14.33 14.32
C GLY C 63 0.94 -14.75 15.72
N ASP C 64 1.86 -15.33 16.47
CA ASP C 64 1.54 -15.89 17.76
C ASP C 64 1.31 -14.79 18.79
N THR C 65 0.73 -15.18 19.93
CA THR C 65 0.38 -14.24 20.99
C THR C 65 1.01 -14.68 22.30
N VAL C 66 1.67 -13.74 22.96
CA VAL C 66 2.28 -13.95 24.27
C VAL C 66 1.61 -13.01 25.25
N ALA C 67 1.07 -13.57 26.33
CA ALA C 67 0.44 -12.80 27.37
C ALA C 67 1.37 -12.70 28.57
N VAL C 68 1.36 -11.54 29.23
CA VAL C 68 2.22 -11.29 30.37
C VAL C 68 1.34 -10.87 31.55
N MET C 69 1.66 -11.41 32.74
CA MET C 69 0.89 -11.13 33.95
C MET C 69 1.88 -11.03 35.11
N ASP C 70 2.44 -9.83 35.28
CA ASP C 70 3.39 -9.55 36.37
C ASP C 70 3.38 -8.09 36.76
N TYR C 71 4.25 -7.70 37.69
CA TYR C 71 4.36 -6.32 38.13
C TYR C 71 5.36 -5.52 37.32
N ASP C 72 5.64 -4.30 37.75
CA ASP C 72 6.61 -3.45 37.06
C ASP C 72 7.99 -3.93 37.37
N SER C 73 8.73 -4.34 36.36
CA SER C 73 10.06 -4.91 36.55
C SER C 73 10.82 -4.78 35.25
N HIS C 74 12.09 -5.18 35.29
CA HIS C 74 12.90 -5.21 34.08
C HIS C 74 12.33 -6.20 33.08
N ARG C 75 11.76 -7.30 33.56
CA ARG C 75 11.20 -8.31 32.66
C ARG C 75 10.07 -7.75 31.82
N TYR C 76 9.25 -6.88 32.39
CA TYR C 76 8.14 -6.31 31.62
C TYR C 76 8.65 -5.41 30.50
N LEU C 77 9.68 -4.60 30.77
CA LEU C 77 10.29 -3.80 29.72
C LEU C 77 10.91 -4.68 28.64
N GLU C 78 11.59 -5.75 29.05
CA GLU C 78 12.17 -6.67 28.08
C GLU C 78 11.09 -7.29 27.21
N CYS C 79 9.95 -7.65 27.81
CA CYS C 79 8.84 -8.17 27.02
C CYS C 79 8.33 -7.12 26.04
N TYR C 80 8.06 -5.91 26.54
CA TYR C 80 7.61 -4.76 25.77
C TYR C 80 8.43 -4.59 24.50
N PHE C 81 9.74 -4.77 24.62
CA PHE C 81 10.59 -4.58 23.45
C PHE C 81 10.81 -5.83 22.62
N ALA C 82 10.90 -7.01 23.24
CA ALA C 82 11.32 -8.19 22.51
C ALA C 82 10.17 -8.86 21.78
N ILE C 83 8.97 -8.92 22.38
CA ILE C 83 7.88 -9.63 21.75
C ILE C 83 7.43 -8.96 20.45
N PRO C 84 7.20 -7.65 20.39
CA PRO C 84 6.87 -7.03 19.09
C PRO C 84 7.98 -7.14 18.06
N MET C 85 9.24 -7.12 18.47
CA MET C 85 10.34 -7.16 17.50
C MET C 85 10.36 -8.47 16.72
N ILE C 86 10.05 -9.58 17.39
CA ILE C 86 9.92 -10.87 16.72
C ILE C 86 8.81 -10.84 15.69
N GLY C 87 7.81 -9.97 15.87
CA GLY C 87 6.63 -9.97 15.05
C GLY C 87 5.39 -10.48 15.74
N ALA C 88 5.53 -11.05 16.94
CA ALA C 88 4.38 -11.54 17.69
C ALA C 88 3.60 -10.37 18.27
N LYS C 89 2.52 -10.70 18.97
CA LYS C 89 1.64 -9.71 19.56
C LYS C 89 1.69 -9.85 21.07
N LEU C 90 1.82 -8.71 21.75
CA LEU C 90 1.96 -8.69 23.21
C LEU C 90 0.60 -8.38 23.81
N HIS C 91 0.02 -9.35 24.51
CA HIS C 91 -1.25 -9.17 25.21
C HIS C 91 -0.96 -8.81 26.66
N MET C 92 -1.44 -7.65 27.09
CA MET C 92 -1.25 -7.20 28.46
C MET C 92 -2.49 -7.55 29.27
N ILE C 93 -2.30 -8.31 30.34
CA ILE C 93 -3.40 -8.81 31.16
C ILE C 93 -3.53 -7.93 32.39
N ASN C 94 -4.74 -7.41 32.61
CA ASN C 94 -5.03 -6.60 33.79
C ASN C 94 -5.26 -7.53 34.97
N VAL C 95 -4.30 -7.55 35.91
CA VAL C 95 -4.35 -8.49 37.01
C VAL C 95 -5.36 -8.10 38.07
N ARG C 96 -5.91 -6.89 38.00
CA ARG C 96 -6.88 -6.44 38.99
C ARG C 96 -8.31 -6.83 38.62
N LEU C 97 -8.54 -7.35 37.43
CA LEU C 97 -9.86 -7.85 37.07
C LEU C 97 -10.18 -9.12 37.84
N SER C 98 -11.47 -9.44 37.93
CA SER C 98 -11.88 -10.68 38.55
C SER C 98 -11.41 -11.87 37.71
N PRO C 99 -11.18 -13.02 38.32
CA PRO C 99 -10.66 -14.17 37.55
C PRO C 99 -11.56 -14.58 36.41
N GLU C 100 -12.88 -14.43 36.53
CA GLU C 100 -13.77 -14.72 35.41
C GLU C 100 -13.54 -13.77 34.25
N GLN C 101 -13.36 -12.47 34.54
CA GLN C 101 -13.06 -11.52 33.48
C GLN C 101 -11.71 -11.81 32.84
N ILE C 102 -10.73 -12.21 33.64
CA ILE C 102 -9.42 -12.58 33.09
C ILE C 102 -9.56 -13.78 32.17
N LEU C 103 -10.35 -14.77 32.59
CA LEU C 103 -10.63 -15.93 31.72
C LEU C 103 -11.28 -15.51 30.43
N TYR C 104 -12.25 -14.60 30.50
CA TYR C 104 -12.91 -14.12 29.29
C TYR C 104 -11.92 -13.46 28.34
N THR C 105 -11.05 -12.59 28.87
CA THR C 105 -10.08 -11.91 28.03
C THR C 105 -9.08 -12.90 27.43
N ILE C 106 -8.64 -13.89 28.21
CA ILE C 106 -7.68 -14.86 27.72
C ILE C 106 -8.28 -15.69 26.60
N ASP C 107 -9.52 -16.15 26.78
CA ASP C 107 -10.18 -16.89 25.71
C ASP C 107 -10.42 -16.03 24.48
N HIS C 108 -10.79 -14.76 24.69
CA HIS C 108 -11.06 -13.87 23.57
C HIS C 108 -9.80 -13.61 22.75
N ALA C 109 -8.67 -13.38 23.41
CA ALA C 109 -7.42 -13.08 22.71
C ALA C 109 -6.76 -14.31 22.13
N GLU C 110 -7.01 -15.49 22.69
CA GLU C 110 -6.42 -16.75 22.24
C GLU C 110 -4.89 -16.69 22.30
N ASP C 111 -4.38 -16.54 23.52
CA ASP C 111 -2.95 -16.45 23.74
C ASP C 111 -2.27 -17.80 23.53
N ASP C 112 -1.08 -17.76 22.97
CA ASP C 112 -0.28 -18.96 22.73
C ASP C 112 0.65 -19.29 23.90
N ILE C 113 1.34 -18.28 24.44
CA ILE C 113 2.26 -18.47 25.56
C ILE C 113 1.82 -17.54 26.68
N ILE C 114 1.96 -17.98 27.93
CA ILE C 114 1.63 -17.15 29.07
C ILE C 114 2.82 -17.08 30.01
N LEU C 115 3.29 -15.86 30.29
CA LEU C 115 4.28 -15.60 31.31
C LEU C 115 3.57 -15.00 32.51
N ILE C 116 3.68 -15.67 33.66
CA ILE C 116 2.90 -15.30 34.84
C ILE C 116 3.82 -15.28 36.05
N HIS C 117 3.66 -14.27 36.89
CA HIS C 117 4.41 -14.21 38.13
C HIS C 117 3.97 -15.33 39.08
N GLU C 118 4.75 -15.52 40.13
CA GLU C 118 4.48 -16.59 41.08
C GLU C 118 3.47 -16.11 42.11
N GLU C 119 3.00 -14.87 41.94
CA GLU C 119 2.07 -14.27 42.89
C GLU C 119 0.63 -14.45 42.41
N PHE C 120 0.46 -14.54 41.09
CA PHE C 120 -0.85 -14.72 40.49
C PHE C 120 -1.15 -16.18 40.22
N LEU C 121 -0.27 -17.07 40.69
CA LEU C 121 -0.50 -18.50 40.51
C LEU C 121 -1.81 -18.98 41.14
N PRO C 122 -2.21 -18.56 42.34
CA PRO C 122 -3.53 -18.98 42.84
C PRO C 122 -4.69 -18.54 41.95
N ILE C 123 -4.59 -17.37 41.31
CA ILE C 123 -5.62 -16.96 40.36
C ILE C 123 -5.64 -17.89 39.17
N LEU C 124 -4.46 -18.25 38.65
CA LEU C 124 -4.40 -19.15 37.52
C LEU C 124 -4.92 -20.54 37.88
N ASP C 125 -4.82 -20.92 39.16
CA ASP C 125 -5.32 -22.22 39.58
C ASP C 125 -6.82 -22.32 39.39
N GLN C 126 -7.56 -21.26 39.73
CA GLN C 126 -8.99 -21.23 39.47
C GLN C 126 -9.30 -21.19 37.98
N ILE C 127 -8.50 -20.49 37.19
CA ILE C 127 -8.72 -20.38 35.76
C ILE C 127 -7.61 -21.15 35.07
N LYS C 128 -7.67 -22.49 35.12
CA LYS C 128 -6.67 -23.27 34.40
C LYS C 128 -7.34 -24.38 33.60
N GLY C 129 -8.38 -24.99 34.16
CA GLY C 129 -9.12 -26.01 33.46
C GLY C 129 -9.86 -25.51 32.24
N ARG C 130 -10.36 -24.28 32.31
CA ARG C 130 -11.21 -23.71 31.30
C ARG C 130 -10.43 -22.93 30.25
N ILE C 131 -9.11 -22.89 30.34
CA ILE C 131 -8.26 -22.25 29.35
C ILE C 131 -7.88 -23.29 28.30
N ASP C 132 -7.96 -22.96 27.02
CA ASP C 132 -7.71 -23.96 25.95
C ASP C 132 -6.47 -23.76 25.08
N THR C 133 -6.20 -22.54 24.63
CA THR C 133 -5.10 -22.27 23.70
C THR C 133 -3.68 -22.19 24.19
N VAL C 134 -3.44 -22.24 25.49
CA VAL C 134 -2.08 -22.04 25.97
C VAL C 134 -1.22 -23.28 26.04
N THR C 135 -0.11 -23.27 25.30
CA THR C 135 0.78 -24.42 25.28
C THR C 135 1.90 -24.34 26.30
N ARG C 136 2.09 -23.20 26.96
CA ARG C 136 3.17 -23.07 27.92
C ARG C 136 2.92 -21.94 28.89
N TYR C 137 3.22 -22.20 30.16
CA TYR C 137 3.25 -21.21 31.22
C TYR C 137 4.67 -21.09 31.73
N VAL C 138 5.16 -19.85 31.81
CA VAL C 138 6.50 -19.56 32.32
C VAL C 138 6.34 -18.78 33.61
N VAL C 139 6.82 -19.35 34.72
CA VAL C 139 6.63 -18.76 36.04
C VAL C 139 7.79 -17.83 36.33
N LEU C 140 7.47 -16.59 36.68
CA LEU C 140 8.45 -15.56 36.99
C LEU C 140 8.62 -15.44 38.49
N ARG C 141 9.86 -15.25 38.93
CA ARG C 141 10.17 -15.16 40.35
C ARG C 141 11.19 -14.06 40.56
N ASP C 142 11.29 -13.60 41.80
CA ASP C 142 12.23 -12.55 42.17
C ASP C 142 13.57 -13.10 42.65
N ASP C 143 13.75 -14.41 42.63
CA ASP C 143 15.01 -15.05 43.01
C ASP C 143 15.63 -15.72 41.80
N GLU C 144 16.72 -16.46 42.04
CA GLU C 144 17.40 -17.18 40.96
C GLU C 144 16.57 -18.35 40.43
N GLU C 145 15.53 -18.77 41.15
CA GLU C 145 14.68 -19.87 40.72
C GLU C 145 13.69 -19.46 39.64
N CYS C 146 13.80 -18.27 39.10
CA CYS C 146 12.91 -17.81 38.03
C CYS C 146 13.10 -18.65 36.78
N GLU C 147 11.99 -19.05 36.16
CA GLU C 147 12.07 -19.80 34.91
C GLU C 147 12.44 -18.89 33.75
N TYR C 148 12.11 -17.60 33.85
CA TYR C 148 12.49 -16.63 32.83
C TYR C 148 14.01 -16.51 32.74
N GLU C 149 14.68 -16.41 33.88
CA GLU C 149 16.13 -16.34 33.89
C GLU C 149 16.75 -17.63 33.39
N ARG C 150 16.19 -18.78 33.78
CA ARG C 150 16.68 -20.05 33.30
C ARG C 150 16.55 -20.17 31.79
N LEU C 151 15.45 -19.69 31.22
CA LEU C 151 15.27 -19.71 29.78
C LEU C 151 16.15 -18.70 29.07
N LEU C 152 16.50 -17.59 29.72
CA LEU C 152 17.35 -16.60 29.09
C LEU C 152 18.81 -17.03 29.08
N GLU C 153 19.25 -17.72 30.13
CA GLU C 153 20.67 -18.00 30.27
C GLU C 153 21.17 -19.10 29.34
N GLN C 154 20.30 -19.78 28.61
CA GLN C 154 20.72 -20.83 27.71
C GLN C 154 21.07 -20.32 26.31
N GLU C 155 20.62 -19.13 25.93
CA GLU C 155 20.77 -18.62 24.58
C GLU C 155 21.91 -17.61 24.50
N SER C 156 22.31 -17.34 23.26
CA SER C 156 23.37 -16.39 22.96
C SER C 156 22.79 -14.98 22.82
N THR C 157 23.68 -13.99 22.93
CA THR C 157 23.31 -12.59 22.86
C THR C 157 23.39 -12.03 21.45
N GLU C 158 23.25 -12.87 20.44
CA GLU C 158 23.28 -12.44 19.05
C GLU C 158 21.96 -12.81 18.37
N TYR C 159 21.34 -11.82 17.73
CA TYR C 159 20.08 -12.05 17.04
C TYR C 159 19.91 -10.99 15.98
N ASN C 160 19.40 -11.39 14.82
CA ASN C 160 19.11 -10.49 13.71
C ASN C 160 17.61 -10.29 13.64
N PHE C 161 17.15 -9.12 14.04
CA PHE C 161 15.72 -8.85 14.10
C PHE C 161 15.17 -8.56 12.71
N PRO C 162 14.12 -9.25 12.27
CA PRO C 162 13.60 -9.02 10.92
C PRO C 162 12.82 -7.72 10.83
N ASP C 163 12.77 -7.17 9.63
CA ASP C 163 11.85 -6.09 9.34
C ASP C 163 10.64 -6.60 8.58
N PHE C 164 9.54 -5.87 8.70
CA PHE C 164 8.29 -6.26 8.06
C PHE C 164 7.45 -5.00 7.86
N ASP C 165 6.19 -5.19 7.51
CA ASP C 165 5.29 -4.06 7.32
C ASP C 165 5.06 -3.34 8.64
N GLU C 166 5.00 -2.01 8.57
CA GLU C 166 4.84 -1.19 9.76
C GLU C 166 3.42 -1.19 10.29
N ASN C 167 2.48 -1.84 9.61
CA ASN C 167 1.09 -1.92 10.05
C ASN C 167 0.78 -3.24 10.74
N THR C 168 1.79 -4.02 11.10
CA THR C 168 1.57 -5.25 11.84
C THR C 168 1.28 -4.93 13.30
N VAL C 169 0.30 -5.62 13.87
CA VAL C 169 -0.12 -5.35 15.24
C VAL C 169 0.98 -5.75 16.20
N ALA C 170 1.25 -4.88 17.18
CA ALA C 170 2.31 -5.07 18.16
C ALA C 170 1.77 -5.38 19.55
N THR C 171 0.80 -4.60 20.04
CA THR C 171 0.30 -4.75 21.40
C THR C 171 -1.21 -4.79 21.42
N THR C 172 -1.77 -5.38 22.47
CA THR C 172 -3.20 -5.42 22.67
C THR C 172 -3.49 -5.54 24.16
N PHE C 173 -4.63 -4.98 24.57
CA PHE C 173 -5.11 -5.09 25.93
C PHE C 173 -6.60 -4.77 25.94
N TYR C 174 -7.21 -4.90 27.12
CA TYR C 174 -8.65 -4.76 27.27
C TYR C 174 -8.96 -3.61 28.23
N THR C 175 -10.10 -2.97 28.00
CA THR C 175 -10.52 -1.87 28.84
C THR C 175 -10.96 -2.37 30.21
N THR C 176 -11.14 -1.41 31.13
CA THR C 176 -11.49 -1.77 32.51
C THR C 176 -12.86 -2.43 32.56
N GLY C 177 -13.82 -1.91 31.82
CA GLY C 177 -15.13 -2.52 31.75
C GLY C 177 -16.14 -1.98 32.75
N THR C 178 -16.09 -0.68 33.03
CA THR C 178 -17.06 -0.08 33.93
C THR C 178 -18.45 -0.05 33.29
N THR C 179 -18.51 -0.04 31.96
CA THR C 179 -19.80 0.04 31.28
C THR C 179 -20.17 -1.26 30.59
N GLY C 180 -19.27 -2.20 30.47
CA GLY C 180 -19.70 -3.45 29.90
C GLY C 180 -18.76 -4.53 30.18
N PHE C 181 -18.47 -5.28 29.15
CA PHE C 181 -17.50 -6.30 29.29
C PHE C 181 -16.29 -5.58 28.80
N PRO C 182 -15.11 -6.07 29.14
CA PRO C 182 -13.95 -5.41 28.56
C PRO C 182 -13.86 -5.36 27.03
N LYS C 183 -13.25 -4.33 26.46
CA LYS C 183 -13.17 -4.19 25.01
C LYS C 183 -11.71 -4.25 24.59
N GLY C 184 -11.43 -5.08 23.58
CA GLY C 184 -10.06 -5.28 23.13
C GLY C 184 -9.63 -4.18 22.18
N VAL C 185 -8.48 -3.57 22.46
CA VAL C 185 -7.92 -2.51 21.64
C VAL C 185 -6.49 -2.90 21.28
N PHE C 186 -6.08 -2.60 20.05
CA PHE C 186 -4.78 -3.00 19.55
C PHE C 186 -4.12 -1.85 18.81
N PHE C 187 -2.79 -1.87 18.75
CA PHE C 187 -2.00 -0.85 18.09
C PHE C 187 -0.90 -1.51 17.29
N THR C 188 -0.39 -0.79 16.29
CA THR C 188 0.65 -1.31 15.41
C THR C 188 2.00 -0.69 15.76
N HIS C 189 3.03 -1.14 15.05
CA HIS C 189 4.37 -0.59 15.25
C HIS C 189 4.42 0.88 14.89
N ARG C 190 3.83 1.23 13.76
CA ARG C 190 3.79 2.61 13.31
C ARG C 190 3.16 3.48 14.34
N GLN C 191 2.01 3.10 14.84
CA GLN C 191 1.27 3.91 15.80
C GLN C 191 2.09 4.15 17.07
N LEU C 192 2.75 3.11 17.58
CA LEU C 192 3.54 3.27 18.80
C LEU C 192 4.74 4.18 18.57
N VAL C 193 5.42 4.03 17.44
CA VAL C 193 6.57 4.89 17.15
C VAL C 193 6.11 6.34 17.01
N LEU C 194 5.01 6.57 16.29
CA LEU C 194 4.52 7.93 16.13
C LEU C 194 4.07 8.52 17.45
N HIS C 195 3.44 7.73 18.32
CA HIS C 195 3.03 8.22 19.62
C HIS C 195 4.23 8.63 20.45
N THR C 196 5.28 7.80 20.44
CA THR C 196 6.49 8.14 21.19
C THR C 196 7.09 9.45 20.70
N MET C 197 7.26 9.59 19.38
CA MET C 197 7.84 10.82 18.85
C MET C 197 6.96 12.05 19.07
N GLY C 198 5.65 11.92 18.90
CA GLY C 198 4.76 13.05 19.11
C GLY C 198 4.74 13.53 20.54
N ILE C 199 4.67 12.59 21.49
CA ILE C 199 4.65 13.00 22.89
C ILE C 199 6.01 13.57 23.30
N LEU C 200 7.11 13.02 22.77
CA LEU C 200 8.41 13.59 23.07
C LEU C 200 8.52 15.01 22.54
N SER C 201 8.04 15.25 21.31
CA SER C 201 8.05 16.60 20.77
C SER C 201 7.18 17.54 21.59
N THR C 202 6.04 17.05 22.08
CA THR C 202 5.14 17.93 22.83
C THR C 202 5.71 18.29 24.20
N ILE C 203 6.19 17.31 24.96
CA ILE C 203 6.55 17.58 26.35
C ILE C 203 8.02 17.96 26.53
N GLY C 204 8.89 17.56 25.60
CA GLY C 204 10.29 17.93 25.72
C GLY C 204 10.61 19.36 25.34
N THR C 205 9.75 20.00 24.56
CA THR C 205 10.00 21.34 24.06
C THR C 205 9.39 22.42 24.95
N ASN C 206 8.83 22.05 26.10
CA ASN C 206 8.32 23.06 27.02
C ASN C 206 9.47 23.90 27.55
N ALA C 207 9.18 25.17 27.81
CA ALA C 207 10.22 26.14 28.16
C ALA C 207 10.87 25.81 29.50
N SER C 208 10.08 25.78 30.58
CA SER C 208 10.66 25.61 31.90
C SER C 208 9.82 24.79 32.88
N GLN C 209 8.68 24.24 32.47
CA GLN C 209 7.82 23.51 33.38
C GLN C 209 7.36 22.21 32.76
N GLY C 210 7.38 21.14 33.56
CA GLY C 210 6.79 19.87 33.16
C GLY C 210 7.38 19.27 31.90
N ARG C 211 8.70 19.24 31.80
CA ARG C 211 9.37 18.70 30.63
C ARG C 211 10.18 17.46 31.01
N LEU C 212 10.25 16.53 30.06
CA LEU C 212 11.04 15.32 30.18
C LEU C 212 12.24 15.44 29.26
N HIS C 213 13.43 15.37 29.83
CA HIS C 213 14.65 15.51 29.06
C HIS C 213 15.61 14.38 29.38
N GLN C 214 16.79 14.41 28.75
CA GLN C 214 17.75 13.33 28.82
C GLN C 214 18.45 13.22 30.17
N GLY C 215 18.29 14.20 31.06
CA GLY C 215 18.88 14.13 32.37
C GLY C 215 17.97 13.63 33.47
N ASP C 216 16.77 13.16 33.14
CA ASP C 216 15.80 12.74 34.14
C ASP C 216 16.03 11.29 34.55
N ILE C 217 15.41 10.92 35.67
CA ILE C 217 15.35 9.55 36.16
C ILE C 217 13.90 9.17 36.27
N TYR C 218 13.51 8.06 35.66
CA TYR C 218 12.11 7.72 35.45
C TYR C 218 11.72 6.52 36.28
N MET C 219 10.62 6.64 37.01
CA MET C 219 10.04 5.52 37.74
C MET C 219 8.53 5.50 37.53
N PRO C 220 7.97 4.40 37.03
CA PRO C 220 6.52 4.34 36.84
C PRO C 220 5.78 4.01 38.12
N ILE C 221 4.63 4.64 38.30
CA ILE C 221 3.72 4.27 39.39
C ILE C 221 2.34 3.87 38.89
N THR C 222 2.08 3.90 37.59
CA THR C 222 0.84 3.33 37.06
C THR C 222 1.01 1.83 36.84
N PRO C 223 -0.11 1.10 36.74
CA PRO C 223 -0.05 -0.35 36.62
C PRO C 223 0.94 -0.90 35.60
N MET C 224 1.12 -0.22 34.47
CA MET C 224 2.04 -0.57 33.39
C MET C 224 1.54 -1.75 32.56
N PHE C 225 0.46 -2.42 32.98
CA PHE C 225 -0.18 -3.43 32.17
C PHE C 225 -1.49 -2.94 31.56
N HIS C 226 -1.78 -1.67 31.77
CA HIS C 226 -2.98 -1.12 31.25
C HIS C 226 -2.58 -0.39 30.03
N VAL C 227 -2.67 0.92 30.04
CA VAL C 227 -2.40 1.74 28.86
C VAL C 227 -0.98 1.95 28.40
N HIS C 228 -0.17 0.91 28.28
CA HIS C 228 1.25 1.01 27.94
C HIS C 228 2.00 1.84 28.92
N ALA C 229 1.55 1.95 30.16
CA ALA C 229 2.12 2.85 31.13
C ALA C 229 2.28 4.21 30.52
N TRP C 230 1.24 4.69 29.87
CA TRP C 230 1.24 5.98 29.23
C TRP C 230 2.31 6.14 28.17
N GLY C 231 2.82 5.04 27.65
CA GLY C 231 3.90 5.09 26.69
C GLY C 231 5.23 5.56 27.25
N LEU C 232 5.31 5.82 28.55
CA LEU C 232 6.54 6.32 29.13
C LEU C 232 7.71 5.36 29.04
N PRO C 233 7.57 4.05 29.30
CA PRO C 233 8.75 3.16 29.17
C PRO C 233 9.39 3.19 27.80
N TYR C 234 8.60 3.33 26.73
CA TYR C 234 9.19 3.51 25.42
C TYR C 234 9.97 4.81 25.34
N MET C 235 9.32 5.93 25.70
CA MET C 235 9.94 7.24 25.58
C MET C 235 11.23 7.31 26.38
N ALA C 236 11.20 6.83 27.62
CA ALA C 236 12.41 6.81 28.44
C ALA C 236 13.52 6.04 27.75
N THR C 237 13.19 4.88 27.16
CA THR C 237 14.21 4.09 26.49
C THR C 237 14.78 4.84 25.30
N MET C 238 13.99 5.69 24.66
CA MET C 238 14.52 6.49 23.56
C MET C 238 15.49 7.55 24.07
N LEU C 239 15.27 8.06 25.28
CA LEU C 239 16.15 9.08 25.82
C LEU C 239 17.36 8.49 26.53
N GLY C 240 17.40 7.18 26.75
CA GLY C 240 18.51 6.56 27.44
C GLY C 240 18.66 7.01 28.87
N VAL C 241 17.56 7.28 29.55
CA VAL C 241 17.63 7.76 30.92
C VAL C 241 17.60 6.57 31.88
N LYS C 242 18.00 6.82 33.12
CA LYS C 242 17.93 5.80 34.16
C LYS C 242 16.48 5.48 34.49
N GLN C 243 16.20 4.18 34.63
CA GLN C 243 14.84 3.70 34.87
C GLN C 243 14.83 2.85 36.14
N VAL C 244 13.90 3.14 37.03
CA VAL C 244 13.74 2.43 38.30
C VAL C 244 12.36 1.82 38.32
N TYR C 245 12.29 0.54 38.64
CA TYR C 245 11.01 -0.19 38.65
C TYR C 245 10.71 -0.69 40.06
N PRO C 246 9.62 -0.23 40.67
CA PRO C 246 9.38 -0.52 42.09
C PRO C 246 8.83 -1.92 42.37
N GLY C 247 7.92 -2.40 41.53
CA GLY C 247 7.27 -3.66 41.79
C GLY C 247 5.87 -3.55 42.36
N LYS C 248 5.76 -3.72 43.68
CA LYS C 248 4.48 -3.92 44.36
C LYS C 248 3.73 -2.64 44.69
N TYR C 249 4.36 -1.47 44.63
CA TYR C 249 3.72 -0.22 45.05
C TYR C 249 3.43 -0.14 46.51
N VAL C 250 4.44 -0.38 47.33
CA VAL C 250 4.23 -0.16 48.74
C VAL C 250 4.68 1.33 48.97
N PRO C 251 3.85 2.23 49.56
CA PRO C 251 4.26 3.64 49.72
C PRO C 251 5.62 3.83 50.37
N ASP C 252 5.99 2.99 51.34
CA ASP C 252 7.30 3.14 51.98
C ASP C 252 8.42 2.80 51.01
N VAL C 253 8.30 1.69 50.29
CA VAL C 253 9.37 1.34 49.35
C VAL C 253 9.43 2.36 48.22
N LEU C 254 8.29 2.93 47.83
CA LEU C 254 8.28 3.97 46.81
C LEU C 254 8.99 5.23 47.31
N LEU C 255 8.73 5.63 48.55
CA LEU C 255 9.36 6.82 49.10
C LEU C 255 10.82 6.57 49.44
N ASN C 256 11.24 5.31 49.48
CA ASN C 256 12.67 5.02 49.58
C ASN C 256 13.33 5.05 48.21
N LEU C 257 12.68 4.49 47.19
CA LEU C 257 13.24 4.50 45.85
C LEU C 257 13.39 5.93 45.34
N ILE C 258 12.36 6.76 45.48
CA ILE C 258 12.58 8.19 45.41
C ILE C 258 13.41 8.49 46.65
N GLU C 259 14.30 9.50 46.57
CA GLU C 259 15.37 9.75 47.53
C GLU C 259 16.61 8.91 47.23
N GLN C 260 16.57 7.58 47.43
CA GLN C 260 17.78 6.80 47.19
C GLN C 260 18.23 6.85 45.73
N GLU C 261 17.30 6.74 44.79
CA GLU C 261 17.62 6.76 43.38
C GLU C 261 17.47 8.14 42.74
N LYS C 262 16.99 9.12 43.51
CA LYS C 262 16.80 10.49 43.02
C LYS C 262 15.90 10.53 41.79
N VAL C 263 14.71 9.94 41.92
CA VAL C 263 13.75 9.94 40.82
C VAL C 263 13.23 11.35 40.59
N THR C 264 13.19 11.77 39.33
CA THR C 264 12.72 13.10 38.98
C THR C 264 11.45 13.11 38.14
N PHE C 265 11.11 12.03 37.47
CA PHE C 265 9.92 11.98 36.64
C PHE C 265 9.15 10.69 36.91
N SER C 266 7.84 10.82 37.09
CA SER C 266 6.99 9.66 37.36
C SER C 266 5.57 10.00 36.91
N HIS C 267 4.67 9.04 37.08
CA HIS C 267 3.27 9.22 36.76
C HIS C 267 2.44 8.25 37.58
N CYS C 268 1.36 8.76 38.17
CA CYS C 268 0.53 7.93 39.03
C CYS C 268 -0.92 8.40 38.92
N VAL C 269 -1.74 8.00 39.89
CA VAL C 269 -3.15 8.34 39.95
C VAL C 269 -3.40 9.08 41.27
N PRO C 270 -4.50 9.82 41.40
CA PRO C 270 -4.68 10.65 42.62
C PRO C 270 -4.64 9.87 43.92
N THR C 271 -5.13 8.63 43.95
CA THR C 271 -5.14 7.86 45.19
C THR C 271 -3.74 7.54 45.67
N ILE C 272 -2.86 7.10 44.76
CA ILE C 272 -1.50 6.78 45.13
C ILE C 272 -0.75 8.03 45.55
N LEU C 273 -0.99 9.14 44.86
CA LEU C 273 -0.35 10.40 45.24
C LEU C 273 -0.79 10.84 46.63
N HIS C 274 -2.09 10.69 46.94
CA HIS C 274 -2.57 11.02 48.27
C HIS C 274 -1.93 10.13 49.33
N LEU C 275 -1.79 8.83 49.03
CA LEU C 275 -1.15 7.92 49.97
C LEU C 275 0.31 8.30 50.20
N LEU C 276 1.02 8.68 49.13
CA LEU C 276 2.41 9.10 49.27
C LEU C 276 2.53 10.38 50.10
N LEU C 277 1.65 11.34 49.85
CA LEU C 277 1.73 12.62 50.55
C LEU C 277 1.35 12.49 52.02
N SER C 278 0.44 11.57 52.33
CA SER C 278 -0.02 11.40 53.71
C SER C 278 0.85 10.48 54.53
N SER C 279 1.81 9.79 53.92
CA SER C 279 2.68 8.90 54.67
C SER C 279 3.59 9.71 55.58
N PRO C 280 3.78 9.29 56.84
CA PRO C 280 4.65 10.07 57.75
C PRO C 280 6.08 10.20 57.27
N LYS C 281 6.61 9.17 56.61
CA LYS C 281 7.99 9.23 56.15
C LYS C 281 8.21 10.32 55.11
N SER C 282 7.16 10.80 54.48
CA SER C 282 7.28 11.89 53.51
C SER C 282 7.35 13.26 54.18
N LYS C 283 7.12 13.36 55.49
CA LYS C 283 7.16 14.65 56.16
C LYS C 283 8.57 15.21 56.25
N ALA C 284 9.59 14.36 56.21
CA ALA C 284 10.98 14.78 56.30
C ALA C 284 11.73 14.41 55.03
N MET C 285 11.09 14.65 53.88
CA MET C 285 11.59 14.24 52.59
C MET C 285 11.60 15.44 51.66
N ASP C 286 12.61 15.52 50.80
CA ASP C 286 12.72 16.61 49.84
C ASP C 286 12.10 16.19 48.52
N PHE C 287 11.19 17.00 48.01
CA PHE C 287 10.41 16.66 46.82
C PHE C 287 10.60 17.63 45.67
N SER C 288 11.52 18.58 45.78
CA SER C 288 11.62 19.64 44.78
C SER C 288 12.50 19.24 43.60
N GLY C 289 12.27 18.02 43.09
CA GLY C 289 12.89 17.58 41.86
C GLY C 289 11.98 16.65 41.11
N TRP C 290 10.75 16.51 41.59
CA TRP C 290 9.82 15.48 41.18
C TRP C 290 8.73 16.08 40.29
N LYS C 291 8.39 15.38 39.22
CA LYS C 291 7.43 15.87 38.32
C LYS C 291 6.55 14.71 38.15
N VAL C 292 5.40 14.74 38.80
CA VAL C 292 4.44 13.69 38.67
C VAL C 292 3.42 14.06 37.66
N VAL C 293 3.00 13.09 36.89
CA VAL C 293 1.93 13.31 35.91
C VAL C 293 0.72 12.51 36.37
N ILE C 294 -0.40 13.19 36.56
CA ILE C 294 -1.61 12.57 37.08
C ILE C 294 -2.58 12.37 35.93
N GLY C 295 -2.88 11.11 35.62
CA GLY C 295 -3.69 10.81 34.46
C GLY C 295 -4.80 9.81 34.70
N GLY C 296 -5.02 9.43 35.95
CA GLY C 296 -6.08 8.49 36.25
C GLY C 296 -7.45 9.07 35.99
N ALA C 297 -7.86 10.03 36.82
CA ALA C 297 -9.13 10.72 36.63
C ALA C 297 -9.21 11.90 37.59
N ALA C 298 -9.63 13.05 37.08
CA ALA C 298 -10.17 14.16 37.87
C ALA C 298 -9.27 14.49 39.06
N LEU C 299 -8.10 15.03 38.76
CA LEU C 299 -7.20 15.52 39.78
C LEU C 299 -7.88 16.63 40.58
N PRO C 300 -8.19 16.42 41.86
CA PRO C 300 -8.86 17.45 42.65
C PRO C 300 -7.95 18.61 42.99
N LYS C 301 -8.57 19.76 43.26
CA LYS C 301 -7.81 20.98 43.50
C LYS C 301 -7.06 20.93 44.82
N ALA C 302 -7.66 20.34 45.86
CA ALA C 302 -7.00 20.29 47.16
C ALA C 302 -5.72 19.47 47.11
N LEU C 303 -5.77 18.31 46.44
CA LEU C 303 -4.57 17.48 46.29
C LEU C 303 -3.49 18.23 45.51
N CYS C 304 -3.89 18.90 44.43
CA CYS C 304 -2.92 19.67 43.64
C CYS C 304 -2.29 20.76 44.49
N LYS C 305 -3.09 21.46 45.30
CA LYS C 305 -2.55 22.54 46.12
C LYS C 305 -1.58 22.01 47.18
N SER C 306 -1.93 20.89 47.84
CA SER C 306 -1.02 20.33 48.83
C SER C 306 0.27 19.85 48.19
N ALA C 307 0.17 19.21 47.03
CA ALA C 307 1.37 18.77 46.32
C ALA C 307 2.25 19.96 45.92
N LEU C 308 1.62 21.04 45.45
CA LEU C 308 2.39 22.24 45.10
C LEU C 308 3.07 22.84 46.32
N GLU C 309 2.37 22.86 47.45
CA GLU C 309 2.97 23.36 48.69
C GLU C 309 4.12 22.47 49.15
N ARG C 310 4.13 21.19 48.75
CA ARG C 310 5.29 20.34 48.97
C ARG C 310 6.36 20.53 47.90
N ASP C 311 6.25 21.56 47.06
CA ASP C 311 7.23 21.89 46.03
C ASP C 311 7.37 20.77 45.00
N ILE C 312 6.23 20.26 44.53
CA ILE C 312 6.19 19.22 43.52
C ILE C 312 5.58 19.79 42.25
N ASP C 313 6.18 19.45 41.11
CA ASP C 313 5.65 19.87 39.81
C ASP C 313 4.60 18.86 39.39
N VAL C 314 3.33 19.20 39.57
CA VAL C 314 2.21 18.31 39.31
C VAL C 314 1.38 18.92 38.18
N PHE C 315 1.04 18.09 37.19
CA PHE C 315 0.18 18.51 36.11
C PHE C 315 -0.65 17.32 35.66
N ALA C 316 -1.86 17.58 35.17
CA ALA C 316 -2.76 16.52 34.79
C ALA C 316 -2.63 16.16 33.32
N GLY C 317 -2.86 14.89 33.01
CA GLY C 317 -2.90 14.44 31.63
C GLY C 317 -4.17 13.65 31.40
N TYR C 318 -4.61 13.65 30.14
CA TYR C 318 -5.84 12.99 29.75
C TYR C 318 -5.58 12.02 28.63
N GLY C 319 -5.94 10.76 28.84
CA GLY C 319 -5.94 9.71 27.85
C GLY C 319 -6.96 8.67 28.24
N MET C 320 -7.50 7.93 27.28
CA MET C 320 -8.65 7.07 27.54
C MET C 320 -8.50 5.66 26.98
N SER C 321 -7.30 5.09 27.06
CA SER C 321 -7.01 3.66 26.91
C SER C 321 -7.27 3.11 25.51
N GLU C 322 -7.73 3.93 24.57
CA GLU C 322 -7.80 3.49 23.19
C GLU C 322 -7.40 4.61 22.24
N THR C 323 -6.61 5.56 22.74
CA THR C 323 -6.18 6.74 21.98
C THR C 323 -4.69 6.97 22.16
N GLY C 324 -3.92 5.91 22.38
CA GLY C 324 -2.49 6.04 22.43
C GLY C 324 -1.77 5.67 23.72
N PRO C 325 -2.27 6.08 24.90
CA PRO C 325 -3.50 6.80 25.23
C PRO C 325 -3.42 8.32 25.26
N ILE C 326 -2.24 8.93 25.27
CA ILE C 326 -2.13 10.35 25.62
C ILE C 326 -2.80 11.21 24.56
N LEU C 327 -3.74 12.06 25.00
CA LEU C 327 -4.37 13.05 24.14
C LEU C 327 -4.16 14.47 24.62
N SER C 328 -4.13 14.72 25.94
CA SER C 328 -3.99 16.06 26.47
C SER C 328 -2.97 16.08 27.59
N ILE C 329 -2.17 17.15 27.65
CA ILE C 329 -1.20 17.35 28.70
C ILE C 329 -1.25 18.81 29.13
N VAL C 330 -1.23 19.05 30.44
CA VAL C 330 -1.22 20.42 30.95
C VAL C 330 0.16 21.00 30.79
N GLN C 331 0.26 22.12 30.07
CA GLN C 331 1.51 22.85 29.90
C GLN C 331 1.27 24.30 30.26
N LEU C 332 2.09 24.83 31.16
CA LEU C 332 1.92 26.19 31.65
C LEU C 332 2.97 27.11 31.02
N THR C 333 2.50 28.21 30.44
CA THR C 333 3.41 29.20 29.89
C THR C 333 4.10 29.94 31.03
N PRO C 334 5.24 30.66 30.69
CA PRO C 334 5.95 31.29 31.81
C PRO C 334 5.25 32.41 32.45
N GLU C 335 4.25 32.98 31.83
CA GLU C 335 3.41 33.99 32.45
C GLU C 335 2.56 33.39 33.58
N GLN C 336 2.02 32.18 33.36
CA GLN C 336 1.25 31.50 34.39
C GLN C 336 2.11 30.89 35.46
N LEU C 337 3.44 30.93 35.38
CA LEU C 337 4.29 30.42 36.44
C LEU C 337 4.48 31.41 37.57
N GLU C 338 3.96 32.63 37.43
CA GLU C 338 4.03 33.64 38.49
C GLU C 338 2.86 33.49 39.45
N LEU C 339 1.71 33.07 38.93
CA LEU C 339 0.46 32.99 39.67
C LEU C 339 0.61 32.27 41.00
N ASP C 340 -0.14 32.70 42.01
CA ASP C 340 -0.08 32.08 43.32
C ASP C 340 -0.62 30.65 43.26
N VAL C 341 -0.54 29.96 44.40
CA VAL C 341 -0.79 28.52 44.44
C VAL C 341 -2.24 28.20 44.06
N ASP C 342 -3.18 29.09 44.40
CA ASP C 342 -4.59 28.82 44.06
C ASP C 342 -4.82 28.83 42.56
N GLN C 343 -4.37 29.88 41.88
CA GLN C 343 -4.58 29.96 40.44
C GLN C 343 -3.76 28.91 39.70
N GLN C 344 -2.55 28.63 40.18
CA GLN C 344 -1.75 27.57 39.58
C GLN C 344 -2.43 26.22 39.74
N ALA C 345 -3.03 25.97 40.91
CA ALA C 345 -3.77 24.71 41.10
C ALA C 345 -4.97 24.64 40.18
N GLU C 346 -5.66 25.77 39.98
CA GLU C 346 -6.78 25.81 39.04
C GLU C 346 -6.33 25.44 37.64
N TYR C 347 -5.19 25.97 37.21
CA TYR C 347 -4.71 25.70 35.85
C TYR C 347 -4.18 24.27 35.73
N ARG C 348 -3.54 23.76 36.78
CA ARG C 348 -2.98 22.42 36.72
C ARG C 348 -4.04 21.32 36.81
N SER C 349 -5.18 21.61 37.46
CA SER C 349 -6.20 20.59 37.63
C SER C 349 -6.96 20.27 36.35
N LYS C 350 -6.87 21.14 35.33
CA LYS C 350 -7.59 20.89 34.10
C LYS C 350 -6.98 19.70 33.34
N THR C 351 -7.71 19.22 32.34
CA THR C 351 -7.23 18.07 31.59
C THR C 351 -6.07 18.46 30.67
N GLY C 352 -6.08 19.68 30.16
CA GLY C 352 -4.95 20.24 29.45
C GLY C 352 -5.25 20.48 27.99
N LYS C 353 -4.25 20.99 27.29
CA LYS C 353 -4.34 21.24 25.85
C LYS C 353 -3.94 19.99 25.07
N LYS C 354 -4.44 19.90 23.84
CA LYS C 354 -4.17 18.74 23.01
C LYS C 354 -2.71 18.70 22.58
N VAL C 355 -2.19 17.49 22.44
CA VAL C 355 -0.80 17.27 22.05
C VAL C 355 -0.66 17.40 20.54
N ALA C 356 0.56 17.39 20.05
CA ALA C 356 0.82 17.56 18.63
C ALA C 356 0.11 16.50 17.80
N LEU C 357 -0.38 16.91 16.63
CA LEU C 357 -1.05 16.05 15.67
C LEU C 357 -2.39 15.51 16.19
N VAL C 358 -3.14 16.34 16.90
CA VAL C 358 -4.45 15.97 17.43
C VAL C 358 -5.45 17.08 17.09
N GLU C 359 -6.64 16.69 16.65
CA GLU C 359 -7.70 17.65 16.31
C GLU C 359 -8.54 18.04 17.52
N ALA C 360 -9.21 17.08 18.14
CA ALA C 360 -9.92 17.28 19.41
C ALA C 360 -10.97 18.39 19.31
N TYR C 361 -12.00 18.11 18.52
CA TYR C 361 -13.16 19.00 18.46
C TYR C 361 -14.18 18.64 19.55
N ILE C 362 -14.93 19.64 19.98
CA ILE C 362 -16.07 19.45 20.85
C ILE C 362 -17.32 19.47 19.98
N VAL C 363 -18.29 18.63 20.30
CA VAL C 363 -19.42 18.42 19.42
C VAL C 363 -20.65 18.09 20.24
N ASP C 364 -21.82 18.40 19.70
CA ASP C 364 -23.07 17.99 20.32
C ASP C 364 -23.48 16.65 19.71
N GLU C 365 -24.75 16.31 19.79
CA GLU C 365 -25.23 15.10 19.12
C GLU C 365 -25.45 15.55 17.68
N ASP C 366 -25.64 14.63 16.74
CA ASP C 366 -25.76 14.97 15.31
C ASP C 366 -24.52 15.61 14.75
N MET C 367 -23.48 15.80 15.56
CA MET C 367 -22.22 16.36 15.12
C MET C 367 -22.11 17.78 14.56
N ASN C 368 -22.43 18.84 15.31
CA ASN C 368 -22.46 20.21 14.83
C ASN C 368 -21.28 21.06 15.28
N LYS C 369 -20.33 20.51 16.04
CA LYS C 369 -19.08 21.20 16.36
C LYS C 369 -19.33 22.50 17.12
N LEU C 370 -19.80 22.34 18.36
CA LEU C 370 -20.10 23.42 19.28
C LEU C 370 -18.94 24.40 19.44
N PRO C 371 -19.20 25.65 19.80
CA PRO C 371 -18.12 26.63 19.94
C PRO C 371 -17.31 26.43 21.20
N HIS C 372 -16.09 26.97 21.18
CA HIS C 372 -15.16 26.90 22.31
C HIS C 372 -15.27 28.14 23.18
N ASP C 373 -16.47 28.41 23.66
CA ASP C 373 -16.73 29.60 24.46
C ASP C 373 -16.34 29.43 25.93
N GLY C 374 -16.10 28.20 26.39
CA GLY C 374 -15.68 27.97 27.76
C GLY C 374 -16.74 27.46 28.71
N GLU C 375 -18.00 27.40 28.29
CA GLU C 375 -19.03 26.86 29.17
C GLU C 375 -19.94 25.87 28.45
N THR C 376 -20.02 25.96 27.12
CA THR C 376 -20.80 24.98 26.37
C THR C 376 -20.09 23.63 26.37
N ALA C 377 -20.83 22.59 26.70
CA ALA C 377 -20.28 21.26 26.86
C ALA C 377 -20.79 20.32 25.77
N GLY C 378 -19.92 19.39 25.36
CA GLY C 378 -20.27 18.39 24.38
C GLY C 378 -19.25 17.27 24.40
N GLU C 379 -19.54 16.22 23.65
CA GLU C 379 -18.63 15.09 23.53
C GLU C 379 -17.37 15.49 22.77
N ILE C 380 -16.26 14.88 23.13
CA ILE C 380 -14.98 15.12 22.48
C ILE C 380 -14.82 14.10 21.35
N VAL C 381 -14.51 14.59 20.16
CA VAL C 381 -14.22 13.76 19.00
C VAL C 381 -12.83 14.11 18.51
N VAL C 382 -12.00 13.09 18.29
CA VAL C 382 -10.57 13.31 18.05
C VAL C 382 -10.12 12.58 16.80
N ARG C 383 -9.03 13.07 16.23
CA ARG C 383 -8.29 12.39 15.17
C ARG C 383 -6.82 12.46 15.50
N ALA C 384 -6.12 11.34 15.39
CA ALA C 384 -4.73 11.27 15.80
C ALA C 384 -4.07 10.11 15.06
N PRO C 385 -2.75 10.14 14.92
CA PRO C 385 -2.05 9.03 14.24
C PRO C 385 -2.10 7.72 15.01
N TRP C 386 -2.46 7.74 16.29
CA TRP C 386 -2.33 6.54 17.13
C TRP C 386 -3.65 6.13 17.77
N LEU C 387 -4.73 6.13 17.00
CA LEU C 387 -6.03 5.70 17.47
C LEU C 387 -6.33 4.29 16.96
N THR C 388 -6.95 3.48 17.79
CA THR C 388 -7.33 2.14 17.36
C THR C 388 -8.40 2.23 16.28
N PRO C 389 -8.36 1.38 15.25
CA PRO C 389 -9.34 1.51 14.18
C PRO C 389 -10.69 0.91 14.54
N ASN C 390 -10.72 -0.08 15.41
CA ASN C 390 -11.96 -0.72 15.85
C ASN C 390 -11.66 -1.52 17.11
N TYR C 391 -12.66 -2.23 17.58
CA TYR C 391 -12.51 -3.13 18.72
C TYR C 391 -12.24 -4.55 18.21
N TYR C 392 -11.45 -5.29 18.97
CA TYR C 392 -11.07 -6.63 18.58
C TYR C 392 -12.29 -7.55 18.63
N LYS C 393 -12.60 -8.18 17.49
CA LYS C 393 -13.71 -9.15 17.39
C LYS C 393 -15.04 -8.52 17.79
N ASP C 394 -15.20 -7.23 17.51
CA ASP C 394 -16.44 -6.52 17.81
C ASP C 394 -16.76 -5.59 16.64
N ASN C 395 -18.02 -5.53 16.26
CA ASN C 395 -18.39 -4.76 15.11
C ASN C 395 -19.54 -3.85 15.38
N LYS C 396 -20.31 -4.12 16.39
CA LYS C 396 -21.34 -3.22 16.71
C LYS C 396 -20.82 -2.04 17.48
N ASN C 397 -19.92 -2.24 18.40
CA ASN C 397 -19.35 -1.19 19.16
C ASN C 397 -18.32 -0.49 18.34
N SER C 398 -17.60 -1.17 17.49
CA SER C 398 -16.68 -0.53 16.56
C SER C 398 -17.43 0.45 15.65
N LYS C 399 -18.62 0.06 15.19
CA LYS C 399 -19.40 0.95 14.33
C LYS C 399 -19.81 2.21 15.07
N ALA C 400 -20.21 2.08 16.34
CA ALA C 400 -20.55 3.26 17.12
C ALA C 400 -19.34 4.07 17.54
N LEU C 401 -18.15 3.47 17.52
CA LEU C 401 -16.94 4.18 17.95
C LEU C 401 -16.55 5.27 16.96
N TRP C 402 -16.56 4.97 15.67
CA TRP C 402 -16.09 5.89 14.63
C TRP C 402 -17.23 6.53 13.86
N ARG C 403 -18.33 6.84 14.53
CA ARG C 403 -19.46 7.45 13.85
C ARG C 403 -19.11 8.85 13.36
N GLY C 404 -19.42 9.13 12.09
CA GLY C 404 -19.19 10.45 11.54
C GLY C 404 -17.78 10.74 11.11
N GLY C 405 -16.89 9.75 11.10
CA GLY C 405 -15.52 9.96 10.71
C GLY C 405 -14.59 10.42 11.80
N TYR C 406 -15.06 10.51 13.04
CA TYR C 406 -14.24 10.88 14.18
C TYR C 406 -14.41 9.85 15.28
N LEU C 407 -13.35 9.68 16.07
CA LEU C 407 -13.42 8.77 17.20
C LEU C 407 -14.18 9.41 18.34
N HIS C 408 -15.16 8.70 18.87
CA HIS C 408 -16.02 9.20 19.94
C HIS C 408 -15.48 8.71 21.28
N THR C 409 -14.96 9.65 22.08
CA THR C 409 -14.40 9.27 23.38
C THR C 409 -15.50 8.91 24.37
N GLY C 410 -16.62 9.62 24.32
CA GLY C 410 -17.67 9.42 25.29
C GLY C 410 -17.56 10.27 26.53
N ASP C 411 -16.74 11.31 26.50
CA ASP C 411 -16.57 12.24 27.62
C ASP C 411 -17.11 13.60 27.23
N VAL C 412 -17.83 14.23 28.14
CA VAL C 412 -18.37 15.56 27.92
C VAL C 412 -17.42 16.58 28.54
N ALA C 413 -17.08 17.62 27.78
CA ALA C 413 -16.14 18.62 28.23
C ALA C 413 -16.48 19.95 27.59
N HIS C 414 -15.92 21.01 28.16
CA HIS C 414 -15.98 22.34 27.57
C HIS C 414 -14.58 22.87 27.37
N ILE C 415 -14.32 23.40 26.17
CA ILE C 415 -13.05 24.00 25.83
C ILE C 415 -13.23 25.51 25.82
N ASP C 416 -12.15 26.22 26.12
CA ASP C 416 -12.21 27.68 26.14
C ASP C 416 -11.35 28.30 25.05
N ASP C 417 -11.24 29.62 25.04
CA ASP C 417 -10.48 30.33 24.03
C ASP C 417 -8.98 30.01 24.06
N GLU C 418 -8.42 29.78 25.24
CA GLU C 418 -7.00 29.45 25.35
C GLU C 418 -6.69 28.01 24.95
N GLY C 419 -7.70 27.16 24.83
CA GLY C 419 -7.50 25.79 24.43
C GLY C 419 -7.51 24.77 25.55
N PHE C 420 -7.77 25.18 26.78
CA PHE C 420 -7.82 24.25 27.90
C PHE C 420 -9.12 23.45 27.87
N ILE C 421 -9.02 22.16 28.16
CA ILE C 421 -10.17 21.25 28.15
C ILE C 421 -10.48 20.85 29.58
N LYS C 422 -11.77 20.82 29.91
CA LYS C 422 -12.23 20.45 31.25
C LYS C 422 -13.35 19.43 31.13
N ILE C 423 -13.05 18.17 31.46
CA ILE C 423 -14.05 17.11 31.39
C ILE C 423 -15.07 17.30 32.51
N THR C 424 -16.34 17.21 32.17
CA THR C 424 -17.43 17.37 33.13
C THR C 424 -17.99 16.03 33.59
N ASP C 425 -18.18 15.07 32.68
CA ASP C 425 -18.73 13.76 33.02
C ASP C 425 -18.53 12.84 31.82
N ARG C 426 -19.09 11.64 31.92
CA ARG C 426 -19.19 10.70 30.82
C ARG C 426 -20.55 10.84 30.15
N VAL C 427 -20.62 10.47 28.87
CA VAL C 427 -21.87 10.59 28.13
C VAL C 427 -22.93 9.69 28.73
N LYS C 428 -22.58 8.45 29.07
CA LYS C 428 -23.53 7.53 29.68
C LYS C 428 -23.95 7.93 31.08
N ASP C 429 -23.24 8.87 31.71
CA ASP C 429 -23.55 9.29 33.06
C ASP C 429 -24.29 10.62 33.12
N MET C 430 -24.46 11.30 31.99
CA MET C 430 -25.22 12.55 31.99
C MET C 430 -26.69 12.28 32.29
N ILE C 431 -27.33 13.25 32.94
CA ILE C 431 -28.73 13.17 33.30
C ILE C 431 -29.50 14.12 32.41
N LYS C 432 -30.47 13.59 31.67
CA LYS C 432 -31.29 14.36 30.74
C LYS C 432 -32.61 14.68 31.42
N ILE C 433 -32.78 15.93 31.85
CA ILE C 433 -33.95 16.30 32.61
C ILE C 433 -35.13 16.51 31.66
N SER C 434 -35.05 17.55 30.82
CA SER C 434 -36.03 17.75 29.76
C SER C 434 -35.37 17.75 28.39
N GLY C 435 -34.38 18.61 28.17
CA GLY C 435 -33.61 18.60 26.94
C GLY C 435 -32.15 18.87 27.22
N GLU C 436 -31.83 19.17 28.48
CA GLU C 436 -30.49 19.52 28.91
C GLU C 436 -29.78 18.31 29.49
N TRP C 437 -28.46 18.36 29.46
CA TRP C 437 -27.60 17.32 30.00
C TRP C 437 -26.99 17.83 31.30
N VAL C 438 -27.42 17.25 32.41
CA VAL C 438 -26.92 17.63 33.74
C VAL C 438 -25.82 16.65 34.14
N SER C 439 -24.63 17.17 34.39
CA SER C 439 -23.53 16.33 34.84
C SER C 439 -23.80 15.84 36.25
N SER C 440 -23.65 14.54 36.47
CA SER C 440 -23.84 13.98 37.80
C SER C 440 -22.68 14.32 38.74
N LEU C 441 -21.50 14.54 38.17
CA LEU C 441 -20.31 14.80 38.98
C LEU C 441 -20.44 16.09 39.78
N GLU C 442 -20.99 17.15 39.16
CA GLU C 442 -21.04 18.43 39.84
C GLU C 442 -21.93 18.37 41.08
N LEU C 443 -23.14 17.84 40.95
CA LEU C 443 -24.02 17.80 42.11
C LEU C 443 -23.63 16.71 43.09
N GLU C 444 -22.95 15.65 42.63
CA GLU C 444 -22.43 14.70 43.61
C GLU C 444 -21.31 15.32 44.43
N ASP C 445 -20.49 16.19 43.82
CA ASP C 445 -19.51 16.94 44.61
C ASP C 445 -20.21 17.92 45.57
N ILE C 446 -21.27 18.57 45.10
CA ILE C 446 -22.03 19.48 45.96
C ILE C 446 -22.52 18.73 47.20
N LEU C 447 -23.11 17.55 47.01
CA LEU C 447 -23.59 16.76 48.14
C LEU C 447 -22.43 16.24 48.99
N HIS C 448 -21.29 15.93 48.37
CA HIS C 448 -20.14 15.44 49.12
C HIS C 448 -19.50 16.53 49.97
N GLN C 449 -19.80 17.80 49.70
CA GLN C 449 -19.31 18.86 50.57
C GLN C 449 -19.91 18.82 51.98
N HIS C 450 -20.95 18.02 52.20
CA HIS C 450 -21.54 17.89 53.53
C HIS C 450 -20.57 17.19 54.47
N GLN C 451 -20.64 17.55 55.75
CA GLN C 451 -19.70 17.01 56.73
C GLN C 451 -19.97 15.54 57.04
N SER C 452 -21.25 15.15 57.02
CA SER C 452 -21.63 13.79 57.39
C SER C 452 -21.71 12.84 56.22
N VAL C 453 -21.36 13.29 55.01
CA VAL C 453 -21.43 12.46 53.82
C VAL C 453 -20.09 11.78 53.60
N SER C 454 -20.11 10.45 53.47
CA SER C 454 -18.90 9.71 53.15
C SER C 454 -18.71 9.59 51.64
N GLU C 455 -19.75 9.21 50.91
CA GLU C 455 -19.65 9.14 49.46
C GLU C 455 -21.04 9.25 48.85
N VAL C 456 -21.08 9.72 47.60
CA VAL C 456 -22.34 9.99 46.90
C VAL C 456 -22.20 9.52 45.46
N ALA C 457 -23.26 8.91 44.93
CA ALA C 457 -23.33 8.55 43.52
C ALA C 457 -24.69 8.98 42.98
N VAL C 458 -24.70 9.67 41.84
CA VAL C 458 -25.93 10.15 41.22
C VAL C 458 -26.14 9.41 39.91
N ILE C 459 -27.34 8.86 39.71
CA ILE C 459 -27.63 8.06 38.53
C ILE C 459 -28.78 8.68 37.74
N GLY C 460 -29.95 8.84 38.27
CA GLY C 460 -31.00 9.31 37.39
C GLY C 460 -32.15 8.34 37.30
N MET C 461 -33.33 8.78 37.68
CA MET C 461 -34.49 7.93 37.72
C MET C 461 -35.61 8.47 36.80
N PRO C 462 -36.16 7.63 35.90
CA PRO C 462 -37.19 8.06 34.93
C PRO C 462 -38.47 8.73 35.48
N HIS C 463 -39.01 9.78 34.85
CA HIS C 463 -40.18 10.45 35.39
C HIS C 463 -41.41 10.29 34.51
N ASN C 464 -41.25 9.83 33.27
CA ASN C 464 -42.30 9.69 32.25
C ASN C 464 -43.01 10.99 31.94
N LYS C 465 -42.53 12.12 32.43
CA LYS C 465 -43.11 13.43 32.13
C LYS C 465 -42.16 14.32 31.36
N TRP C 466 -40.94 14.51 31.85
CA TRP C 466 -39.92 15.28 31.14
C TRP C 466 -38.67 14.47 30.82
N GLY C 467 -38.38 13.42 31.59
CA GLY C 467 -37.21 12.61 31.36
C GLY C 467 -36.65 12.02 32.63
N GLU C 468 -35.33 11.98 32.74
CA GLU C 468 -34.69 11.47 33.93
C GLU C 468 -34.79 12.48 35.06
N VAL C 469 -34.75 11.98 36.29
CA VAL C 469 -34.71 12.79 37.49
C VAL C 469 -33.56 12.29 38.34
N PRO C 470 -32.62 13.14 38.76
CA PRO C 470 -31.43 12.63 39.46
C PRO C 470 -31.79 11.93 40.76
N LEU C 471 -31.10 10.81 41.01
CA LEU C 471 -31.23 10.06 42.25
C LEU C 471 -29.85 10.00 42.89
N ALA C 472 -29.74 10.50 44.10
CA ALA C 472 -28.46 10.61 44.79
C ALA C 472 -28.42 9.55 45.89
N LEU C 473 -27.71 8.46 45.63
CA LEU C 473 -27.48 7.42 46.61
C LEU C 473 -26.28 7.82 47.46
N VAL C 474 -26.50 8.01 48.75
CA VAL C 474 -25.50 8.58 49.64
C VAL C 474 -25.20 7.60 50.77
N THR C 475 -23.92 7.33 50.98
CA THR C 475 -23.46 6.57 52.13
C THR C 475 -22.80 7.53 53.11
N LEU C 476 -23.25 7.51 54.36
CA LEU C 476 -22.82 8.46 55.38
C LEU C 476 -21.96 7.78 56.43
N LYS C 477 -21.29 8.60 57.23
CA LYS C 477 -20.59 8.14 58.42
C LYS C 477 -21.36 8.43 59.71
N GLU C 478 -22.20 9.47 59.72
CA GLU C 478 -22.95 9.87 60.90
C GLU C 478 -24.45 9.95 60.62
N ASP C 479 -25.21 10.51 61.55
CA ASP C 479 -26.66 10.62 61.45
C ASP C 479 -27.01 12.01 60.95
N ALA C 480 -27.54 12.10 59.72
CA ALA C 480 -27.70 13.39 59.05
C ALA C 480 -29.06 13.62 58.39
N GLN C 481 -29.93 12.60 58.30
CA GLN C 481 -31.30 12.71 57.80
C GLN C 481 -31.39 12.92 56.30
N VAL C 482 -32.42 12.33 55.67
CA VAL C 482 -32.60 12.41 54.23
C VAL C 482 -33.06 13.80 53.81
N THR C 483 -33.98 14.41 54.57
CA THR C 483 -34.48 15.74 54.23
C THR C 483 -33.39 16.79 54.25
N GLU C 484 -32.41 16.64 55.14
CA GLU C 484 -31.37 17.65 55.27
C GLU C 484 -30.46 17.67 54.05
N LYS C 485 -30.26 16.52 53.40
CA LYS C 485 -29.49 16.51 52.16
C LYS C 485 -30.19 17.35 51.10
N GLU C 486 -31.51 17.18 50.95
CA GLU C 486 -32.27 17.98 49.98
C GLU C 486 -32.22 19.45 50.34
N LEU C 487 -32.34 19.77 51.63
CA LEU C 487 -32.31 21.17 52.05
C LEU C 487 -30.96 21.81 51.72
N LEU C 488 -29.87 21.11 52.01
CA LEU C 488 -28.54 21.61 51.67
C LEU C 488 -28.36 21.73 50.16
N GLY C 489 -28.89 20.78 49.39
CA GLY C 489 -28.81 20.87 47.95
C GLY C 489 -29.57 22.05 47.39
N PHE C 490 -30.73 22.35 47.96
CA PHE C 490 -31.47 23.55 47.57
C PHE C 490 -30.69 24.81 47.94
N ALA C 491 -29.95 24.76 49.05
CA ALA C 491 -29.14 25.90 49.47
C ALA C 491 -27.99 26.19 48.51
N LYS C 492 -27.64 25.27 47.62
CA LYS C 492 -26.59 25.47 46.64
C LYS C 492 -27.16 25.19 45.24
N ASP C 493 -26.27 25.09 44.26
CA ASP C 493 -26.64 24.81 42.88
C ASP C 493 -27.59 25.85 42.31
N ARG C 502 -30.70 25.45 38.89
CA ARG C 502 -31.96 25.31 39.60
C ARG C 502 -32.51 23.90 39.42
N GLU C 503 -32.69 23.20 40.55
CA GLU C 503 -33.27 21.86 40.55
C GLU C 503 -34.60 21.80 41.29
N ALA C 504 -35.11 22.94 41.77
CA ALA C 504 -36.45 23.05 42.32
C ALA C 504 -36.69 22.03 43.42
N LEU C 505 -37.31 20.90 43.05
CA LEU C 505 -37.50 19.78 43.97
C LEU C 505 -37.11 18.46 43.33
N LEU C 506 -36.35 18.48 42.24
CA LEU C 506 -36.03 17.28 41.48
C LEU C 506 -34.88 16.48 42.07
N LEU C 507 -34.14 17.02 43.04
CA LEU C 507 -33.01 16.31 43.63
C LEU C 507 -33.53 15.38 44.72
N LYS C 508 -33.67 14.10 44.39
CA LYS C 508 -34.16 13.09 45.32
C LYS C 508 -32.98 12.28 45.83
N VAL C 509 -32.88 12.18 47.16
CA VAL C 509 -31.72 11.59 47.82
C VAL C 509 -32.17 10.36 48.60
N LYS C 510 -31.45 9.27 48.42
CA LYS C 510 -31.72 8.02 49.12
C LYS C 510 -30.45 7.58 49.85
N ILE C 511 -30.63 7.14 51.09
CA ILE C 511 -29.51 6.70 51.94
C ILE C 511 -29.32 5.21 51.74
N VAL C 512 -28.09 4.81 51.43
CA VAL C 512 -27.75 3.41 51.18
C VAL C 512 -26.61 3.01 52.11
N ASP C 513 -26.53 1.71 52.41
CA ASP C 513 -25.52 1.22 53.34
C ASP C 513 -24.14 1.17 52.70
N GLU C 514 -24.09 0.78 51.43
CA GLU C 514 -22.84 0.73 50.70
C GLU C 514 -23.07 1.02 49.23
N ILE C 515 -22.07 1.53 48.54
CA ILE C 515 -22.15 1.85 47.11
C ILE C 515 -21.27 0.87 46.36
N ALA C 516 -21.86 0.16 45.40
CA ALA C 516 -21.16 -0.90 44.69
C ALA C 516 -20.04 -0.33 43.84
N LYS C 517 -18.89 -1.00 43.86
CA LYS C 517 -17.74 -0.64 43.06
C LYS C 517 -17.46 -1.72 42.02
N THR C 518 -16.54 -1.42 41.12
CA THR C 518 -16.13 -2.39 40.11
C THR C 518 -14.87 -3.12 40.58
N SER C 519 -14.38 -4.04 39.75
CA SER C 519 -13.21 -4.82 40.11
C SER C 519 -11.98 -3.93 40.29
N VAL C 520 -11.81 -2.95 39.41
CA VAL C 520 -10.66 -2.04 39.52
C VAL C 520 -10.81 -1.13 40.74
N GLY C 521 -12.01 -0.58 40.95
CA GLY C 521 -12.24 0.28 42.09
C GLY C 521 -13.11 1.49 41.81
N LYS C 522 -13.52 1.66 40.55
CA LYS C 522 -14.43 2.73 40.19
C LYS C 522 -15.85 2.39 40.62
N VAL C 523 -16.70 3.41 40.67
CA VAL C 523 -18.09 3.22 41.09
C VAL C 523 -18.86 2.56 39.96
N ASP C 524 -19.59 1.49 40.30
CA ASP C 524 -20.34 0.71 39.32
C ASP C 524 -21.74 1.31 39.20
N LYS C 525 -21.91 2.22 38.25
CA LYS C 525 -23.21 2.88 38.10
C LYS C 525 -24.24 1.95 37.48
N LYS C 526 -23.81 1.05 36.60
CA LYS C 526 -24.75 0.10 36.01
C LYS C 526 -25.30 -0.86 37.07
N GLU C 527 -24.45 -1.30 38.01
CA GLU C 527 -24.94 -2.14 39.09
C GLU C 527 -25.92 -1.37 39.98
N LEU C 528 -25.63 -0.09 40.24
CA LEU C 528 -26.55 0.73 41.02
C LEU C 528 -27.89 0.88 40.32
N ARG C 529 -27.87 1.03 39.00
CA ARG C 529 -29.11 1.09 38.24
C ARG C 529 -29.86 -0.23 38.31
N LYS C 530 -29.13 -1.35 38.33
CA LYS C 530 -29.77 -2.65 38.47
C LYS C 530 -30.45 -2.80 39.82
N LEU C 531 -29.75 -2.41 40.90
CA LEU C 531 -30.34 -2.54 42.23
C LEU C 531 -31.40 -1.47 42.47
N HIS C 532 -31.00 -0.20 42.40
CA HIS C 532 -31.90 0.93 42.60
C HIS C 532 -32.38 1.41 41.25
N LEU C 533 -33.70 1.58 41.11
CA LEU C 533 -34.27 1.99 39.84
C LEU C 533 -33.92 3.45 39.53
N TYR D 4 -10.75 13.77 0.05
CA TYR D 4 -9.69 12.89 -0.39
C TYR D 4 -9.59 12.84 -1.92
N VAL D 5 -8.38 12.98 -2.44
CA VAL D 5 -8.13 12.97 -3.87
C VAL D 5 -7.21 11.80 -4.19
N ASN D 6 -7.59 11.00 -5.18
CA ASN D 6 -6.78 9.91 -5.69
C ASN D 6 -6.42 10.19 -7.14
N ASP D 7 -5.23 9.79 -7.54
CA ASP D 7 -4.83 9.94 -8.93
C ASP D 7 -5.62 8.97 -9.81
N PRO D 8 -6.10 9.42 -10.98
CA PRO D 8 -6.91 8.54 -11.82
C PRO D 8 -6.14 7.38 -12.44
N SER D 9 -4.81 7.46 -12.51
CA SER D 9 -4.04 6.40 -13.15
C SER D 9 -4.15 5.10 -12.36
N ASN D 10 -4.19 5.19 -11.03
CA ASN D 10 -4.27 4.00 -10.20
C ASN D 10 -5.62 3.32 -10.39
N TYR D 11 -5.59 2.08 -10.88
CA TYR D 11 -6.79 1.32 -11.17
C TYR D 11 -7.06 0.31 -10.07
N GLN D 12 -8.32 0.25 -9.65
CA GLN D 12 -8.75 -0.67 -8.60
C GLN D 12 -9.68 -1.71 -9.20
N LEU D 13 -9.43 -2.99 -8.87
CA LEU D 13 -10.28 -4.07 -9.33
C LEU D 13 -11.53 -4.13 -8.47
N LEU D 14 -12.67 -3.78 -9.05
CA LEU D 14 -13.92 -3.69 -8.31
C LEU D 14 -15.01 -4.44 -9.08
N ILE D 15 -16.05 -4.85 -8.33
CA ILE D 15 -17.17 -5.57 -8.94
C ILE D 15 -17.97 -4.66 -9.86
N LYS D 16 -18.00 -3.35 -9.58
CA LYS D 16 -18.67 -2.43 -10.48
C LYS D 16 -18.04 -2.44 -11.86
N ASN D 17 -16.74 -2.70 -11.94
CA ASN D 17 -16.09 -2.87 -13.24
C ASN D 17 -16.50 -4.19 -13.88
N LEU D 18 -16.81 -5.20 -13.07
CA LEU D 18 -17.31 -6.46 -13.60
C LEU D 18 -18.67 -6.27 -14.25
N LEU D 19 -19.51 -5.42 -13.66
CA LEU D 19 -20.85 -5.22 -14.22
C LEU D 19 -20.84 -4.23 -15.38
N PHE D 20 -20.14 -3.11 -15.22
CA PHE D 20 -20.24 -2.02 -16.19
C PHE D 20 -19.22 -2.11 -17.32
N SER D 21 -18.27 -3.05 -17.25
CA SER D 21 -17.29 -3.26 -18.31
C SER D 21 -17.22 -4.74 -18.63
N PRO D 22 -18.29 -5.31 -19.19
CA PRO D 22 -18.33 -6.75 -19.43
C PRO D 22 -17.53 -7.13 -20.66
N VAL D 23 -17.37 -8.44 -20.85
CA VAL D 23 -16.84 -8.94 -22.11
C VAL D 23 -17.80 -8.60 -23.25
N ALA D 24 -19.10 -8.79 -23.04
CA ALA D 24 -20.11 -8.43 -24.00
C ALA D 24 -21.36 -8.00 -23.25
N PHE D 25 -21.94 -6.88 -23.66
CA PHE D 25 -23.19 -6.39 -23.07
C PHE D 25 -24.27 -6.37 -24.15
N ASN D 26 -25.38 -7.03 -23.87
CA ASN D 26 -26.52 -7.06 -24.79
C ASN D 26 -27.74 -6.48 -24.09
N PRO D 27 -28.21 -5.30 -24.47
CA PRO D 27 -29.32 -4.68 -23.73
C PRO D 27 -30.61 -5.49 -23.74
N GLU D 28 -30.84 -6.29 -24.74
CA GLU D 28 -32.07 -7.03 -24.86
C GLU D 28 -31.96 -8.45 -24.48
N GLN D 29 -30.87 -8.88 -23.91
CA GLN D 29 -30.75 -10.22 -23.36
C GLN D 29 -31.62 -10.36 -22.11
N GLU D 30 -32.11 -11.57 -21.86
CA GLU D 30 -33.13 -11.81 -20.86
C GLU D 30 -32.56 -12.39 -19.58
N ILE D 31 -33.02 -11.87 -18.45
CA ILE D 31 -32.90 -12.52 -17.15
C ILE D 31 -34.27 -13.08 -16.81
N VAL D 32 -34.32 -14.38 -16.53
CA VAL D 32 -35.57 -15.11 -16.36
C VAL D 32 -35.60 -15.73 -14.97
N TYR D 33 -36.68 -15.50 -14.24
CA TYR D 33 -36.98 -16.17 -12.99
C TYR D 33 -38.20 -17.05 -13.23
N ALA D 34 -38.02 -18.35 -13.00
CA ALA D 34 -38.84 -19.41 -13.58
C ALA D 34 -40.33 -19.12 -13.47
N ASN D 35 -40.98 -18.92 -14.61
CA ASN D 35 -42.41 -18.72 -14.73
C ASN D 35 -42.92 -17.54 -13.92
N HIS D 36 -42.03 -16.72 -13.38
CA HIS D 36 -42.41 -15.60 -12.53
C HIS D 36 -42.11 -14.26 -13.16
N ARG D 37 -40.87 -14.03 -13.62
CA ARG D 37 -40.47 -12.68 -14.00
C ARG D 37 -39.41 -12.73 -15.08
N ARG D 38 -39.70 -12.14 -16.24
CA ARG D 38 -38.71 -11.95 -17.29
C ARG D 38 -38.43 -10.47 -17.44
N HIS D 39 -37.16 -10.09 -17.44
CA HIS D 39 -36.80 -8.74 -17.82
C HIS D 39 -35.48 -8.77 -18.58
N SER D 40 -34.97 -7.61 -18.95
CA SER D 40 -33.79 -7.49 -19.79
C SER D 40 -32.60 -6.99 -18.97
N TYR D 41 -31.43 -6.97 -19.60
CA TYR D 41 -30.24 -6.46 -18.94
C TYR D 41 -30.35 -4.95 -18.70
N LYS D 42 -31.06 -4.25 -19.56
CA LYS D 42 -31.23 -2.80 -19.47
C LYS D 42 -32.22 -2.51 -18.35
N THR D 43 -32.89 -3.55 -17.88
CA THR D 43 -33.79 -3.44 -16.74
C THR D 43 -33.03 -3.90 -15.50
N PHE D 44 -32.14 -4.87 -15.69
CA PHE D 44 -31.30 -5.37 -14.61
C PHE D 44 -30.38 -4.27 -14.05
N HIS D 45 -29.78 -3.47 -14.93
CA HIS D 45 -28.91 -2.39 -14.45
C HIS D 45 -29.69 -1.33 -13.69
N ASP D 46 -30.85 -0.93 -14.22
CA ASP D 46 -31.70 0.04 -13.53
C ASP D 46 -32.15 -0.51 -12.19
N ARG D 47 -32.47 -1.80 -12.14
CA ARG D 47 -32.87 -2.44 -10.89
C ARG D 47 -31.74 -2.42 -9.87
N VAL D 48 -30.51 -2.67 -10.32
CA VAL D 48 -29.37 -2.61 -9.40
C VAL D 48 -29.20 -1.21 -8.85
N ARG D 49 -29.34 -0.20 -9.69
CA ARG D 49 -29.20 1.18 -9.21
C ARG D 49 -30.33 1.53 -8.24
N GLN D 50 -31.55 1.08 -8.52
CA GLN D 50 -32.66 1.31 -7.60
C GLN D 50 -32.41 0.65 -6.26
N PHE D 51 -31.89 -0.57 -6.26
CA PHE D 51 -31.58 -1.25 -5.01
C PHE D 51 -30.47 -0.52 -4.25
N ALA D 52 -29.48 0.03 -4.96
CA ALA D 52 -28.46 0.82 -4.30
C ALA D 52 -29.05 2.05 -3.65
N ASN D 53 -29.96 2.74 -4.35
CA ASN D 53 -30.63 3.90 -3.76
C ASN D 53 -31.42 3.51 -2.52
N ALA D 54 -32.14 2.39 -2.59
CA ALA D 54 -32.94 1.94 -1.46
C ALA D 54 -32.07 1.58 -0.27
N LEU D 55 -30.95 0.92 -0.51
CA LEU D 55 -30.04 0.58 0.58
C LEU D 55 -29.44 1.82 1.21
N THR D 56 -29.06 2.81 0.39
CA THR D 56 -28.52 4.05 0.94
C THR D 56 -29.57 4.78 1.77
N LYS D 57 -30.83 4.78 1.30
CA LYS D 57 -31.91 5.39 2.06
C LYS D 57 -32.14 4.67 3.38
N MET D 58 -31.85 3.38 3.44
CA MET D 58 -32.09 2.56 4.63
C MET D 58 -31.02 2.74 5.71
N GLY D 59 -29.95 3.45 5.41
CA GLY D 59 -28.88 3.65 6.36
C GLY D 59 -27.69 2.73 6.21
N VAL D 60 -27.65 1.90 5.18
CA VAL D 60 -26.51 1.02 4.95
C VAL D 60 -25.31 1.85 4.51
N LYS D 61 -24.15 1.57 5.09
CA LYS D 61 -22.93 2.32 4.83
C LYS D 61 -21.82 1.39 4.39
N LYS D 62 -20.60 1.91 4.34
CA LYS D 62 -19.46 1.17 3.82
C LYS D 62 -19.04 0.01 4.72
N GLY D 63 -19.49 -0.03 5.97
CA GLY D 63 -19.09 -1.10 6.84
C GLY D 63 -20.22 -2.02 7.27
N ASP D 64 -21.44 -1.70 6.88
CA ASP D 64 -22.59 -2.42 7.35
C ASP D 64 -22.68 -3.80 6.69
N THR D 65 -23.53 -4.66 7.27
CA THR D 65 -23.68 -6.03 6.80
C THR D 65 -25.14 -6.31 6.48
N VAL D 66 -25.37 -6.88 5.30
CA VAL D 66 -26.69 -7.28 4.84
C VAL D 66 -26.66 -8.79 4.62
N ALA D 67 -27.57 -9.48 5.28
CA ALA D 67 -27.70 -10.92 5.15
C ALA D 67 -28.89 -11.24 4.25
N VAL D 68 -28.76 -12.28 3.44
CA VAL D 68 -29.79 -12.70 2.50
C VAL D 68 -30.12 -14.15 2.77
N MET D 69 -31.42 -14.48 2.75
CA MET D 69 -31.90 -15.84 3.02
C MET D 69 -33.07 -16.11 2.09
N ASP D 70 -32.75 -16.54 0.87
CA ASP D 70 -33.77 -16.88 -0.13
C ASP D 70 -33.26 -17.91 -1.12
N TYR D 71 -34.06 -18.24 -2.13
CA TYR D 71 -33.68 -19.19 -3.16
C TYR D 71 -33.01 -18.54 -4.35
N ASP D 72 -32.76 -19.30 -5.40
CA ASP D 72 -32.14 -18.77 -6.61
C ASP D 72 -33.15 -17.96 -7.37
N SER D 73 -32.89 -16.68 -7.55
CA SER D 73 -33.84 -15.78 -8.19
C SER D 73 -33.08 -14.58 -8.71
N HIS D 74 -33.80 -13.70 -9.40
CA HIS D 74 -33.20 -12.46 -9.86
C HIS D 74 -32.77 -11.59 -8.69
N ARG D 75 -33.53 -11.64 -7.59
CA ARG D 75 -33.22 -10.83 -6.42
C ARG D 75 -31.85 -11.20 -5.84
N TYR D 76 -31.50 -12.47 -5.86
CA TYR D 76 -30.20 -12.88 -5.33
C TYR D 76 -29.05 -12.34 -6.17
N LEU D 77 -29.20 -12.38 -7.49
CA LEU D 77 -28.19 -11.78 -8.37
C LEU D 77 -28.09 -10.27 -8.15
N GLU D 78 -29.24 -9.60 -8.00
CA GLU D 78 -29.23 -8.17 -7.73
C GLU D 78 -28.52 -7.87 -6.42
N CYS D 79 -28.74 -8.69 -5.40
CA CYS D 79 -28.01 -8.51 -4.15
C CYS D 79 -26.52 -8.71 -4.34
N TYR D 80 -26.14 -9.81 -4.99
CA TYR D 80 -24.76 -10.16 -5.31
C TYR D 80 -24.02 -8.97 -5.91
N PHE D 81 -24.69 -8.24 -6.78
CA PHE D 81 -24.03 -7.12 -7.43
C PHE D 81 -24.17 -5.80 -6.69
N ALA D 82 -25.31 -5.53 -6.06
CA ALA D 82 -25.57 -4.21 -5.52
C ALA D 82 -24.96 -4.00 -4.14
N ILE D 83 -25.01 -5.03 -3.27
CA ILE D 83 -24.51 -4.84 -1.91
C ILE D 83 -23.00 -4.58 -1.88
N PRO D 84 -22.15 -5.36 -2.55
CA PRO D 84 -20.72 -5.02 -2.58
C PRO D 84 -20.42 -3.68 -3.22
N MET D 85 -21.18 -3.26 -4.23
CA MET D 85 -20.88 -2.01 -4.92
C MET D 85 -21.02 -0.81 -4.00
N ILE D 86 -22.02 -0.83 -3.12
CA ILE D 86 -22.16 0.21 -2.11
C ILE D 86 -20.97 0.26 -1.18
N GLY D 87 -20.26 -0.86 -1.02
CA GLY D 87 -19.20 -0.98 -0.05
C GLY D 87 -19.55 -1.83 1.14
N ALA D 88 -20.80 -2.24 1.28
CA ALA D 88 -21.20 -3.10 2.37
C ALA D 88 -20.71 -4.52 2.13
N LYS D 89 -21.02 -5.39 3.09
CA LYS D 89 -20.60 -6.78 3.05
C LYS D 89 -21.83 -7.66 2.94
N LEU D 90 -21.76 -8.64 2.03
CA LEU D 90 -22.89 -9.52 1.76
C LEU D 90 -22.67 -10.83 2.51
N HIS D 91 -23.51 -11.09 3.50
CA HIS D 91 -23.47 -12.33 4.26
C HIS D 91 -24.47 -13.31 3.67
N MET D 92 -23.98 -14.46 3.22
CA MET D 92 -24.83 -15.49 2.64
C MET D 92 -25.17 -16.52 3.71
N ILE D 93 -26.46 -16.71 3.96
CA ILE D 93 -26.94 -17.58 5.01
C ILE D 93 -27.33 -18.92 4.41
N ASN D 94 -26.76 -20.00 4.95
CA ASN D 94 -27.09 -21.35 4.53
C ASN D 94 -28.40 -21.76 5.18
N VAL D 95 -29.47 -21.84 4.37
CA VAL D 95 -30.80 -22.09 4.90
C VAL D 95 -31.00 -23.54 5.30
N ARG D 96 -30.09 -24.43 4.92
CA ARG D 96 -30.22 -25.84 5.26
C ARG D 96 -29.63 -26.18 6.62
N LEU D 97 -28.94 -25.25 7.27
CA LEU D 97 -28.45 -25.49 8.61
C LEU D 97 -29.61 -25.50 9.61
N SER D 98 -29.36 -26.09 10.77
CA SER D 98 -30.36 -26.07 11.83
C SER D 98 -30.55 -24.64 12.34
N PRO D 99 -31.74 -24.31 12.84
CA PRO D 99 -31.97 -22.93 13.29
C PRO D 99 -31.01 -22.45 14.36
N GLU D 100 -30.53 -23.34 15.24
CA GLU D 100 -29.51 -22.94 16.21
C GLU D 100 -28.21 -22.56 15.54
N GLN D 101 -27.79 -23.32 14.53
CA GLN D 101 -26.58 -22.97 13.79
C GLN D 101 -26.76 -21.66 13.03
N ILE D 102 -27.95 -21.43 12.47
CA ILE D 102 -28.21 -20.16 11.80
C ILE D 102 -28.13 -19.01 12.78
N LEU D 103 -28.69 -19.20 13.98
CA LEU D 103 -28.58 -18.17 15.03
C LEU D 103 -27.12 -17.90 15.37
N TYR D 104 -26.32 -18.97 15.51
CA TYR D 104 -24.91 -18.79 15.82
C TYR D 104 -24.21 -17.97 14.74
N THR D 105 -24.45 -18.30 13.47
CA THR D 105 -23.80 -17.57 12.39
C THR D 105 -24.27 -16.11 12.35
N ILE D 106 -25.56 -15.87 12.58
CA ILE D 106 -26.09 -14.51 12.54
C ILE D 106 -25.48 -13.67 13.65
N ASP D 107 -25.40 -14.23 14.87
CA ASP D 107 -24.76 -13.51 15.96
C ASP D 107 -23.27 -13.29 15.70
N HIS D 108 -22.59 -14.29 15.13
CA HIS D 108 -21.17 -14.18 14.86
C HIS D 108 -20.88 -13.08 13.84
N ALA D 109 -21.67 -13.02 12.77
CA ALA D 109 -21.44 -12.03 11.71
C ALA D 109 -21.93 -10.64 12.08
N GLU D 110 -22.90 -10.53 12.99
CA GLU D 110 -23.47 -9.25 13.40
C GLU D 110 -24.05 -8.48 12.21
N ASP D 111 -25.07 -9.09 11.61
CA ASP D 111 -25.71 -8.49 10.45
C ASP D 111 -26.55 -7.28 10.85
N ASP D 112 -26.55 -6.28 9.98
CA ASP D 112 -27.33 -5.06 10.19
C ASP D 112 -28.72 -5.14 9.58
N ILE D 113 -28.83 -5.64 8.35
CA ILE D 113 -30.12 -5.77 7.67
C ILE D 113 -30.29 -7.23 7.27
N ILE D 114 -31.52 -7.74 7.32
CA ILE D 114 -31.80 -9.11 6.91
C ILE D 114 -32.91 -9.10 5.87
N LEU D 115 -32.62 -9.66 4.70
CA LEU D 115 -33.61 -9.93 3.66
C LEU D 115 -33.92 -11.41 3.69
N ILE D 116 -35.19 -11.75 3.92
CA ILE D 116 -35.59 -13.13 4.14
C ILE D 116 -36.82 -13.43 3.31
N HIS D 117 -36.84 -14.60 2.68
CA HIS D 117 -38.02 -15.03 1.95
C HIS D 117 -39.18 -15.31 2.91
N GLU D 118 -40.36 -15.47 2.34
CA GLU D 118 -41.56 -15.67 3.13
C GLU D 118 -41.70 -17.15 3.48
N GLU D 119 -40.72 -17.95 3.04
CA GLU D 119 -40.76 -19.39 3.25
C GLU D 119 -39.96 -19.77 4.49
N PHE D 120 -38.96 -18.95 4.82
CA PHE D 120 -38.11 -19.19 5.98
C PHE D 120 -38.60 -18.40 7.19
N LEU D 121 -39.77 -17.76 7.06
CA LEU D 121 -40.33 -17.03 8.18
C LEU D 121 -40.58 -17.89 9.41
N PRO D 122 -41.10 -19.12 9.31
CA PRO D 122 -41.22 -19.95 10.52
C PRO D 122 -39.89 -20.23 11.20
N ILE D 123 -38.80 -20.37 10.43
CA ILE D 123 -37.48 -20.54 11.02
C ILE D 123 -37.08 -19.28 11.79
N LEU D 124 -37.34 -18.12 11.18
CA LEU D 124 -37.00 -16.87 11.85
C LEU D 124 -37.84 -16.66 13.11
N ASP D 125 -39.04 -17.24 13.15
CA ASP D 125 -39.88 -17.11 14.33
C ASP D 125 -39.24 -17.75 15.54
N GLN D 126 -38.64 -18.93 15.36
CA GLN D 126 -37.90 -19.57 16.44
C GLN D 126 -36.65 -18.77 16.81
N ILE D 127 -35.97 -18.20 15.83
CA ILE D 127 -34.74 -17.44 16.08
C ILE D 127 -35.06 -15.97 15.82
N LYS D 128 -35.80 -15.34 16.73
CA LYS D 128 -36.07 -13.92 16.57
C LYS D 128 -35.83 -13.18 17.88
N GLY D 129 -36.19 -13.79 18.99
CA GLY D 129 -35.96 -13.21 20.30
C GLY D 129 -34.50 -13.07 20.65
N ARG D 130 -33.69 -14.04 20.20
CA ARG D 130 -32.30 -14.15 20.59
C ARG D 130 -31.37 -13.45 19.61
N ILE D 131 -31.91 -12.80 18.58
CA ILE D 131 -31.14 -12.02 17.63
C ILE D 131 -31.05 -10.59 18.14
N ASP D 132 -29.88 -9.97 18.12
CA ASP D 132 -29.73 -8.61 18.68
C ASP D 132 -29.42 -7.47 17.72
N THR D 133 -28.51 -7.67 16.77
CA THR D 133 -28.08 -6.60 15.87
C THR D 133 -28.93 -6.18 14.70
N VAL D 134 -30.02 -6.87 14.41
CA VAL D 134 -30.77 -6.55 13.21
C VAL D 134 -31.83 -5.47 13.36
N THR D 135 -31.68 -4.39 12.61
CA THR D 135 -32.62 -3.29 12.70
C THR D 135 -33.76 -3.38 11.69
N ARG D 136 -33.70 -4.30 10.73
CA ARG D 136 -34.74 -4.39 9.73
C ARG D 136 -34.77 -5.77 9.09
N TYR D 137 -35.97 -6.29 8.90
CA TYR D 137 -36.24 -7.49 8.12
C TYR D 137 -37.08 -7.11 6.92
N VAL D 138 -36.65 -7.54 5.73
CA VAL D 138 -37.36 -7.29 4.48
C VAL D 138 -37.85 -8.63 3.96
N VAL D 139 -39.17 -8.80 3.86
CA VAL D 139 -39.77 -10.07 3.48
C VAL D 139 -39.91 -10.12 1.96
N LEU D 140 -39.37 -11.16 1.35
CA LEU D 140 -39.39 -11.36 -0.08
C LEU D 140 -40.52 -12.32 -0.44
N ARG D 141 -41.21 -12.03 -1.54
CA ARG D 141 -42.34 -12.83 -1.98
C ARG D 141 -42.28 -12.99 -3.50
N ASP D 142 -42.99 -13.99 -4.00
CA ASP D 142 -43.05 -14.25 -5.42
C ASP D 142 -44.20 -13.56 -6.13
N ASP D 143 -44.96 -12.75 -5.41
CA ASP D 143 -46.07 -11.98 -5.97
C ASP D 143 -45.76 -10.49 -5.86
N GLU D 144 -46.75 -9.67 -6.22
CA GLU D 144 -46.58 -8.21 -6.15
C GLU D 144 -46.52 -7.71 -4.71
N GLU D 145 -46.90 -8.53 -3.73
CA GLU D 145 -46.87 -8.14 -2.33
C GLU D 145 -45.47 -8.18 -1.74
N CYS D 146 -44.45 -8.39 -2.55
CA CYS D 146 -43.07 -8.43 -2.06
C CYS D 146 -42.66 -7.07 -1.53
N GLU D 147 -42.00 -7.06 -0.37
CA GLU D 147 -41.50 -5.81 0.19
C GLU D 147 -40.27 -5.32 -0.56
N TYR D 148 -39.51 -6.26 -1.16
CA TYR D 148 -38.37 -5.88 -1.97
C TYR D 148 -38.80 -5.06 -3.18
N GLU D 149 -39.85 -5.49 -3.87
CA GLU D 149 -40.35 -4.73 -5.01
C GLU D 149 -40.92 -3.39 -4.58
N ARG D 150 -41.62 -3.35 -3.45
CA ARG D 150 -42.14 -2.10 -2.93
C ARG D 150 -41.03 -1.12 -2.60
N LEU D 151 -39.93 -1.61 -2.02
CA LEU D 151 -38.79 -0.76 -1.73
C LEU D 151 -38.04 -0.34 -2.97
N LEU D 152 -38.04 -1.17 -4.02
CA LEU D 152 -37.34 -0.79 -5.25
C LEU D 152 -38.11 0.23 -6.05
N GLU D 153 -39.44 0.15 -6.05
CA GLU D 153 -40.22 0.99 -6.95
C GLU D 153 -40.32 2.44 -6.51
N GLN D 154 -39.82 2.80 -5.33
CA GLN D 154 -39.86 4.17 -4.88
C GLN D 154 -38.67 5.01 -5.32
N GLU D 155 -37.57 4.38 -5.72
CA GLU D 155 -36.33 5.07 -6.01
C GLU D 155 -36.14 5.23 -7.52
N SER D 156 -35.21 6.12 -7.87
CA SER D 156 -34.86 6.39 -9.26
C SER D 156 -33.78 5.43 -9.72
N THR D 157 -33.65 5.32 -11.05
CA THR D 157 -32.69 4.43 -11.68
C THR D 157 -31.35 5.09 -11.96
N GLU D 158 -31.00 6.12 -11.19
CA GLU D 158 -29.73 6.83 -11.35
C GLU D 158 -28.95 6.74 -10.06
N TYR D 159 -27.69 6.30 -10.16
CA TYR D 159 -26.83 6.18 -8.99
C TYR D 159 -25.39 6.23 -9.45
N ASN D 160 -24.54 6.91 -8.67
CA ASN D 160 -23.11 7.01 -8.93
C ASN D 160 -22.40 6.13 -7.92
N PHE D 161 -21.87 5.01 -8.39
CA PHE D 161 -21.24 4.03 -7.50
C PHE D 161 -19.85 4.49 -7.13
N PRO D 162 -19.51 4.57 -5.85
CA PRO D 162 -18.17 5.04 -5.46
C PRO D 162 -17.11 3.99 -5.73
N ASP D 163 -15.88 4.46 -5.91
CA ASP D 163 -14.73 3.57 -5.90
C ASP D 163 -13.99 3.68 -4.58
N PHE D 164 -13.28 2.62 -4.24
CA PHE D 164 -12.55 2.55 -2.98
C PHE D 164 -11.40 1.57 -3.15
N ASP D 165 -10.76 1.20 -2.04
CA ASP D 165 -9.67 0.25 -2.08
C ASP D 165 -10.18 -1.12 -2.52
N GLU D 166 -9.38 -1.80 -3.34
CA GLU D 166 -9.77 -3.09 -3.88
C GLU D 166 -9.64 -4.22 -2.87
N ASN D 167 -9.14 -3.95 -1.67
CA ASN D 167 -9.00 -4.96 -0.63
C ASN D 167 -10.12 -4.89 0.40
N THR D 168 -11.19 -4.16 0.12
CA THR D 168 -12.34 -4.12 1.00
C THR D 168 -13.15 -5.40 0.86
N VAL D 169 -13.59 -5.94 1.99
CA VAL D 169 -14.31 -7.21 1.98
C VAL D 169 -15.67 -7.03 1.30
N ALA D 170 -16.02 -7.98 0.44
CA ALA D 170 -17.26 -7.93 -0.33
C ALA D 170 -18.27 -8.97 0.13
N THR D 171 -17.85 -10.23 0.29
CA THR D 171 -18.77 -11.31 0.62
C THR D 171 -18.24 -12.14 1.78
N THR D 172 -19.14 -12.81 2.47
CA THR D 172 -18.79 -13.70 3.55
C THR D 172 -19.87 -14.77 3.69
N PHE D 173 -19.44 -15.96 4.14
CA PHE D 173 -20.35 -17.06 4.42
C PHE D 173 -19.63 -18.04 5.34
N TYR D 174 -20.35 -19.08 5.75
CA TYR D 174 -19.86 -20.05 6.71
C TYR D 174 -19.84 -21.44 6.11
N THR D 175 -18.88 -22.25 6.57
CA THR D 175 -18.76 -23.60 6.07
C THR D 175 -19.89 -24.48 6.59
N THR D 176 -20.00 -25.68 6.00
CA THR D 176 -21.10 -26.58 6.35
C THR D 176 -21.00 -27.02 7.80
N GLY D 177 -19.79 -27.34 8.27
CA GLY D 177 -19.58 -27.69 9.65
C GLY D 177 -19.67 -29.17 9.95
N THR D 178 -19.19 -30.00 9.03
CA THR D 178 -19.17 -31.45 9.28
C THR D 178 -18.16 -31.80 10.37
N THR D 179 -17.14 -30.98 10.54
CA THR D 179 -16.10 -31.28 11.54
C THR D 179 -16.16 -30.35 12.74
N GLY D 180 -16.92 -29.28 12.69
CA GLY D 180 -17.01 -28.49 13.89
C GLY D 180 -18.16 -27.59 13.85
N PHE D 181 -17.92 -26.36 14.23
CA PHE D 181 -18.94 -25.39 14.15
C PHE D 181 -18.63 -24.78 12.83
N PRO D 182 -19.58 -24.11 12.23
CA PRO D 182 -19.21 -23.44 10.98
C PRO D 182 -18.07 -22.42 11.05
N LYS D 183 -17.31 -22.25 9.98
CA LYS D 183 -16.17 -21.34 9.99
C LYS D 183 -16.43 -20.23 8.98
N GLY D 184 -16.24 -18.98 9.41
CA GLY D 184 -16.51 -17.85 8.55
C GLY D 184 -15.35 -17.55 7.62
N VAL D 185 -15.66 -17.44 6.33
CA VAL D 185 -14.67 -17.14 5.30
C VAL D 185 -15.15 -15.92 4.52
N PHE D 186 -14.21 -15.06 4.15
CA PHE D 186 -14.54 -13.81 3.48
C PHE D 186 -13.59 -13.57 2.31
N PHE D 187 -14.05 -12.79 1.34
CA PHE D 187 -13.30 -12.46 0.15
C PHE D 187 -13.46 -10.99 -0.16
N THR D 188 -12.51 -10.43 -0.91
CA THR D 188 -12.52 -9.02 -1.26
C THR D 188 -12.94 -8.83 -2.72
N HIS D 189 -13.04 -7.57 -3.12
CA HIS D 189 -13.39 -7.25 -4.50
C HIS D 189 -12.33 -7.76 -5.46
N ARG D 190 -11.07 -7.53 -5.13
CA ARG D 190 -9.96 -7.98 -5.95
C ARG D 190 -10.02 -9.45 -6.15
N GLN D 191 -10.18 -10.21 -5.09
CA GLN D 191 -10.19 -11.67 -5.17
C GLN D 191 -11.31 -12.17 -6.07
N LEU D 192 -12.50 -11.60 -5.94
CA LEU D 192 -13.62 -12.04 -6.77
C LEU D 192 -13.40 -11.72 -8.24
N VAL D 193 -12.89 -10.53 -8.53
CA VAL D 193 -12.62 -10.17 -9.92
C VAL D 193 -11.56 -11.08 -10.52
N LEU D 194 -10.48 -11.34 -9.76
CA LEU D 194 -9.43 -12.21 -10.26
C LEU D 194 -9.93 -13.63 -10.45
N HIS D 195 -10.79 -14.12 -9.55
CA HIS D 195 -11.34 -15.45 -9.70
C HIS D 195 -12.19 -15.55 -10.96
N THR D 196 -13.03 -14.54 -11.20
CA THR D 196 -13.85 -14.54 -12.41
C THR D 196 -12.98 -14.59 -13.66
N MET D 197 -11.99 -13.69 -13.75
CA MET D 197 -11.13 -13.68 -14.93
C MET D 197 -10.29 -14.95 -15.10
N GLY D 198 -9.74 -15.50 -14.02
CA GLY D 198 -8.96 -16.70 -14.10
C GLY D 198 -9.77 -17.90 -14.55
N ILE D 199 -10.96 -18.07 -13.98
CA ILE D 199 -11.79 -19.20 -14.38
C ILE D 199 -12.27 -19.03 -15.82
N LEU D 200 -12.59 -17.79 -16.23
CA LEU D 200 -12.99 -17.57 -17.61
C LEU D 200 -11.85 -17.91 -18.56
N SER D 201 -10.62 -17.49 -18.23
CA SER D 201 -9.48 -17.85 -19.07
C SER D 201 -9.26 -19.35 -19.12
N THR D 202 -9.48 -20.04 -18.00
CA THR D 202 -9.23 -21.49 -17.97
C THR D 202 -10.26 -22.25 -18.77
N ILE D 203 -11.55 -21.97 -18.58
CA ILE D 203 -12.58 -22.82 -19.17
C ILE D 203 -13.04 -22.33 -20.53
N GLY D 204 -12.89 -21.04 -20.83
CA GLY D 204 -13.30 -20.54 -22.13
C GLY D 204 -12.34 -20.88 -23.26
N THR D 205 -11.09 -21.17 -22.95
CA THR D 205 -10.07 -21.41 -23.96
C THR D 205 -9.92 -22.89 -24.30
N ASN D 206 -10.78 -23.75 -23.77
CA ASN D 206 -10.73 -25.16 -24.14
C ASN D 206 -11.09 -25.32 -25.61
N ALA D 207 -10.49 -26.31 -26.25
CA ALA D 207 -10.61 -26.48 -27.69
C ALA D 207 -12.03 -26.83 -28.11
N SER D 208 -12.57 -27.95 -27.61
CA SER D 208 -13.87 -28.41 -28.08
C SER D 208 -14.74 -29.07 -27.01
N GLN D 209 -14.31 -29.13 -25.75
CA GLN D 209 -15.08 -29.82 -24.73
C GLN D 209 -15.16 -28.99 -23.47
N GLY D 210 -16.34 -28.94 -22.87
CA GLY D 210 -16.51 -28.34 -21.56
C GLY D 210 -16.12 -26.88 -21.48
N ARG D 211 -16.55 -26.07 -22.43
CA ARG D 211 -16.22 -24.66 -22.45
C ARG D 211 -17.47 -23.82 -22.29
N LEU D 212 -17.30 -22.67 -21.64
CA LEU D 212 -18.35 -21.68 -21.45
C LEU D 212 -18.04 -20.49 -22.34
N HIS D 213 -18.95 -20.17 -23.25
CA HIS D 213 -18.75 -19.08 -24.19
C HIS D 213 -19.96 -18.16 -24.19
N GLN D 214 -19.90 -17.13 -25.03
CA GLN D 214 -20.91 -16.08 -25.05
C GLN D 214 -22.24 -16.52 -25.65
N GLY D 215 -22.31 -17.71 -26.25
CA GLY D 215 -23.55 -18.21 -26.79
C GLY D 215 -24.32 -19.15 -25.90
N ASP D 216 -23.87 -19.34 -24.67
CA ASP D 216 -24.50 -20.31 -23.77
C ASP D 216 -25.69 -19.70 -23.04
N ILE D 217 -26.49 -20.57 -22.45
CA ILE D 217 -27.59 -20.20 -21.56
C ILE D 217 -27.34 -20.88 -20.23
N TYR D 218 -27.35 -20.11 -19.15
CA TYR D 218 -26.86 -20.56 -17.86
C TYR D 218 -28.00 -20.68 -16.87
N MET D 219 -28.07 -21.82 -16.20
CA MET D 219 -29.02 -22.04 -15.12
C MET D 219 -28.31 -22.71 -13.94
N PRO D 220 -28.33 -22.12 -12.75
CA PRO D 220 -27.68 -22.75 -11.61
C PRO D 220 -28.55 -23.82 -10.96
N ILE D 221 -27.92 -24.90 -10.54
CA ILE D 221 -28.59 -25.91 -9.73
C ILE D 221 -27.93 -26.13 -8.38
N THR D 222 -26.83 -25.44 -8.06
CA THR D 222 -26.29 -25.48 -6.71
C THR D 222 -27.01 -24.45 -5.83
N PRO D 223 -26.92 -24.62 -4.50
CA PRO D 223 -27.65 -23.74 -3.59
C PRO D 223 -27.55 -22.25 -3.86
N MET D 224 -26.40 -21.77 -4.33
CA MET D 224 -26.12 -20.37 -4.68
C MET D 224 -25.96 -19.49 -3.44
N PHE D 225 -26.24 -20.01 -2.24
CA PHE D 225 -25.94 -19.30 -1.01
C PHE D 225 -24.74 -19.87 -0.28
N HIS D 226 -24.09 -20.83 -0.92
CA HIS D 226 -22.96 -21.44 -0.32
C HIS D 226 -21.79 -20.82 -0.98
N VAL D 227 -21.04 -21.55 -1.76
CA VAL D 227 -19.81 -21.07 -2.37
C VAL D 227 -19.87 -20.09 -3.53
N HIS D 228 -20.66 -19.04 -3.45
CA HIS D 228 -20.88 -18.07 -4.54
C HIS D 228 -21.43 -18.74 -5.75
N ALA D 229 -22.12 -19.87 -5.61
CA ALA D 229 -22.57 -20.66 -6.73
C ALA D 229 -21.45 -20.88 -7.67
N TRP D 230 -20.31 -21.28 -7.14
CA TRP D 230 -19.11 -21.53 -7.91
C TRP D 230 -18.63 -20.34 -8.71
N GLY D 231 -19.03 -19.15 -8.33
CA GLY D 231 -18.68 -17.95 -9.06
C GLY D 231 -19.34 -17.84 -10.42
N LEU D 232 -20.20 -18.78 -10.78
CA LEU D 232 -20.82 -18.75 -12.11
C LEU D 232 -21.72 -17.54 -12.35
N PRO D 233 -22.57 -17.11 -11.42
CA PRO D 233 -23.40 -15.92 -11.71
C PRO D 233 -22.59 -14.67 -12.05
N TYR D 234 -21.42 -14.49 -11.44
CA TYR D 234 -20.56 -13.39 -11.86
C TYR D 234 -20.07 -13.61 -13.29
N MET D 235 -19.50 -14.78 -13.57
CA MET D 235 -18.92 -15.04 -14.88
C MET D 235 -19.96 -14.90 -15.97
N ALA D 236 -21.14 -15.48 -15.77
CA ALA D 236 -22.21 -15.34 -16.75
C ALA D 236 -22.53 -13.88 -17.01
N THR D 237 -22.60 -13.07 -15.95
CA THR D 237 -22.91 -11.66 -16.13
C THR D 237 -21.82 -10.95 -16.91
N MET D 238 -20.57 -11.42 -16.81
CA MET D 238 -19.51 -10.84 -17.62
C MET D 238 -19.67 -11.19 -19.08
N LEU D 239 -20.22 -12.36 -19.38
CA LEU D 239 -20.39 -12.77 -20.76
C LEU D 239 -21.69 -12.26 -21.36
N GLY D 240 -22.58 -11.70 -20.55
CA GLY D 240 -23.86 -11.22 -21.06
C GLY D 240 -24.74 -12.30 -21.62
N VAL D 241 -24.70 -13.49 -21.05
CA VAL D 241 -25.49 -14.60 -21.54
C VAL D 241 -26.85 -14.62 -20.85
N LYS D 242 -27.79 -15.34 -21.44
CA LYS D 242 -29.10 -15.52 -20.84
C LYS D 242 -28.99 -16.36 -19.58
N GLN D 243 -29.70 -15.93 -18.53
CA GLN D 243 -29.64 -16.58 -17.23
C GLN D 243 -31.05 -16.96 -16.80
N VAL D 244 -31.22 -18.22 -16.38
CA VAL D 244 -32.50 -18.75 -15.93
C VAL D 244 -32.33 -19.20 -14.49
N TYR D 245 -33.25 -18.78 -13.64
CA TYR D 245 -33.19 -19.10 -12.21
C TYR D 245 -34.40 -19.92 -11.81
N PRO D 246 -34.21 -21.16 -11.36
CA PRO D 246 -35.34 -22.06 -11.13
C PRO D 246 -36.11 -21.82 -9.83
N GLY D 247 -35.40 -21.51 -8.75
CA GLY D 247 -36.05 -21.38 -7.47
C GLY D 247 -35.91 -22.58 -6.56
N LYS D 248 -36.94 -23.41 -6.49
CA LYS D 248 -37.09 -24.45 -5.48
C LYS D 248 -36.36 -25.75 -5.79
N TYR D 249 -35.91 -25.97 -7.01
CA TYR D 249 -35.30 -27.26 -7.40
C TYR D 249 -36.24 -28.41 -7.38
N VAL D 250 -37.36 -28.27 -8.07
CA VAL D 250 -38.22 -29.41 -8.20
C VAL D 250 -37.75 -30.10 -9.53
N PRO D 251 -37.39 -31.41 -9.56
CA PRO D 251 -36.89 -32.03 -10.80
C PRO D 251 -37.78 -31.81 -12.02
N ASP D 252 -39.10 -31.80 -11.85
CA ASP D 252 -39.98 -31.58 -13.00
C ASP D 252 -39.86 -30.15 -13.52
N VAL D 253 -39.88 -29.16 -12.63
CA VAL D 253 -39.76 -27.78 -13.10
C VAL D 253 -38.38 -27.54 -13.69
N LEU D 254 -37.35 -28.22 -13.17
CA LEU D 254 -36.02 -28.11 -13.74
C LEU D 254 -35.97 -28.70 -15.14
N LEU D 255 -36.59 -29.87 -15.33
CA LEU D 255 -36.58 -30.50 -16.65
C LEU D 255 -37.51 -29.79 -17.62
N ASN D 256 -38.39 -28.92 -17.11
CA ASN D 256 -39.15 -28.05 -18.01
C ASN D 256 -38.35 -26.82 -18.38
N LEU D 257 -37.65 -26.22 -17.42
CA LEU D 257 -36.84 -25.04 -17.70
C LEU D 257 -35.73 -25.37 -18.69
N ILE D 258 -35.01 -26.47 -18.48
CA ILE D 258 -34.25 -27.05 -19.57
C ILE D 258 -35.33 -27.55 -20.53
N GLU D 259 -35.04 -27.54 -21.83
CA GLU D 259 -36.02 -27.72 -22.90
C GLU D 259 -36.72 -26.41 -23.25
N GLN D 260 -37.58 -25.86 -22.37
CA GLN D 260 -38.28 -24.64 -22.76
C GLN D 260 -37.32 -23.46 -22.96
N GLU D 261 -36.33 -23.30 -22.09
CA GLU D 261 -35.38 -22.21 -22.20
C GLU D 261 -34.09 -22.60 -22.92
N LYS D 262 -33.95 -23.88 -23.28
CA LYS D 262 -32.76 -24.39 -23.99
C LYS D 262 -31.48 -24.09 -23.21
N VAL D 263 -31.46 -24.51 -21.94
CA VAL D 263 -30.29 -24.32 -21.10
C VAL D 263 -29.14 -25.20 -21.60
N THR D 264 -27.95 -24.61 -21.72
CA THR D 264 -26.79 -25.34 -22.20
C THR D 264 -25.69 -25.50 -21.17
N PHE D 265 -25.65 -24.68 -20.12
CA PHE D 265 -24.61 -24.76 -19.11
C PHE D 265 -25.24 -24.68 -17.73
N SER D 266 -24.81 -25.58 -16.85
CA SER D 266 -25.33 -25.62 -15.48
C SER D 266 -24.28 -26.28 -14.60
N HIS D 267 -24.61 -26.38 -13.31
CA HIS D 267 -23.74 -27.04 -12.35
C HIS D 267 -24.58 -27.52 -11.18
N CYS D 268 -24.35 -28.76 -10.75
CA CYS D 268 -25.14 -29.34 -9.68
C CYS D 268 -24.26 -30.31 -8.89
N VAL D 269 -24.90 -31.18 -8.12
CA VAL D 269 -24.24 -32.17 -7.28
C VAL D 269 -24.74 -33.55 -7.72
N PRO D 270 -24.02 -34.63 -7.40
CA PRO D 270 -24.42 -35.95 -7.93
C PRO D 270 -25.83 -36.38 -7.59
N THR D 271 -26.34 -36.01 -6.41
CA THR D 271 -27.69 -36.43 -6.04
C THR D 271 -28.75 -35.81 -6.93
N ILE D 272 -28.63 -34.50 -7.20
CA ILE D 272 -29.60 -33.82 -8.05
C ILE D 272 -29.50 -34.35 -9.47
N LEU D 273 -28.28 -34.61 -9.94
CA LEU D 273 -28.11 -35.17 -11.29
C LEU D 273 -28.76 -36.55 -11.38
N HIS D 274 -28.59 -37.38 -10.36
CA HIS D 274 -29.23 -38.68 -10.35
C HIS D 274 -30.75 -38.55 -10.36
N LEU D 275 -31.29 -37.61 -9.59
CA LEU D 275 -32.73 -37.39 -9.57
C LEU D 275 -33.24 -36.94 -10.94
N LEU D 276 -32.48 -36.06 -11.61
CA LEU D 276 -32.87 -35.61 -12.94
C LEU D 276 -32.84 -36.75 -13.95
N LEU D 277 -31.79 -37.58 -13.89
CA LEU D 277 -31.66 -38.66 -14.86
C LEU D 277 -32.69 -39.76 -14.64
N SER D 278 -33.09 -39.98 -13.39
CA SER D 278 -34.04 -41.04 -13.08
C SER D 278 -35.50 -40.62 -13.22
N SER D 279 -35.77 -39.33 -13.42
CA SER D 279 -37.14 -38.88 -13.58
C SER D 279 -37.72 -39.40 -14.90
N PRO D 280 -38.96 -39.90 -14.90
CA PRO D 280 -39.53 -40.42 -16.14
C PRO D 280 -39.64 -39.40 -17.25
N LYS D 281 -39.91 -38.14 -16.92
CA LYS D 281 -40.04 -37.11 -17.93
C LYS D 281 -38.75 -36.89 -18.71
N SER D 282 -37.61 -37.30 -18.16
CA SER D 282 -36.34 -37.18 -18.86
C SER D 282 -36.11 -38.29 -19.88
N LYS D 283 -36.96 -39.31 -19.90
CA LYS D 283 -36.77 -40.41 -20.85
C LYS D 283 -37.05 -39.99 -22.28
N ALA D 284 -37.88 -38.97 -22.50
CA ALA D 284 -38.22 -38.48 -23.82
C ALA D 284 -37.74 -37.04 -24.00
N MET D 285 -36.52 -36.77 -23.55
CA MET D 285 -35.96 -35.44 -23.53
C MET D 285 -34.60 -35.46 -24.22
N ASP D 286 -34.29 -34.39 -24.94
CA ASP D 286 -33.01 -34.27 -25.64
C ASP D 286 -32.03 -33.51 -24.76
N PHE D 287 -30.86 -34.11 -24.54
CA PHE D 287 -29.87 -33.59 -23.61
C PHE D 287 -28.55 -33.25 -24.27
N SER D 288 -28.45 -33.31 -25.60
CA SER D 288 -27.16 -33.16 -26.25
C SER D 288 -26.82 -31.69 -26.52
N GLY D 289 -27.01 -30.85 -25.51
CA GLY D 289 -26.57 -29.48 -25.56
C GLY D 289 -26.17 -29.00 -24.18
N TRP D 290 -26.15 -29.92 -23.23
CA TRP D 290 -26.06 -29.61 -21.80
C TRP D 290 -24.66 -29.94 -21.29
N LYS D 291 -24.13 -29.07 -20.46
CA LYS D 291 -22.82 -29.26 -19.97
C LYS D 291 -23.00 -29.02 -18.53
N VAL D 292 -23.03 -30.09 -17.75
CA VAL D 292 -23.17 -29.98 -16.34
C VAL D 292 -21.83 -30.07 -15.70
N VAL D 293 -21.63 -29.30 -14.67
CA VAL D 293 -20.38 -29.34 -13.92
C VAL D 293 -20.71 -29.91 -12.54
N ILE D 294 -20.06 -30.99 -12.16
CA ILE D 294 -20.34 -31.67 -10.90
C ILE D 294 -19.23 -31.34 -9.92
N GLY D 295 -19.57 -30.65 -8.84
CA GLY D 295 -18.57 -30.18 -7.91
C GLY D 295 -18.88 -30.41 -6.45
N GLY D 296 -19.95 -31.16 -6.17
CA GLY D 296 -20.29 -31.43 -4.80
C GLY D 296 -19.27 -32.32 -4.12
N ALA D 297 -19.22 -33.59 -4.52
CA ALA D 297 -18.23 -34.52 -4.00
C ALA D 297 -18.28 -35.80 -4.82
N ALA D 298 -17.10 -36.30 -5.20
CA ALA D 298 -16.89 -37.70 -5.61
C ALA D 298 -17.94 -38.17 -6.62
N LEU D 299 -17.85 -37.60 -7.81
CA LEU D 299 -18.68 -38.04 -8.92
C LEU D 299 -18.42 -39.52 -9.22
N PRO D 300 -19.38 -40.40 -8.98
CA PRO D 300 -19.16 -41.83 -9.22
C PRO D 300 -19.12 -42.16 -10.71
N LYS D 301 -18.46 -43.27 -11.02
CA LYS D 301 -18.26 -43.66 -12.41
C LYS D 301 -19.56 -44.09 -13.08
N ALA D 302 -20.43 -44.78 -12.36
CA ALA D 302 -21.68 -45.24 -12.96
C ALA D 302 -22.57 -44.08 -13.37
N LEU D 303 -22.68 -43.06 -12.51
CA LEU D 303 -23.46 -41.87 -12.85
C LEU D 303 -22.87 -41.17 -14.06
N CYS D 304 -21.54 -41.03 -14.11
CA CYS D 304 -20.89 -40.40 -15.25
C CYS D 304 -21.17 -41.17 -16.53
N LYS D 305 -21.10 -42.51 -16.47
CA LYS D 305 -21.33 -43.32 -17.66
C LYS D 305 -22.76 -43.19 -18.14
N SER D 306 -23.73 -43.22 -17.23
CA SER D 306 -25.13 -43.09 -17.64
C SER D 306 -25.39 -41.70 -18.23
N ALA D 307 -24.83 -40.66 -17.62
CA ALA D 307 -24.98 -39.31 -18.16
C ALA D 307 -24.36 -39.19 -19.55
N LEU D 308 -23.18 -39.80 -19.74
CA LEU D 308 -22.55 -39.77 -21.06
C LEU D 308 -23.38 -40.52 -22.09
N GLU D 309 -23.97 -41.65 -21.69
CA GLU D 309 -24.85 -42.39 -22.60
C GLU D 309 -26.11 -41.59 -22.93
N ARG D 310 -26.51 -40.67 -22.07
CA ARG D 310 -27.57 -39.72 -22.41
C ARG D 310 -27.07 -38.53 -23.22
N ASP D 311 -25.82 -38.60 -23.71
CA ASP D 311 -25.23 -37.56 -24.56
C ASP D 311 -25.12 -36.22 -23.82
N ILE D 312 -24.63 -36.27 -22.59
CA ILE D 312 -24.43 -35.08 -21.77
C ILE D 312 -22.94 -34.88 -21.55
N ASP D 313 -22.49 -33.64 -21.66
CA ASP D 313 -21.09 -33.30 -21.41
C ASP D 313 -20.93 -33.06 -19.91
N VAL D 314 -20.42 -34.07 -19.21
CA VAL D 314 -20.28 -34.04 -17.75
C VAL D 314 -18.81 -34.07 -17.40
N PHE D 315 -18.39 -33.18 -16.51
CA PHE D 315 -17.02 -33.18 -16.02
C PHE D 315 -17.03 -32.70 -14.57
N ALA D 316 -16.07 -33.18 -13.79
CA ALA D 316 -16.04 -32.87 -12.37
C ALA D 316 -15.17 -31.65 -12.09
N GLY D 317 -15.55 -30.91 -11.05
CA GLY D 317 -14.76 -29.80 -10.57
C GLY D 317 -14.54 -29.92 -9.08
N TYR D 318 -13.43 -29.35 -8.62
CA TYR D 318 -13.05 -29.43 -7.22
C TYR D 318 -12.83 -28.03 -6.67
N GLY D 319 -13.54 -27.71 -5.60
CA GLY D 319 -13.38 -26.51 -4.82
C GLY D 319 -13.86 -26.79 -3.41
N MET D 320 -13.35 -26.07 -2.42
CA MET D 320 -13.59 -26.42 -1.02
C MET D 320 -13.99 -25.23 -0.16
N SER D 321 -14.81 -24.32 -0.69
CA SER D 321 -15.58 -23.32 0.04
C SER D 321 -14.74 -22.26 0.74
N GLU D 322 -13.42 -22.33 0.65
CA GLU D 322 -12.59 -21.23 1.13
C GLU D 322 -11.42 -20.98 0.19
N THR D 323 -11.56 -21.37 -1.06
CA THR D 323 -10.51 -21.26 -2.07
C THR D 323 -11.07 -20.68 -3.36
N GLY D 324 -12.10 -19.85 -3.27
CA GLY D 324 -12.60 -19.17 -4.44
C GLY D 324 -14.04 -19.42 -4.87
N PRO D 325 -14.51 -20.68 -4.89
CA PRO D 325 -13.91 -21.95 -4.47
C PRO D 325 -13.12 -22.72 -5.52
N ILE D 326 -13.24 -22.40 -6.81
CA ILE D 326 -12.76 -23.30 -7.85
C ILE D 326 -11.26 -23.44 -7.79
N LEU D 327 -10.77 -24.68 -7.70
CA LEU D 327 -9.35 -24.99 -7.78
C LEU D 327 -9.01 -25.93 -8.92
N SER D 328 -9.87 -26.89 -9.24
CA SER D 328 -9.59 -27.87 -10.27
C SER D 328 -10.80 -28.05 -11.17
N ILE D 329 -10.55 -28.21 -12.47
CA ILE D 329 -11.59 -28.48 -13.46
C ILE D 329 -11.10 -29.55 -14.40
N VAL D 330 -11.95 -30.52 -14.72
CA VAL D 330 -11.59 -31.57 -15.66
C VAL D 330 -11.66 -31.00 -17.07
N GLN D 331 -10.54 -31.07 -17.80
CA GLN D 331 -10.49 -30.66 -19.19
C GLN D 331 -9.87 -31.79 -20.00
N LEU D 332 -10.56 -32.20 -21.06
CA LEU D 332 -10.12 -33.33 -21.87
C LEU D 332 -9.53 -32.82 -23.19
N THR D 333 -8.32 -33.27 -23.49
CA THR D 333 -7.71 -32.94 -24.77
C THR D 333 -8.41 -33.69 -25.89
N PRO D 334 -8.19 -33.23 -27.17
CA PRO D 334 -8.94 -33.90 -28.23
C PRO D 334 -8.55 -35.28 -28.50
N GLU D 335 -7.40 -35.72 -28.07
CA GLU D 335 -7.01 -37.12 -28.15
C GLU D 335 -7.86 -38.01 -27.25
N GLN D 336 -8.16 -37.53 -26.04
CA GLN D 336 -9.02 -38.27 -25.12
C GLN D 336 -10.49 -38.18 -25.48
N LEU D 337 -10.89 -37.41 -26.50
CA LEU D 337 -12.28 -37.37 -26.91
C LEU D 337 -12.66 -38.54 -27.82
N GLU D 338 -11.69 -39.36 -28.22
CA GLU D 338 -11.97 -40.54 -29.03
C GLU D 338 -12.32 -41.73 -28.16
N LEU D 339 -11.74 -41.79 -26.97
CA LEU D 339 -11.86 -42.93 -26.06
C LEU D 339 -13.32 -43.33 -25.84
N ASP D 340 -13.57 -44.63 -25.66
CA ASP D 340 -14.91 -45.12 -25.44
C ASP D 340 -15.45 -44.63 -24.09
N VAL D 341 -16.71 -44.97 -23.83
CA VAL D 341 -17.43 -44.38 -22.70
C VAL D 341 -16.79 -44.76 -21.37
N ASP D 342 -16.21 -45.95 -21.28
CA ASP D 342 -15.59 -46.36 -20.01
C ASP D 342 -14.37 -45.52 -19.68
N GLN D 343 -13.44 -45.38 -20.63
CA GLN D 343 -12.24 -44.59 -20.38
C GLN D 343 -12.56 -43.11 -20.23
N GLN D 344 -13.52 -42.61 -21.00
CA GLN D 344 -13.96 -41.24 -20.85
C GLN D 344 -14.57 -41.00 -19.48
N ALA D 345 -15.35 -41.96 -18.98
CA ALA D 345 -15.91 -41.83 -17.63
C ALA D 345 -14.81 -41.86 -16.58
N GLU D 346 -13.79 -42.69 -16.78
CA GLU D 346 -12.66 -42.71 -15.87
C GLU D 346 -11.97 -41.36 -15.83
N TYR D 347 -11.77 -40.73 -16.98
CA TYR D 347 -11.09 -39.45 -17.01
C TYR D 347 -11.97 -38.32 -16.47
N ARG D 348 -13.27 -38.38 -16.72
CA ARG D 348 -14.17 -37.34 -16.26
C ARG D 348 -14.45 -37.41 -14.77
N SER D 349 -14.35 -38.60 -14.17
CA SER D 349 -14.66 -38.74 -12.75
C SER D 349 -13.59 -38.15 -11.84
N LYS D 350 -12.39 -37.89 -12.36
CA LYS D 350 -11.33 -37.35 -11.53
C LYS D 350 -11.64 -35.90 -11.14
N THR D 351 -10.88 -35.40 -10.16
CA THR D 351 -11.12 -34.04 -9.70
C THR D 351 -10.65 -33.01 -10.73
N GLY D 352 -9.60 -33.32 -11.46
CA GLY D 352 -9.18 -32.53 -12.61
C GLY D 352 -7.84 -31.87 -12.38
N LYS D 353 -7.40 -31.13 -13.38
CA LYS D 353 -6.16 -30.37 -13.33
C LYS D 353 -6.40 -28.99 -12.74
N LYS D 354 -5.34 -28.42 -12.16
CA LYS D 354 -5.47 -27.12 -11.53
C LYS D 354 -5.70 -26.03 -12.56
N VAL D 355 -6.45 -25.00 -12.14
CA VAL D 355 -6.80 -23.88 -13.00
C VAL D 355 -5.64 -22.89 -13.02
N ALA D 356 -5.73 -21.88 -13.88
CA ALA D 356 -4.67 -20.91 -14.04
C ALA D 356 -4.36 -20.20 -12.73
N LEU D 357 -3.08 -19.93 -12.50
CA LEU D 357 -2.57 -19.21 -11.33
C LEU D 357 -2.77 -20.00 -10.04
N VAL D 358 -2.56 -21.32 -10.09
CA VAL D 358 -2.69 -22.19 -8.92
C VAL D 358 -1.46 -23.08 -8.85
N GLU D 359 -0.89 -23.25 -7.66
CA GLU D 359 0.28 -24.10 -7.47
C GLU D 359 -0.10 -25.56 -7.22
N ALA D 360 -0.84 -25.83 -6.15
CA ALA D 360 -1.42 -27.15 -5.89
C ALA D 360 -0.35 -28.24 -5.80
N TYR D 361 0.48 -28.15 -4.77
CA TYR D 361 1.43 -29.21 -4.47
C TYR D 361 0.79 -30.28 -3.59
N ILE D 362 1.30 -31.50 -3.72
CA ILE D 362 0.95 -32.60 -2.83
C ILE D 362 2.09 -32.72 -1.82
N VAL D 363 1.74 -33.03 -0.58
CA VAL D 363 2.72 -32.95 0.50
C VAL D 363 2.38 -33.99 1.55
N ASP D 364 3.38 -34.44 2.29
CA ASP D 364 3.16 -35.31 3.43
C ASP D 364 3.03 -34.44 4.67
N GLU D 365 3.26 -35.01 5.84
CA GLU D 365 3.27 -34.20 7.06
C GLU D 365 4.68 -33.61 7.08
N ASP D 366 4.95 -32.62 7.92
CA ASP D 366 6.26 -31.94 7.94
C ASP D 366 6.57 -31.22 6.66
N MET D 367 5.68 -31.29 5.68
CA MET D 367 5.86 -30.60 4.40
C MET D 367 7.01 -30.92 3.44
N ASN D 368 7.14 -32.14 2.92
CA ASN D 368 8.27 -32.55 2.10
C ASN D 368 7.96 -32.65 0.61
N LYS D 369 6.74 -32.34 0.18
CA LYS D 369 6.40 -32.23 -1.24
C LYS D 369 6.65 -33.55 -1.99
N LEU D 370 5.81 -34.53 -1.66
CA LEU D 370 5.81 -35.85 -2.24
C LEU D 370 5.79 -35.84 -3.77
N PRO D 371 6.30 -36.88 -4.42
CA PRO D 371 6.34 -36.88 -5.89
C PRO D 371 4.98 -37.16 -6.50
N HIS D 372 4.84 -36.76 -7.77
CA HIS D 372 3.61 -36.95 -8.52
C HIS D 372 3.68 -38.23 -9.36
N ASP D 373 3.91 -39.34 -8.68
CA ASP D 373 4.05 -40.63 -9.35
C ASP D 373 2.72 -41.29 -9.68
N GLY D 374 1.62 -40.82 -9.10
CA GLY D 374 0.30 -41.35 -9.42
C GLY D 374 -0.30 -42.28 -8.39
N GLU D 375 0.44 -42.68 -7.35
CA GLU D 375 -0.13 -43.53 -6.32
C GLU D 375 0.22 -43.04 -4.92
N THR D 376 1.29 -42.26 -4.78
CA THR D 376 1.61 -41.68 -3.48
C THR D 376 0.61 -40.59 -3.14
N ALA D 377 0.06 -40.66 -1.93
CA ALA D 377 -0.99 -39.76 -1.49
C ALA D 377 -0.50 -38.84 -0.38
N GLY D 378 -1.02 -37.61 -0.38
CA GLY D 378 -0.70 -36.64 0.64
C GLY D 378 -1.71 -35.51 0.60
N GLU D 379 -1.62 -34.63 1.58
CA GLU D 379 -2.48 -33.46 1.65
C GLU D 379 -2.16 -32.48 0.52
N ILE D 380 -3.19 -31.79 0.04
CA ILE D 380 -3.05 -30.79 -0.99
C ILE D 380 -2.81 -29.44 -0.34
N VAL D 381 -1.76 -28.74 -0.76
CA VAL D 381 -1.45 -27.39 -0.31
C VAL D 381 -1.41 -26.49 -1.53
N VAL D 382 -2.10 -25.36 -1.47
CA VAL D 382 -2.34 -24.54 -2.66
C VAL D 382 -1.97 -23.10 -2.38
N ARG D 383 -1.68 -22.38 -3.47
CA ARG D 383 -1.52 -20.93 -3.46
C ARG D 383 -2.28 -20.38 -4.65
N ALA D 384 -3.07 -19.33 -4.43
CA ALA D 384 -3.93 -18.80 -5.47
C ALA D 384 -4.26 -17.35 -5.14
N PRO D 385 -4.62 -16.55 -6.13
CA PRO D 385 -4.98 -15.15 -5.85
C PRO D 385 -6.25 -14.99 -5.04
N TRP D 386 -7.07 -16.03 -4.91
CA TRP D 386 -8.41 -15.89 -4.33
C TRP D 386 -8.62 -16.80 -3.13
N LEU D 387 -7.64 -16.90 -2.24
CA LEU D 387 -7.75 -17.69 -1.03
C LEU D 387 -8.03 -16.78 0.16
N THR D 388 -8.87 -17.24 1.07
CA THR D 388 -9.13 -16.47 2.28
C THR D 388 -7.88 -16.40 3.13
N PRO D 389 -7.59 -15.26 3.75
CA PRO D 389 -6.35 -15.16 4.54
C PRO D 389 -6.44 -15.81 5.89
N ASN D 390 -7.63 -15.89 6.47
CA ASN D 390 -7.84 -16.52 7.78
C ASN D 390 -9.34 -16.75 7.93
N TYR D 391 -9.72 -17.25 9.10
CA TYR D 391 -11.12 -17.41 9.46
C TYR D 391 -11.61 -16.20 10.23
N TYR D 392 -12.88 -15.88 10.04
CA TYR D 392 -13.46 -14.71 10.68
C TYR D 392 -13.55 -14.93 12.19
N LYS D 393 -12.93 -14.03 12.95
CA LYS D 393 -12.96 -14.06 14.42
C LYS D 393 -12.43 -15.38 14.98
N ASP D 394 -11.45 -15.96 14.28
CA ASP D 394 -10.83 -17.21 14.71
C ASP D 394 -9.33 -17.11 14.47
N ASN D 395 -8.54 -17.58 15.42
CA ASN D 395 -7.12 -17.44 15.31
C ASN D 395 -6.40 -18.72 15.55
N LYS D 396 -7.01 -19.65 16.20
CA LYS D 396 -6.39 -20.90 16.35
C LYS D 396 -6.50 -21.74 15.11
N ASN D 397 -7.64 -21.74 14.46
CA ASN D 397 -7.85 -22.48 13.28
C ASN D 397 -7.23 -21.74 12.13
N SER D 398 -7.24 -20.43 12.13
CA SER D 398 -6.52 -19.66 11.12
C SER D 398 -5.03 -19.98 11.13
N LYS D 399 -4.46 -20.14 12.32
CA LYS D 399 -3.04 -20.47 12.42
C LYS D 399 -2.75 -21.84 11.83
N ALA D 400 -3.62 -22.82 12.09
CA ALA D 400 -3.44 -24.13 11.49
C ALA D 400 -3.76 -24.16 10.01
N LEU D 401 -4.52 -23.18 9.50
CA LEU D 401 -4.89 -23.18 8.09
C LEU D 401 -3.70 -22.89 7.19
N TRP D 402 -2.89 -21.89 7.53
CA TRP D 402 -1.80 -21.44 6.68
C TRP D 402 -0.44 -21.90 7.21
N ARG D 403 -0.36 -23.10 7.76
CA ARG D 403 0.91 -23.59 8.28
C ARG D 403 1.91 -23.81 7.15
N GLY D 404 3.12 -23.31 7.34
CA GLY D 404 4.18 -23.51 6.37
C GLY D 404 4.14 -22.61 5.15
N GLY D 405 3.27 -21.60 5.14
CA GLY D 405 3.18 -20.70 4.01
C GLY D 405 2.26 -21.15 2.90
N TYR D 406 1.56 -22.26 3.06
CA TYR D 406 0.60 -22.75 2.09
C TYR D 406 -0.73 -23.02 2.77
N LEU D 407 -1.81 -22.86 2.01
CA LEU D 407 -3.13 -23.16 2.53
C LEU D 407 -3.35 -24.67 2.57
N HIS D 408 -3.77 -25.17 3.71
CA HIS D 408 -3.98 -26.60 3.91
C HIS D 408 -5.45 -26.92 3.68
N THR D 409 -5.73 -27.65 2.60
CA THR D 409 -7.12 -28.00 2.30
C THR D 409 -7.65 -29.06 3.25
N GLY D 410 -6.82 -30.01 3.64
CA GLY D 410 -7.26 -31.11 4.45
C GLY D 410 -7.77 -32.31 3.68
N ASP D 411 -7.48 -32.39 2.38
CA ASP D 411 -7.88 -33.51 1.54
C ASP D 411 -6.64 -34.26 1.09
N VAL D 412 -6.71 -35.58 1.13
CA VAL D 412 -5.61 -36.43 0.68
C VAL D 412 -5.88 -36.85 -0.76
N ALA D 413 -4.86 -36.70 -1.61
CA ALA D 413 -5.02 -37.02 -3.02
C ALA D 413 -3.67 -37.48 -3.57
N HIS D 414 -3.72 -38.11 -4.74
CA HIS D 414 -2.53 -38.44 -5.49
C HIS D 414 -2.61 -37.81 -6.87
N ILE D 415 -1.51 -37.18 -7.28
CA ILE D 415 -1.40 -36.57 -8.60
C ILE D 415 -0.50 -37.46 -9.45
N ASP D 416 -0.74 -37.44 -10.75
CA ASP D 416 0.06 -38.25 -11.66
C ASP D 416 0.90 -37.39 -12.59
N ASP D 417 1.60 -38.01 -13.54
CA ASP D 417 2.46 -37.30 -14.46
C ASP D 417 1.70 -36.34 -15.38
N GLU D 418 0.49 -36.69 -15.79
CA GLU D 418 -0.30 -35.81 -16.65
C GLU D 418 -0.90 -34.63 -15.90
N GLY D 419 -0.90 -34.65 -14.57
CA GLY D 419 -1.42 -33.56 -13.78
C GLY D 419 -2.82 -33.76 -13.23
N PHE D 420 -3.43 -34.93 -13.42
CA PHE D 420 -4.76 -35.19 -12.90
C PHE D 420 -4.69 -35.47 -11.40
N ILE D 421 -5.66 -34.93 -10.66
CA ILE D 421 -5.72 -35.06 -9.21
C ILE D 421 -6.90 -35.96 -8.86
N LYS D 422 -6.68 -36.87 -7.90
CA LYS D 422 -7.72 -37.80 -7.46
C LYS D 422 -7.77 -37.80 -5.94
N ILE D 423 -8.82 -37.19 -5.38
CA ILE D 423 -8.97 -37.14 -3.93
C ILE D 423 -9.33 -38.53 -3.41
N THR D 424 -8.64 -38.96 -2.36
CA THR D 424 -8.89 -40.26 -1.75
C THR D 424 -9.76 -40.17 -0.50
N ASP D 425 -9.53 -39.18 0.36
CA ASP D 425 -10.29 -39.01 1.59
C ASP D 425 -9.97 -37.65 2.18
N ARG D 426 -10.50 -37.38 3.37
CA ARG D 426 -10.14 -36.22 4.17
C ARG D 426 -9.06 -36.60 5.17
N VAL D 427 -8.28 -35.61 5.59
CA VAL D 427 -7.19 -35.88 6.53
C VAL D 427 -7.74 -36.38 7.86
N LYS D 428 -8.81 -35.76 8.36
CA LYS D 428 -9.42 -36.19 9.61
C LYS D 428 -10.10 -37.55 9.52
N ASP D 429 -10.33 -38.06 8.31
CA ASP D 429 -10.98 -39.34 8.13
C ASP D 429 -10.03 -40.48 7.81
N MET D 430 -8.74 -40.19 7.61
CA MET D 430 -7.78 -41.26 7.37
C MET D 430 -7.61 -42.11 8.60
N ILE D 431 -7.33 -43.39 8.38
CA ILE D 431 -7.12 -44.36 9.46
C ILE D 431 -5.64 -44.70 9.50
N LYS D 432 -5.02 -44.46 10.66
CA LYS D 432 -3.60 -44.71 10.86
C LYS D 432 -3.44 -46.05 11.57
N ILE D 433 -3.02 -47.07 10.84
CA ILE D 433 -2.95 -48.40 11.40
C ILE D 433 -1.69 -48.54 12.24
N SER D 434 -0.52 -48.50 11.59
CA SER D 434 0.75 -48.45 12.31
C SER D 434 1.53 -47.19 11.97
N GLY D 435 1.81 -46.95 10.68
CA GLY D 435 2.43 -45.73 10.24
C GLY D 435 1.83 -45.25 8.93
N GLU D 436 0.93 -46.06 8.37
CA GLU D 436 0.31 -45.78 7.09
C GLU D 436 -1.06 -45.13 7.28
N TRP D 437 -1.50 -44.42 6.26
CA TRP D 437 -2.79 -43.76 6.25
C TRP D 437 -3.71 -44.54 5.31
N VAL D 438 -4.71 -45.20 5.89
CA VAL D 438 -5.68 -45.99 5.14
C VAL D 438 -6.93 -45.14 4.92
N SER D 439 -7.27 -44.93 3.65
CA SER D 439 -8.47 -44.18 3.32
C SER D 439 -9.70 -44.99 3.69
N SER D 440 -10.63 -44.36 4.41
CA SER D 440 -11.86 -45.05 4.78
C SER D 440 -12.81 -45.20 3.59
N LEU D 441 -12.70 -44.29 2.62
CA LEU D 441 -13.62 -44.31 1.48
C LEU D 441 -13.46 -45.58 0.65
N GLU D 442 -12.21 -46.03 0.43
CA GLU D 442 -11.99 -47.17 -0.44
C GLU D 442 -12.63 -48.44 0.14
N LEU D 443 -12.38 -48.73 1.40
CA LEU D 443 -12.94 -49.96 1.96
C LEU D 443 -14.41 -49.81 2.29
N GLU D 444 -14.90 -48.58 2.52
CA GLU D 444 -16.35 -48.44 2.64
C GLU D 444 -17.04 -48.69 1.31
N ASP D 445 -16.42 -48.31 0.19
CA ASP D 445 -16.95 -48.67 -1.12
C ASP D 445 -16.89 -50.19 -1.33
N ILE D 446 -15.78 -50.81 -0.92
CA ILE D 446 -15.65 -52.26 -1.02
C ILE D 446 -16.81 -52.95 -0.30
N LEU D 447 -17.09 -52.52 0.93
CA LEU D 447 -18.19 -53.12 1.69
C LEU D 447 -19.55 -52.76 1.07
N HIS D 448 -19.67 -51.57 0.49
CA HIS D 448 -20.93 -51.17 -0.14
C HIS D 448 -21.21 -51.94 -1.42
N GLN D 449 -20.20 -52.61 -1.99
CA GLN D 449 -20.46 -53.45 -3.15
C GLN D 449 -21.31 -54.68 -2.82
N HIS D 450 -21.52 -54.98 -1.54
CA HIS D 450 -22.38 -56.10 -1.15
C HIS D 450 -23.83 -55.81 -1.52
N GLN D 451 -24.57 -56.88 -1.84
CA GLN D 451 -25.94 -56.72 -2.30
C GLN D 451 -26.88 -56.31 -1.16
N SER D 452 -26.62 -56.78 0.05
CA SER D 452 -27.49 -56.53 1.19
C SER D 452 -27.10 -55.30 1.99
N VAL D 453 -26.08 -54.55 1.56
CA VAL D 453 -25.61 -53.39 2.28
C VAL D 453 -26.32 -52.15 1.74
N SER D 454 -26.94 -51.38 2.63
CA SER D 454 -27.55 -50.12 2.24
C SER D 454 -26.56 -48.96 2.34
N GLU D 455 -25.83 -48.87 3.45
CA GLU D 455 -24.82 -47.83 3.57
C GLU D 455 -23.78 -48.25 4.61
N VAL D 456 -22.58 -47.71 4.47
CA VAL D 456 -21.43 -48.07 5.30
C VAL D 456 -20.66 -46.81 5.66
N ALA D 457 -20.20 -46.73 6.91
CA ALA D 457 -19.31 -45.66 7.34
C ALA D 457 -18.18 -46.27 8.14
N VAL D 458 -16.94 -45.89 7.82
CA VAL D 458 -15.76 -46.42 8.49
C VAL D 458 -15.10 -45.29 9.26
N ILE D 459 -14.81 -45.53 10.54
CA ILE D 459 -14.25 -44.49 11.41
C ILE D 459 -12.89 -44.93 11.95
N GLY D 460 -12.77 -45.99 12.68
CA GLY D 460 -11.46 -46.24 13.25
C GLY D 460 -11.50 -46.30 14.75
N MET D 461 -11.10 -47.43 15.31
CA MET D 461 -11.16 -47.65 16.73
C MET D 461 -9.76 -47.94 17.31
N PRO D 462 -9.35 -47.22 18.37
CA PRO D 462 -8.00 -47.38 18.96
C PRO D 462 -7.57 -48.79 19.43
N HIS D 463 -6.32 -49.22 19.21
CA HIS D 463 -5.94 -50.57 19.61
C HIS D 463 -4.91 -50.59 20.73
N ASN D 464 -4.28 -49.45 21.03
CA ASN D 464 -3.21 -49.27 22.01
C ASN D 464 -1.99 -50.14 21.73
N LYS D 465 -1.92 -50.79 20.58
CA LYS D 465 -0.77 -51.60 20.20
C LYS D 465 -0.05 -51.05 18.98
N TRP D 466 -0.77 -50.80 17.89
CA TRP D 466 -0.19 -50.18 16.70
C TRP D 466 -0.87 -48.87 16.32
N GLY D 467 -2.12 -48.67 16.70
CA GLY D 467 -2.82 -47.44 16.39
C GLY D 467 -4.30 -47.65 16.21
N GLU D 468 -4.90 -46.98 15.24
CA GLU D 468 -6.32 -47.14 14.96
C GLU D 468 -6.57 -48.47 14.26
N VAL D 469 -7.78 -48.98 14.43
CA VAL D 469 -8.26 -50.18 13.73
C VAL D 469 -9.60 -49.82 13.12
N PRO D 470 -9.79 -50.04 11.81
CA PRO D 470 -11.03 -49.58 11.18
C PRO D 470 -12.26 -50.25 11.77
N LEU D 471 -13.31 -49.45 11.95
CA LEU D 471 -14.60 -49.94 12.41
C LEU D 471 -15.63 -49.57 11.36
N ALA D 472 -16.31 -50.56 10.81
CA ALA D 472 -17.25 -50.37 9.72
C ALA D 472 -18.66 -50.51 10.26
N LEU D 473 -19.33 -49.38 10.47
CA LEU D 473 -20.72 -49.36 10.86
C LEU D 473 -21.57 -49.46 9.61
N VAL D 474 -22.37 -50.52 9.52
CA VAL D 474 -23.09 -50.85 8.30
C VAL D 474 -24.58 -50.91 8.60
N THR D 475 -25.37 -50.21 7.80
CA THR D 475 -26.82 -50.31 7.82
C THR D 475 -27.27 -51.09 6.59
N LEU D 476 -28.06 -52.14 6.81
CA LEU D 476 -28.46 -53.07 5.77
C LEU D 476 -29.94 -52.92 5.45
N LYS D 477 -30.33 -53.52 4.33
CA LYS D 477 -31.74 -53.66 3.98
C LYS D 477 -32.26 -55.08 4.23
N GLU D 478 -31.39 -56.08 4.18
CA GLU D 478 -31.78 -57.48 4.36
C GLU D 478 -30.97 -58.16 5.46
N ASP D 479 -31.08 -59.48 5.57
CA ASP D 479 -30.41 -60.27 6.60
C ASP D 479 -29.14 -60.86 6.01
N ALA D 480 -27.97 -60.39 6.48
CA ALA D 480 -26.71 -60.72 5.83
C ALA D 480 -25.57 -61.15 6.77
N GLN D 481 -25.74 -61.03 8.09
CA GLN D 481 -24.80 -61.52 9.10
C GLN D 481 -23.52 -60.69 9.19
N VAL D 482 -22.99 -60.54 10.41
CA VAL D 482 -21.80 -59.75 10.66
C VAL D 482 -20.55 -60.44 10.12
N THR D 483 -20.45 -61.77 10.34
CA THR D 483 -19.28 -62.51 9.89
C THR D 483 -19.13 -62.48 8.38
N GLU D 484 -20.25 -62.45 7.65
CA GLU D 484 -20.18 -62.49 6.19
C GLU D 484 -19.58 -61.21 5.62
N LYS D 485 -19.80 -60.08 6.29
CA LYS D 485 -19.15 -58.83 5.86
C LYS D 485 -17.64 -58.97 5.94
N GLU D 486 -17.13 -59.50 7.06
CA GLU D 486 -15.69 -59.70 7.21
C GLU D 486 -15.17 -60.69 6.18
N LEU D 487 -15.92 -61.75 5.92
CA LEU D 487 -15.48 -62.75 4.94
C LEU D 487 -15.38 -62.13 3.54
N LEU D 488 -16.40 -61.35 3.15
CA LEU D 488 -16.35 -60.66 1.86
C LEU D 488 -15.22 -59.65 1.81
N GLY D 489 -14.97 -58.94 2.92
CA GLY D 489 -13.86 -57.99 2.94
C GLY D 489 -12.52 -58.66 2.80
N PHE D 490 -12.35 -59.84 3.41
CA PHE D 490 -11.13 -60.60 3.23
C PHE D 490 -11.00 -61.08 1.79
N ALA D 491 -12.14 -61.38 1.15
CA ALA D 491 -12.13 -61.81 -0.24
C ALA D 491 -11.68 -60.71 -1.20
N LYS D 492 -11.64 -59.45 -0.76
CA LYS D 492 -11.18 -58.34 -1.58
C LYS D 492 -10.08 -57.59 -0.83
N ASP D 493 -9.73 -56.41 -1.33
CA ASP D 493 -8.71 -55.56 -0.73
C ASP D 493 -7.36 -56.26 -0.63
N ARG D 502 -3.86 -55.52 2.32
CA ARG D 502 -4.00 -56.60 3.29
C ARG D 502 -4.43 -56.04 4.64
N GLU D 503 -5.60 -56.51 5.11
CA GLU D 503 -6.12 -56.13 6.42
C GLU D 503 -6.22 -57.30 7.37
N ALA D 504 -5.76 -58.49 6.97
CA ALA D 504 -5.61 -59.65 7.85
C ALA D 504 -6.91 -59.96 8.58
N LEU D 505 -7.02 -59.48 9.82
CA LEU D 505 -8.25 -59.59 10.59
C LEU D 505 -8.64 -58.27 11.23
N LEU D 506 -8.09 -57.15 10.76
CA LEU D 506 -8.31 -55.85 11.39
C LEU D 506 -9.61 -55.18 10.98
N LEU D 507 -10.31 -55.70 9.98
CA LEU D 507 -11.57 -55.09 9.53
C LEU D 507 -12.70 -55.60 10.41
N LYS D 508 -13.10 -54.79 11.39
CA LYS D 508 -14.17 -55.13 12.31
C LYS D 508 -15.43 -54.40 11.90
N VAL D 509 -16.52 -55.16 11.75
CA VAL D 509 -17.76 -54.65 11.20
C VAL D 509 -18.86 -54.76 12.25
N LYS D 510 -19.59 -53.67 12.45
CA LYS D 510 -20.71 -53.62 13.39
C LYS D 510 -21.96 -53.17 12.65
N ILE D 511 -23.07 -53.84 12.93
CA ILE D 511 -24.35 -53.56 12.30
C ILE D 511 -25.10 -52.54 13.15
N VAL D 512 -25.53 -51.45 12.52
CA VAL D 512 -26.24 -50.38 13.20
C VAL D 512 -27.58 -50.16 12.51
N ASP D 513 -28.54 -49.62 13.27
CA ASP D 513 -29.89 -49.43 12.74
C ASP D 513 -29.94 -48.22 11.79
N GLU D 514 -29.24 -47.16 12.15
CA GLU D 514 -29.17 -45.97 11.32
C GLU D 514 -27.81 -45.29 11.45
N ILE D 515 -27.39 -44.57 10.44
CA ILE D 515 -26.12 -43.85 10.46
C ILE D 515 -26.42 -42.35 10.50
N ALA D 516 -25.87 -41.68 11.52
CA ALA D 516 -26.18 -40.28 11.76
C ALA D 516 -25.63 -39.41 10.63
N LYS D 517 -26.45 -38.44 10.21
CA LYS D 517 -26.08 -37.48 9.19
C LYS D 517 -25.99 -36.09 9.80
N THR D 518 -25.49 -35.15 9.00
CA THR D 518 -25.42 -33.76 9.44
C THR D 518 -26.64 -32.99 8.93
N SER D 519 -26.69 -31.70 9.24
CA SER D 519 -27.84 -30.88 8.83
C SER D 519 -27.93 -30.80 7.31
N VAL D 520 -26.81 -30.65 6.63
CA VAL D 520 -26.81 -30.57 5.17
C VAL D 520 -27.18 -31.92 4.57
N GLY D 521 -26.58 -33.00 5.08
CA GLY D 521 -26.89 -34.33 4.56
C GLY D 521 -25.69 -35.25 4.47
N LYS D 522 -24.51 -34.74 4.78
CA LYS D 522 -23.30 -35.56 4.81
C LYS D 522 -23.29 -36.44 6.05
N VAL D 523 -22.45 -37.48 6.03
CA VAL D 523 -22.36 -38.40 7.14
C VAL D 523 -21.58 -37.75 8.28
N ASP D 524 -22.16 -37.79 9.48
CA ASP D 524 -21.57 -37.17 10.66
C ASP D 524 -20.64 -38.17 11.32
N LYS D 525 -19.35 -38.13 10.96
CA LYS D 525 -18.40 -39.08 11.52
C LYS D 525 -18.06 -38.75 12.97
N LYS D 526 -18.06 -37.46 13.33
CA LYS D 526 -17.79 -37.10 14.71
C LYS D 526 -18.90 -37.59 15.64
N GLU D 527 -20.16 -37.51 15.19
CA GLU D 527 -21.25 -38.06 15.99
C GLU D 527 -21.13 -39.56 16.13
N LEU D 528 -20.73 -40.25 15.05
CA LEU D 528 -20.53 -41.70 15.13
C LEU D 528 -19.42 -42.05 16.11
N ARG D 529 -18.35 -41.25 16.13
CA ARG D 529 -17.29 -41.47 17.10
C ARG D 529 -17.79 -41.23 18.53
N LYS D 530 -18.69 -40.26 18.70
CA LYS D 530 -19.27 -40.01 20.01
C LYS D 530 -20.12 -41.20 20.47
N LEU D 531 -20.98 -41.72 19.60
CA LEU D 531 -21.83 -42.84 19.97
C LEU D 531 -21.02 -44.14 20.04
N HIS D 532 -20.42 -44.53 18.92
CA HIS D 532 -19.62 -45.75 18.84
C HIS D 532 -18.16 -45.39 19.03
N LEU D 533 -17.48 -46.11 19.93
CA LEU D 533 -16.09 -45.80 20.21
C LEU D 533 -15.19 -46.18 19.03
MG MG E . 26.80 15.85 -2.51
PG ANP F . 27.24 18.18 -5.04
O1G ANP F . 26.28 17.78 -6.11
O2G ANP F . 27.65 16.91 -4.20
O3G ANP F . 28.52 18.80 -5.71
PB ANP F . 27.53 19.53 -2.68
O1B ANP F . 28.78 20.25 -3.11
O2B ANP F . 27.91 18.15 -2.09
N3B ANP F . 26.54 19.31 -4.01
PA ANP F . 25.61 19.80 -0.76
O1A ANP F . 24.84 20.89 -0.13
O2A ANP F . 24.80 18.93 -1.72
O3A ANP F . 26.82 20.40 -1.60
O5' ANP F . 26.29 18.94 0.37
C5' ANP F . 26.94 19.56 1.50
C4' ANP F . 28.32 18.98 1.65
O4' ANP F . 29.10 19.84 2.50
C3' ANP F . 28.38 17.60 2.29
O3' ANP F . 28.26 16.58 1.32
C2' ANP F . 29.76 17.60 2.96
O2' ANP F . 30.79 17.25 2.03
C1' ANP F . 29.90 19.06 3.38
N9 ANP F . 29.45 19.33 4.76
C8 ANP F . 28.18 19.62 5.16
N7 ANP F . 28.07 19.80 6.46
C5 ANP F . 29.36 19.62 6.93
C6 ANP F . 29.92 19.67 8.22
N6 ANP F . 29.22 19.95 9.32
N1 ANP F . 31.24 19.43 8.33
C2 ANP F . 31.95 19.15 7.25
N3 ANP F . 31.54 19.07 5.98
C4 ANP F . 30.22 19.32 5.89
MG MG G . 0.62 8.01 -30.18
PG ANP H . 3.62 8.68 -31.78
O1G ANP H . 4.56 9.06 -30.68
O2G ANP H . 2.15 9.03 -31.34
O3G ANP H . 3.99 9.50 -33.07
PB ANP H . 2.49 6.59 -33.13
O1B ANP H . 2.74 7.18 -34.48
O2B ANP H . 1.15 7.13 -32.57
N3B ANP H . 3.73 7.03 -32.10
PA ANP H . 1.91 4.15 -32.06
O1A ANP H . 2.31 2.74 -32.26
O2A ANP H . 2.46 4.78 -30.78
O3A ANP H . 2.42 5.04 -33.27
O5' ANP H . 0.33 4.22 -32.13
C5' ANP H . -0.41 3.52 -33.13
C4' ANP H . -1.35 4.48 -33.81
O4' ANP H . -1.81 3.91 -35.05
C3' ANP H . -2.61 4.81 -33.02
O3' ANP H . -2.39 5.93 -32.16
C2' ANP H . -3.62 5.14 -34.12
O2' ANP H . -3.49 6.49 -34.57
C1' ANP H . -3.19 4.17 -35.23
N9 ANP H . -3.91 2.90 -35.21
C8 ANP H . -3.59 1.78 -34.50
N7 ANP H . -4.42 0.78 -34.67
C5 ANP H . -5.35 1.28 -35.56
C6 ANP H . -6.50 0.71 -36.15
N6 ANP H . -6.91 -0.53 -35.92
N1 ANP H . -7.21 1.48 -37.00
C2 ANP H . -6.79 2.73 -37.24
N3 ANP H . -5.74 3.37 -36.74
C4 ANP H . -5.05 2.58 -35.90
MG MG I . -13.94 3.87 27.68
PG ANP J . -14.65 1.15 29.71
O1G ANP J . -14.70 -0.01 28.77
O2G ANP J . -15.03 2.46 28.92
O3G ANP J . -15.67 0.92 30.88
PB ANP J . -12.99 2.77 31.15
O1B ANP J . -13.81 2.70 32.39
O2B ANP J . -13.53 3.91 30.24
N3B ANP J . -13.08 1.32 30.34
PA ANP J . -10.45 3.47 30.46
O1A ANP J . -9.08 3.29 30.98
O2A ANP J . -10.75 2.63 29.22
O3A ANP J . -11.52 3.08 31.56
O5' ANP J . -10.68 5.00 30.18
C5' ANP J . -10.26 6.00 31.13
C4' ANP J . -11.43 6.92 31.41
O4' ANP J . -11.17 7.68 32.61
C3' ANP J . -11.71 7.96 30.33
O3' ANP J . -12.60 7.44 29.35
C2' ANP J . -12.34 9.10 31.12
O2' ANP J . -13.73 8.89 31.33
C1' ANP J . -11.59 9.01 32.46
N9 ANP J . -10.42 9.88 32.52
C8 ANP J . -9.15 9.58 32.11
N7 ANP J . -8.28 10.55 32.28
C5 ANP J . -9.04 11.56 32.86
C6 ANP J . -8.71 12.86 33.29
N6 ANP J . -7.49 13.38 33.22
N1 ANP J . -9.70 13.61 33.82
C2 ANP J . -10.93 13.09 33.90
N3 ANP J . -11.36 11.88 33.53
C4 ANP J . -10.36 11.16 33.01
MG MG K . -13.48 -27.72 5.01
PG ANP L . -16.22 -28.01 7.11
O1G ANP L . -16.14 -26.82 8.00
O2G ANP L . -14.77 -28.39 6.63
O3G ANP L . -16.85 -29.21 7.90
PB ANP L . -17.04 -28.90 4.65
O1B ANP L . -17.70 -30.12 5.19
O2B ANP L . -15.53 -29.20 4.41
N3B ANP L . -17.19 -27.66 5.76
PA ANP L . -17.08 -27.42 2.37
O1A ANP L . -18.07 -26.92 1.39
O2A ANP L . -16.50 -26.33 3.27
O3A ANP L . -17.72 -28.51 3.31
O5' ANP L . -15.95 -28.17 1.56
C5' ANP L . -16.26 -29.08 0.51
C4' ANP L . -15.53 -30.38 0.75
O4' ANP L . -16.12 -31.42 -0.06
C3' ANP L . -14.06 -30.38 0.39
O3' ANP L . -13.27 -29.95 1.50
C2' ANP L . -13.79 -31.84 0.05
O2' ANP L . -13.55 -32.62 1.20
C1' ANP L . -15.12 -32.25 -0.61
N9 ANP L . -15.12 -32.11 -2.06
C8 ANP L . -15.45 -30.98 -2.77
N7 ANP L . -15.38 -31.13 -4.08
C5 ANP L . -14.97 -32.45 -4.22
C6 ANP L . -14.71 -33.23 -5.36
N6 ANP L . -14.82 -32.79 -6.61
N1 ANP L . -14.32 -34.52 -5.17
C2 ANP L . -14.22 -34.97 -3.91
N3 ANP L . -14.44 -34.33 -2.77
C4 ANP L . -14.81 -33.06 -2.99
#